data_3PD6
#
_entry.id   3PD6
#
_cell.length_a   282.393
_cell.length_b   78.107
_cell.length_c   87.513
_cell.angle_alpha   90.00
_cell.angle_beta   90.00
_cell.angle_gamma   90.00
#
_symmetry.space_group_name_H-M   'P 21 21 2'
#
loop_
_entity.id
_entity.type
_entity.pdbx_description
1 polymer 'Aspartate aminotransferase, mitochondrial'
2 polymer 'Aspartate aminotransferase, mitochondrial'
3 non-polymer "4'-DEOXY-4'-AMINOPYRIDOXAL-5'-PHOSPHATE"
4 non-polymer GLYCEROL
5 non-polymer '(2S)-2-amino-4-(2-aminophenyl)-4-oxobutanoic acid'
6 water water
#
loop_
_entity_poly.entity_id
_entity_poly.type
_entity_poly.pdbx_seq_one_letter_code
_entity_poly.pdbx_strand_id
1 'polypeptide(L)'
;SSWWTHVEMGPPDPILGVTEAFKRDTNSKKMNLGVGAYRDDNGKPYVLPSVRKAEAQIAAKNLDKEYLPIGGLAEFCKAS
AELALGENNEVLKSGRFVTVQTISGTGALRVGASFLQRFFKFSRDVFLPKPSWGNHTPIFRDAGMQLQGYRYYDPKTCGF
DFSGALEDISKIPEQSVLLLHACAHNPTGVDPRPEQWKEIASVVKKKNLFAFFDMAYQGFASGDGDKDAWAVRHFIEQGI
NVCLCQSYAKNMGLYGERVGAFTVVCKDAEEAKRVESQLKILIRPLYSNPPLNGARIAATILTSPDLRKQWLQEVKGMAD
RIISMRTQLVSNLKKEGSSHNWQHITDQIGMFCFTGLKPEQVERLTKEFSVYMTKDGRISVAGVTSGNVGYLAHAIHQVT
K
;
A,C
2 'polypeptide(L)'
;SSWWTHVEMGPPDPILGVTEAFKRDTNSKKMNLGVGAYRDDNGKPYVLPSVRKAEAQIAAKNLDKEYLPIGGLAEFCKAS
AELALGENNEVLKSGRFVTVQTISGTGALRVGASFLQRFFKFSRDVFLPKPSWGNHTPIFRDAGMQLQGYRYYDPKTCGF
DFSGALEDISKIPEQSVLLLHACAHNPTGVDPRPEQWKEIASVVKKKNLFAFFDMAYQGFASGDGDKDAWAVRHFIEQGI
NVCLCQSYA(LLP)NMGLYGERVGAFTVVCKDAEEAKRVESQLKILIRPLYSNPPLNGARIAATILTSPDLRKQWLQEVK
GMADRIISMRTQLVSNLKKEGSSHNWQHITDQIGMFCFTGLKPEQVERLTKEFSVYMTKDGRISVAGVTSGNVGYLAHAI
HQVTK
;
B,D
#
loop_
_chem_comp.id
_chem_comp.type
_chem_comp.name
_chem_comp.formula
GOL non-polymer GLYCEROL 'C3 H8 O3'
PMP non-polymer 4'-DEOXY-4'-AMINOPYRIDOXAL-5'-PHOSPHATE 'C8 H13 N2 O5 P'
#
# COMPACT_ATOMS: atom_id res chain seq x y z
N SER A 1 2.63 -17.43 33.29
CA SER A 1 2.05 -16.06 33.15
C SER A 1 0.64 -16.11 32.53
N SER A 2 0.26 -15.02 31.87
CA SER A 2 -0.93 -15.00 31.04
C SER A 2 -0.64 -14.19 29.78
N TRP A 3 -1.36 -14.51 28.71
CA TRP A 3 -1.30 -13.75 27.44
C TRP A 3 -1.53 -12.24 27.61
N TRP A 4 -2.35 -11.88 28.59
CA TRP A 4 -2.89 -10.52 28.67
C TRP A 4 -2.52 -9.77 29.93
N THR A 5 -1.44 -10.22 30.57
CA THR A 5 -0.93 -9.60 31.80
C THR A 5 -0.60 -8.15 31.55
N HIS A 6 -0.07 -7.85 30.37
CA HIS A 6 0.40 -6.50 30.03
C HIS A 6 -0.73 -5.60 29.44
N VAL A 7 -1.98 -6.08 29.41
CA VAL A 7 -3.09 -5.30 28.86
C VAL A 7 -3.61 -4.39 29.96
N GLU A 8 -3.48 -3.10 29.76
CA GLU A 8 -3.93 -2.14 30.78
C GLU A 8 -5.44 -1.89 30.76
N MET A 9 -5.98 -1.50 31.90
CA MET A 9 -7.33 -0.99 31.99
C MET A 9 -7.38 0.32 31.21
N GLY A 10 -8.37 0.48 30.33
CA GLY A 10 -8.57 1.72 29.58
C GLY A 10 -9.18 2.86 30.42
N PRO A 11 -9.06 4.11 29.97
CA PRO A 11 -9.74 5.20 30.73
C PRO A 11 -11.26 5.01 30.85
N PRO A 12 -11.87 5.51 31.99
CA PRO A 12 -13.36 5.51 32.18
C PRO A 12 -14.08 6.29 31.07
N ASP A 13 -15.25 5.83 30.65
CA ASP A 13 -16.03 6.62 29.71
C ASP A 13 -16.58 7.86 30.45
N PRO A 14 -16.19 9.09 30.04
CA PRO A 14 -16.61 10.25 30.82
C PRO A 14 -18.12 10.55 30.74
N ILE A 15 -18.74 10.35 29.57
CA ILE A 15 -20.19 10.53 29.46
C ILE A 15 -20.94 9.45 30.23
N LEU A 16 -20.48 8.21 30.13
CA LEU A 16 -21.11 7.12 30.85
C LEU A 16 -21.09 7.44 32.33
N GLY A 17 -20.00 8.08 32.76
CA GLY A 17 -19.80 8.42 34.18
C GLY A 17 -20.84 9.42 34.67
N VAL A 18 -21.13 10.41 33.81
CA VAL A 18 -22.07 11.45 34.11
C VAL A 18 -23.49 10.89 34.26
N THR A 19 -23.89 10.06 33.30
CA THR A 19 -25.18 9.34 33.24
C THR A 19 -25.43 8.37 34.39
N GLU A 20 -24.40 7.61 34.73
CA GLU A 20 -24.41 6.81 35.92
C GLU A 20 -24.45 7.67 37.19
N ALA A 21 -23.58 8.68 37.35
CA ALA A 21 -23.71 9.58 38.52
C ALA A 21 -25.14 10.15 38.60
N PHE A 22 -25.68 10.58 37.45
CA PHE A 22 -27.07 10.97 37.37
C PHE A 22 -28.04 9.91 37.91
N LYS A 23 -27.84 8.64 37.56
CA LYS A 23 -28.78 7.57 37.97
C LYS A 23 -28.84 7.36 39.46
N ARG A 24 -27.67 7.43 40.10
CA ARG A 24 -27.57 7.29 41.55
C ARG A 24 -28.11 8.47 42.39
N ASP A 25 -28.35 9.64 41.78
CA ASP A 25 -28.71 10.84 42.57
C ASP A 25 -30.17 10.73 42.90
N THR A 26 -30.50 10.99 44.16
CA THR A 26 -31.85 10.82 44.66
C THR A 26 -32.59 12.16 44.77
N ASN A 27 -31.99 13.23 44.22
CA ASN A 27 -32.62 14.54 44.09
C ASN A 27 -33.77 14.46 43.07
N SER A 28 -34.97 14.77 43.50
CA SER A 28 -36.13 14.72 42.65
C SER A 28 -36.03 15.79 41.54
N LYS A 29 -35.15 16.77 41.74
CA LYS A 29 -34.94 17.84 40.76
C LYS A 29 -33.84 17.52 39.74
N LYS A 30 -33.23 16.35 39.82
CA LYS A 30 -32.06 16.09 39.00
C LYS A 30 -32.38 16.21 37.50
N MET A 31 -31.34 16.52 36.69
CA MET A 31 -31.44 16.63 35.22
C MET A 31 -30.24 15.96 34.58
N ASN A 32 -30.52 15.15 33.56
CA ASN A 32 -29.47 14.53 32.77
C ASN A 32 -29.27 15.28 31.47
N LEU A 33 -28.32 16.21 31.46
CA LEU A 33 -28.01 16.95 30.24
C LEU A 33 -26.73 16.38 29.61
N GLY A 34 -26.43 15.11 29.92
CA GLY A 34 -25.41 14.36 29.21
C GLY A 34 -26.01 13.27 28.31
N VAL A 35 -27.34 13.18 28.18
CA VAL A 35 -27.93 12.11 27.38
C VAL A 35 -27.64 12.30 25.86
N GLY A 36 -27.28 11.20 25.19
CA GLY A 36 -26.78 11.25 23.82
C GLY A 36 -27.86 10.91 22.81
N ALA A 37 -29.11 11.16 23.15
CA ALA A 37 -30.24 10.77 22.32
C ALA A 37 -31.39 11.68 22.62
N TYR A 38 -32.33 11.76 21.68
CA TYR A 38 -33.47 12.61 21.80
C TYR A 38 -34.31 12.08 22.95
N ARG A 39 -35.01 12.98 23.65
CA ARG A 39 -36.00 12.61 24.67
C ARG A 39 -37.22 13.49 24.45
N ASP A 40 -38.37 12.98 24.82
CA ASP A 40 -39.58 13.78 24.69
C ASP A 40 -39.70 14.80 25.86
N ASP A 41 -40.80 15.57 25.87
CA ASP A 41 -41.06 16.54 26.97
C ASP A 41 -41.26 15.92 28.36
N ASN A 42 -41.39 14.60 28.46
CA ASN A 42 -41.34 13.95 29.77
C ASN A 42 -40.04 13.19 30.01
N GLY A 43 -39.00 13.48 29.23
CA GLY A 43 -37.75 12.72 29.36
C GLY A 43 -37.72 11.26 28.97
N LYS A 44 -38.63 10.82 28.11
CA LYS A 44 -38.67 9.42 27.63
C LYS A 44 -38.02 9.20 26.24
N PRO A 45 -37.42 8.02 26.04
CA PRO A 45 -37.23 7.59 24.67
C PRO A 45 -38.45 7.85 23.78
N TYR A 46 -38.20 8.17 22.52
CA TYR A 46 -39.26 8.36 21.59
C TYR A 46 -39.10 7.51 20.33
N VAL A 47 -39.97 6.53 20.21
CA VAL A 47 -40.08 5.81 18.94
C VAL A 47 -41.09 6.51 18.00
N LEU A 48 -40.62 6.97 16.86
CA LEU A 48 -41.44 7.69 15.94
C LEU A 48 -42.62 6.85 15.53
N PRO A 49 -43.84 7.41 15.66
CA PRO A 49 -45.02 6.66 15.15
C PRO A 49 -44.88 6.17 13.69
N SER A 50 -44.16 6.88 12.84
CA SER A 50 -44.05 6.39 11.46
C SER A 50 -43.13 5.17 11.40
N VAL A 51 -42.18 5.10 12.33
CA VAL A 51 -41.32 3.95 12.45
C VAL A 51 -42.16 2.73 12.91
N ARG A 52 -43.01 2.92 13.91
CA ARG A 52 -43.90 1.81 14.39
C ARG A 52 -44.79 1.34 13.26
N LYS A 53 -45.28 2.29 12.46
CA LYS A 53 -46.12 1.93 11.33
C LYS A 53 -45.37 1.13 10.31
N ALA A 54 -44.20 1.64 9.91
CA ALA A 54 -43.29 0.94 9.01
C ALA A 54 -42.96 -0.46 9.48
N GLU A 55 -42.57 -0.62 10.74
CA GLU A 55 -42.28 -1.97 11.30
C GLU A 55 -43.44 -2.93 11.18
N ALA A 56 -44.64 -2.45 11.49
CA ALA A 56 -45.88 -3.25 11.45
C ALA A 56 -46.14 -3.74 10.05
N GLN A 57 -46.00 -2.82 9.12
CA GLN A 57 -46.16 -3.15 7.73
C GLN A 57 -45.04 -4.04 7.14
N ILE A 58 -43.80 -3.97 7.67
CA ILE A 58 -42.80 -5.02 7.38
C ILE A 58 -43.18 -6.41 7.98
N ALA A 59 -43.59 -6.44 9.24
CA ALA A 59 -43.98 -7.70 9.91
C ALA A 59 -45.10 -8.42 9.16
N ALA A 60 -46.09 -7.66 8.66
CA ALA A 60 -47.22 -8.22 7.87
C ALA A 60 -46.78 -8.99 6.62
N LYS A 61 -45.60 -8.63 6.05
CA LYS A 61 -45.14 -9.16 4.77
C LYS A 61 -44.39 -10.49 4.85
N ASN A 62 -44.20 -10.97 6.09
CA ASN A 62 -43.52 -12.23 6.34
C ASN A 62 -42.18 -12.40 5.59
N LEU A 63 -41.25 -11.43 5.73
CA LEU A 63 -39.97 -11.47 4.97
C LEU A 63 -38.93 -12.46 5.53
N ASP A 64 -38.05 -12.93 4.63
CA ASP A 64 -36.93 -13.75 5.05
C ASP A 64 -35.92 -12.88 5.81
N LYS A 65 -34.85 -13.51 6.30
CA LYS A 65 -33.79 -12.80 7.00
C LYS A 65 -32.46 -13.05 6.28
N GLU A 66 -32.51 -13.20 4.95
CA GLU A 66 -31.30 -13.56 4.23
C GLU A 66 -30.25 -12.41 4.26
N TYR A 67 -28.99 -12.73 3.96
CA TYR A 67 -27.91 -11.75 3.85
C TYR A 67 -28.25 -10.70 2.85
N LEU A 68 -27.93 -9.43 3.17
CA LEU A 68 -27.96 -8.35 2.17
C LEU A 68 -26.69 -8.42 1.36
N PRO A 69 -26.69 -7.87 0.14
CA PRO A 69 -25.41 -7.69 -0.61
C PRO A 69 -24.38 -6.92 0.26
N ILE A 70 -23.10 -6.92 -0.14
CA ILE A 70 -22.07 -6.28 0.70
C ILE A 70 -22.42 -4.81 0.94
N GLY A 71 -22.90 -4.16 -0.12
CA GLY A 71 -23.31 -2.77 -0.06
C GLY A 71 -24.68 -2.54 0.55
N GLY A 72 -25.29 -3.56 1.17
CA GLY A 72 -26.63 -3.37 1.75
C GLY A 72 -27.84 -3.29 0.83
N LEU A 73 -28.95 -2.80 1.36
CA LEU A 73 -30.25 -2.85 0.67
C LEU A 73 -30.29 -1.83 -0.45
N ALA A 74 -30.42 -2.31 -1.67
CA ALA A 74 -30.29 -1.44 -2.84
C ALA A 74 -31.27 -0.27 -2.80
N GLU A 75 -32.51 -0.51 -2.38
CA GLU A 75 -33.48 0.57 -2.31
C GLU A 75 -33.26 1.54 -1.15
N PHE A 76 -32.67 1.07 -0.04
CA PHE A 76 -32.24 1.97 1.03
C PHE A 76 -31.17 2.86 0.47
N CYS A 77 -30.19 2.29 -0.22
CA CYS A 77 -29.07 3.08 -0.72
C CYS A 77 -29.53 4.22 -1.64
N LYS A 78 -30.41 3.89 -2.58
CA LYS A 78 -30.91 4.88 -3.49
C LYS A 78 -31.74 5.95 -2.75
N ALA A 79 -32.62 5.56 -1.82
CA ALA A 79 -33.51 6.52 -1.17
C ALA A 79 -32.69 7.46 -0.29
N SER A 80 -31.63 6.88 0.24
CA SER A 80 -30.76 7.54 1.16
C SER A 80 -29.97 8.64 0.40
N ALA A 81 -29.41 8.31 -0.77
CA ALA A 81 -28.77 9.33 -1.65
C ALA A 81 -29.75 10.41 -2.09
N GLU A 82 -31.01 10.02 -2.35
CA GLU A 82 -32.05 10.99 -2.74
C GLU A 82 -32.34 11.94 -1.62
N LEU A 83 -32.44 11.43 -0.41
CA LEU A 83 -32.68 12.28 0.73
C LEU A 83 -31.55 13.32 0.89
N ALA A 84 -30.31 12.85 0.76
CA ALA A 84 -29.16 13.71 0.99
C ALA A 84 -29.03 14.80 -0.08
N LEU A 85 -29.25 14.41 -1.33
CA LEU A 85 -28.94 15.27 -2.45
C LEU A 85 -30.13 16.00 -3.06
N GLY A 86 -31.34 15.52 -2.77
CA GLY A 86 -32.52 16.06 -3.43
C GLY A 86 -32.82 15.23 -4.66
N GLU A 87 -34.09 14.92 -4.87
CA GLU A 87 -34.50 13.95 -5.88
C GLU A 87 -34.08 14.30 -7.34
N ASN A 88 -33.95 15.58 -7.66
CA ASN A 88 -33.58 15.96 -9.01
C ASN A 88 -32.17 16.53 -9.16
N ASN A 89 -31.29 16.13 -8.28
CA ASN A 89 -29.91 16.51 -8.40
C ASN A 89 -29.27 15.91 -9.64
N GLU A 90 -28.47 16.69 -10.35
CA GLU A 90 -27.72 16.16 -11.52
C GLU A 90 -26.86 14.92 -11.21
N VAL A 91 -26.37 14.84 -9.97
CA VAL A 91 -25.60 13.69 -9.53
C VAL A 91 -26.38 12.40 -9.61
N LEU A 92 -27.61 12.36 -9.06
CA LEU A 92 -28.51 11.18 -9.27
C LEU A 92 -28.87 10.89 -10.77
N LYS A 93 -29.19 11.93 -11.52
CA LYS A 93 -29.62 11.78 -12.91
C LYS A 93 -28.46 11.22 -13.72
N SER A 94 -27.24 11.73 -13.52
CA SER A 94 -26.11 11.17 -14.23
C SER A 94 -25.65 9.87 -13.65
N GLY A 95 -26.04 9.57 -12.40
CA GLY A 95 -25.57 8.37 -11.68
C GLY A 95 -24.08 8.44 -11.38
N ARG A 96 -23.53 9.64 -11.20
CA ARG A 96 -22.09 9.77 -10.87
C ARG A 96 -21.79 9.72 -9.35
N PHE A 97 -22.14 8.60 -8.72
CA PHE A 97 -22.12 8.48 -7.27
C PHE A 97 -22.28 7.00 -6.90
N VAL A 98 -21.76 6.59 -5.76
CA VAL A 98 -22.05 5.26 -5.22
C VAL A 98 -22.43 5.53 -3.76
N THR A 99 -23.47 4.85 -3.29
CA THR A 99 -23.88 4.90 -1.90
C THR A 99 -23.90 3.47 -1.35
N VAL A 100 -23.24 3.22 -0.22
CA VAL A 100 -23.33 1.88 0.36
C VAL A 100 -23.91 2.04 1.73
N GLN A 101 -24.67 1.05 2.17
CA GLN A 101 -25.22 1.05 3.51
C GLN A 101 -24.13 0.75 4.54
N THR A 102 -24.18 1.41 5.69
CA THR A 102 -23.14 1.21 6.71
C THR A 102 -23.69 0.97 8.09
N ILE A 103 -22.83 0.55 9.03
CA ILE A 103 -23.27 0.42 10.43
C ILE A 103 -23.42 1.82 11.04
N SER A 104 -24.50 2.49 10.67
CA SER A 104 -24.83 3.84 11.14
C SER A 104 -23.81 4.89 10.69
N GLY A 105 -23.80 6.05 11.35
CA GLY A 105 -22.86 7.12 10.97
C GLY A 105 -21.41 6.71 11.26
N THR A 106 -21.20 6.02 12.38
CA THR A 106 -19.88 5.61 12.73
C THR A 106 -19.32 4.68 11.69
N GLY A 107 -20.09 3.63 11.37
CA GLY A 107 -19.81 2.74 10.26
C GLY A 107 -19.48 3.50 8.97
N ALA A 108 -20.29 4.49 8.58
CA ALA A 108 -19.95 5.24 7.37
C ALA A 108 -18.59 5.96 7.49
N LEU A 109 -18.27 6.54 8.64
CA LEU A 109 -16.99 7.22 8.82
C LEU A 109 -15.85 6.25 8.77
N ARG A 110 -16.01 5.13 9.47
CA ARG A 110 -14.97 4.11 9.42
C ARG A 110 -14.75 3.57 8.01
N VAL A 111 -15.81 3.37 7.22
CA VAL A 111 -15.60 2.84 5.87
C VAL A 111 -14.99 3.93 4.96
N GLY A 112 -15.35 5.19 5.19
CA GLY A 112 -14.74 6.29 4.45
C GLY A 112 -13.27 6.36 4.79
N ALA A 113 -12.96 6.36 6.08
CA ALA A 113 -11.59 6.48 6.51
C ALA A 113 -10.69 5.36 5.94
N SER A 114 -11.20 4.11 5.92
CA SER A 114 -10.48 3.00 5.29
C SER A 114 -10.28 3.20 3.77
N PHE A 115 -11.26 3.84 3.12
CA PHE A 115 -11.16 4.09 1.69
C PHE A 115 -10.08 5.15 1.37
N LEU A 116 -10.02 6.20 2.19
CA LEU A 116 -8.98 7.22 2.12
C LEU A 116 -7.59 6.61 2.36
N GLN A 117 -7.46 5.82 3.42
CA GLN A 117 -6.20 5.19 3.75
C GLN A 117 -5.64 4.50 2.55
N ARG A 118 -6.49 3.65 1.95
CA ARG A 118 -6.09 2.80 0.83
C ARG A 118 -5.95 3.52 -0.50
N PHE A 119 -6.85 4.45 -0.81
CA PHE A 119 -6.95 5.03 -2.17
C PHE A 119 -6.62 6.52 -2.24
N PHE A 120 -6.66 7.24 -1.11
CA PHE A 120 -6.42 8.69 -1.24
C PHE A 120 -4.93 8.93 -1.19
N LYS A 121 -4.25 8.70 -2.31
CA LYS A 121 -2.80 8.70 -2.32
C LYS A 121 -2.24 10.09 -2.06
N PHE A 122 -3.07 11.11 -2.27
CA PHE A 122 -2.66 12.51 -2.14
C PHE A 122 -2.33 13.02 -0.76
N SER A 123 -2.69 12.28 0.29
CA SER A 123 -2.55 12.82 1.62
C SER A 123 -2.78 11.76 2.68
N ARG A 124 -2.25 12.00 3.88
CA ARG A 124 -2.53 11.19 5.06
C ARG A 124 -3.20 12.03 6.12
N ASP A 125 -3.45 13.30 5.83
CA ASP A 125 -3.99 14.20 6.85
C ASP A 125 -5.47 14.53 6.66
N VAL A 126 -6.23 14.31 7.74
CA VAL A 126 -7.59 14.67 7.77
C VAL A 126 -7.76 15.82 8.72
N PHE A 127 -8.32 16.93 8.22
CA PHE A 127 -8.47 18.13 9.06
C PHE A 127 -9.84 18.16 9.74
N LEU A 128 -9.79 18.19 11.07
CA LEU A 128 -11.00 18.24 11.89
C LEU A 128 -11.15 19.64 12.48
N PRO A 129 -12.40 20.11 12.54
CA PRO A 129 -12.71 21.36 13.26
C PRO A 129 -12.25 21.29 14.71
N LYS A 130 -11.96 22.44 15.31
CA LYS A 130 -11.62 22.50 16.73
C LYS A 130 -12.77 23.12 17.49
N PRO A 131 -13.54 22.30 18.24
CA PRO A 131 -13.34 20.85 18.40
C PRO A 131 -14.27 20.06 17.48
N SER A 132 -14.13 18.74 17.51
CA SER A 132 -14.95 17.87 16.69
C SER A 132 -15.55 16.76 17.57
N TRP A 133 -16.50 15.99 17.04
CA TRP A 133 -16.87 14.72 17.68
C TRP A 133 -15.67 13.86 18.18
N GLY A 134 -15.69 13.50 19.47
CA GLY A 134 -14.55 12.80 20.08
C GLY A 134 -14.12 11.57 19.28
N ASN A 135 -15.06 10.74 18.84
CA ASN A 135 -14.75 9.50 18.12
C ASN A 135 -14.17 9.74 16.68
N HIS A 136 -14.27 10.94 16.13
CA HIS A 136 -13.65 11.16 14.81
C HIS A 136 -12.15 10.82 14.87
N THR A 137 -11.44 11.20 15.93
CA THR A 137 -9.99 10.92 16.04
C THR A 137 -9.62 9.44 16.01
N PRO A 138 -10.13 8.64 16.95
CA PRO A 138 -9.79 7.20 16.85
C PRO A 138 -10.29 6.50 15.56
N ILE A 139 -11.42 6.94 14.99
CA ILE A 139 -11.82 6.39 13.72
C ILE A 139 -10.73 6.54 12.66
N PHE A 140 -10.30 7.78 12.42
CA PHE A 140 -9.35 8.02 11.35
C PHE A 140 -8.01 7.46 11.77
N ARG A 141 -7.71 7.50 13.03
CA ARG A 141 -6.47 6.98 13.46
C ARG A 141 -6.44 5.45 13.31
N ASP A 142 -7.45 4.74 13.73
CA ASP A 142 -7.38 3.28 13.53
C ASP A 142 -7.50 2.89 12.05
N ALA A 143 -8.26 3.66 11.28
CA ALA A 143 -8.19 3.49 9.84
C ALA A 143 -6.77 3.65 9.25
N GLY A 144 -5.87 4.33 9.96
CA GLY A 144 -4.52 4.55 9.47
C GLY A 144 -4.25 5.91 8.84
N MET A 145 -4.99 6.93 9.26
CA MET A 145 -4.77 8.29 8.79
C MET A 145 -4.29 9.18 9.94
N GLN A 146 -3.88 10.42 9.65
CA GLN A 146 -3.39 11.36 10.66
C GLN A 146 -4.39 12.46 10.85
N LEU A 147 -4.50 12.99 12.05
CA LEU A 147 -5.44 14.07 12.35
C LEU A 147 -4.73 15.42 12.46
N GLN A 148 -5.41 16.47 11.95
CA GLN A 148 -4.99 17.85 12.09
C GLN A 148 -6.22 18.67 12.48
N GLY A 149 -6.02 19.93 12.71
CA GLY A 149 -7.08 20.79 13.11
C GLY A 149 -7.14 22.10 12.36
N TYR A 150 -8.33 22.68 12.45
CA TYR A 150 -8.59 24.03 11.96
C TYR A 150 -9.52 24.74 12.96
N ARG A 151 -9.30 26.03 13.16
CA ARG A 151 -10.13 26.81 14.06
C ARG A 151 -11.59 26.74 13.67
N TYR A 152 -12.46 26.64 14.68
CA TYR A 152 -13.87 26.48 14.41
C TYR A 152 -14.69 27.18 15.44
N TYR A 153 -14.71 26.61 16.66
CA TYR A 153 -15.36 27.23 17.79
C TYR A 153 -14.57 28.42 18.30
N ASP A 154 -15.24 29.54 18.55
CA ASP A 154 -14.67 30.80 19.14
C ASP A 154 -15.12 30.90 20.61
N PRO A 155 -14.22 30.61 21.57
CA PRO A 155 -14.71 30.52 23.00
C PRO A 155 -15.06 31.87 23.63
N LYS A 156 -14.77 32.95 22.91
CA LYS A 156 -15.15 34.31 23.34
C LYS A 156 -16.57 34.71 22.91
N THR A 157 -17.13 34.06 21.91
CA THR A 157 -18.49 34.39 21.52
C THR A 157 -19.34 33.16 21.70
N CYS A 158 -18.72 32.01 22.00
CA CYS A 158 -19.41 30.72 21.95
C CYS A 158 -20.09 30.55 20.60
N GLY A 159 -19.45 31.09 19.57
CA GLY A 159 -19.92 31.00 18.19
C GLY A 159 -18.85 30.52 17.24
N PHE A 160 -19.12 30.75 15.96
CA PHE A 160 -18.23 30.33 14.88
C PHE A 160 -17.13 31.35 14.67
N ASP A 161 -15.89 30.92 14.90
CA ASP A 161 -14.73 31.69 14.54
C ASP A 161 -14.53 31.64 13.04
N PHE A 162 -15.31 32.42 12.30
CA PHE A 162 -15.31 32.35 10.83
C PHE A 162 -13.95 32.81 10.23
N SER A 163 -13.36 33.88 10.79
CA SER A 163 -12.14 34.41 10.24
C SER A 163 -10.93 33.48 10.46
N GLY A 164 -10.81 32.91 11.67
CA GLY A 164 -9.81 31.89 11.93
C GLY A 164 -10.04 30.64 11.08
N ALA A 165 -11.31 30.22 10.94
CA ALA A 165 -11.59 29.00 10.22
C ALA A 165 -11.17 29.18 8.75
N LEU A 166 -11.59 30.31 8.15
CA LEU A 166 -11.29 30.62 6.76
C LEU A 166 -9.79 30.81 6.48
N GLU A 167 -9.10 31.41 7.41
CA GLU A 167 -7.67 31.59 7.29
C GLU A 167 -7.00 30.23 7.32
N ASP A 168 -7.37 29.42 8.29
CA ASP A 168 -6.82 28.09 8.46
C ASP A 168 -7.02 27.18 7.27
N ILE A 169 -8.24 27.16 6.77
CA ILE A 169 -8.58 26.34 5.63
C ILE A 169 -7.80 26.83 4.40
N SER A 170 -7.66 28.14 4.24
CA SER A 170 -6.85 28.63 3.09
C SER A 170 -5.37 28.30 3.21
N LYS A 171 -4.88 27.83 4.36
CA LYS A 171 -3.48 27.38 4.38
C LYS A 171 -3.31 25.90 4.60
N ILE A 172 -4.41 25.15 4.53
CA ILE A 172 -4.29 23.71 4.53
C ILE A 172 -3.49 23.39 3.24
N PRO A 173 -2.41 22.58 3.36
CA PRO A 173 -1.66 22.17 2.15
C PRO A 173 -2.64 21.60 1.13
N GLU A 174 -2.44 21.90 -0.15
CA GLU A 174 -3.35 21.43 -1.18
C GLU A 174 -3.51 19.89 -1.22
N GLN A 175 -4.75 19.46 -1.52
CA GLN A 175 -5.13 18.07 -1.68
C GLN A 175 -5.10 17.32 -0.36
N SER A 176 -5.22 18.03 0.77
CA SER A 176 -5.52 17.36 2.03
C SER A 176 -7.05 17.10 2.11
N VAL A 177 -7.42 16.29 3.10
CA VAL A 177 -8.79 16.03 3.45
C VAL A 177 -9.22 16.98 4.51
N LEU A 178 -10.41 17.52 4.30
CA LEU A 178 -11.01 18.46 5.21
C LEU A 178 -12.36 17.86 5.55
N LEU A 179 -12.53 17.50 6.82
CA LEU A 179 -13.78 17.02 7.38
C LEU A 179 -14.67 18.17 7.78
N LEU A 180 -15.93 18.12 7.37
CA LEU A 180 -16.86 19.21 7.63
C LEU A 180 -18.12 18.65 8.23
N HIS A 181 -18.61 19.23 9.32
CA HIS A 181 -19.93 18.79 9.79
C HIS A 181 -21.00 19.45 8.96
N ALA A 182 -21.85 18.65 8.34
CA ALA A 182 -22.90 19.20 7.46
C ALA A 182 -23.84 20.24 8.18
N CYS A 183 -24.20 19.94 9.44
CA CYS A 183 -25.04 20.84 10.24
C CYS A 183 -25.09 20.27 11.63
N ALA A 184 -25.58 21.05 12.59
CA ALA A 184 -25.58 20.65 13.98
C ALA A 184 -24.21 20.08 14.36
N HIS A 185 -23.20 20.95 14.39
CA HIS A 185 -21.90 20.59 14.93
C HIS A 185 -22.03 20.02 16.35
N ASN A 186 -21.33 18.91 16.48
CA ASN A 186 -21.18 18.16 17.71
C ASN A 186 -19.70 18.28 18.11
N PRO A 187 -19.42 18.79 19.33
CA PRO A 187 -20.29 19.00 20.50
C PRO A 187 -20.89 20.44 20.74
N THR A 188 -20.60 21.42 19.88
CA THR A 188 -20.86 22.85 20.13
C THR A 188 -22.23 23.39 19.63
N GLY A 189 -22.86 22.71 18.66
CA GLY A 189 -24.01 23.28 18.02
C GLY A 189 -23.74 24.54 17.19
N VAL A 190 -22.48 24.97 17.10
CA VAL A 190 -22.19 26.12 16.26
C VAL A 190 -22.06 25.72 14.77
N ASP A 191 -22.80 26.41 13.90
CA ASP A 191 -22.77 26.17 12.44
C ASP A 191 -22.42 27.42 11.60
N PRO A 192 -21.77 27.21 10.46
CA PRO A 192 -21.57 28.36 9.64
C PRO A 192 -22.91 28.72 8.93
N ARG A 193 -23.17 29.99 8.69
CA ARG A 193 -24.34 30.37 7.91
C ARG A 193 -24.09 30.16 6.42
N PRO A 194 -25.17 30.22 5.57
CA PRO A 194 -24.95 29.96 4.07
C PRO A 194 -23.87 30.81 3.36
N GLU A 195 -23.81 32.10 3.64
CA GLU A 195 -22.70 32.91 3.11
C GLU A 195 -21.33 32.42 3.58
N GLN A 196 -21.19 32.05 4.84
CA GLN A 196 -19.91 31.53 5.36
C GLN A 196 -19.47 30.25 4.59
N TRP A 197 -20.44 29.36 4.35
CA TRP A 197 -20.21 28.09 3.63
C TRP A 197 -19.79 28.36 2.19
N LYS A 198 -20.38 29.39 1.56
CA LYS A 198 -20.01 29.72 0.19
C LYS A 198 -18.56 30.09 0.16
N GLU A 199 -18.10 30.87 1.15
CA GLU A 199 -16.74 31.31 1.23
C GLU A 199 -15.76 30.13 1.43
N ILE A 200 -16.20 29.18 2.26
CA ILE A 200 -15.44 28.02 2.61
C ILE A 200 -15.38 27.16 1.39
N ALA A 201 -16.48 27.05 0.65
CA ALA A 201 -16.50 26.19 -0.57
C ALA A 201 -15.54 26.77 -1.62
N SER A 202 -15.51 28.09 -1.68
CA SER A 202 -14.67 28.78 -2.62
C SER A 202 -13.17 28.59 -2.30
N VAL A 203 -12.78 28.62 -1.03
CA VAL A 203 -11.41 28.25 -0.69
C VAL A 203 -11.11 26.74 -0.96
N VAL A 204 -12.03 25.85 -0.61
CA VAL A 204 -11.88 24.43 -0.84
C VAL A 204 -11.57 24.10 -2.31
N LYS A 205 -12.42 24.61 -3.19
CA LYS A 205 -12.26 24.55 -4.66
C LYS A 205 -10.99 25.23 -5.13
N LYS A 206 -10.70 26.39 -4.57
CA LYS A 206 -9.47 27.07 -4.97
C LYS A 206 -8.27 26.23 -4.60
N LYS A 207 -8.20 25.72 -3.36
CA LYS A 207 -7.02 25.04 -2.89
C LYS A 207 -7.03 23.55 -3.24
N ASN A 208 -8.04 23.10 -3.98
CA ASN A 208 -8.12 21.69 -4.37
C ASN A 208 -8.06 20.69 -3.18
N LEU A 209 -8.83 21.01 -2.15
CA LEU A 209 -8.95 20.19 -0.91
C LEU A 209 -10.06 19.18 -1.13
N PHE A 210 -9.99 18.05 -0.46
CA PHE A 210 -11.04 17.07 -0.62
C PHE A 210 -12.04 17.20 0.57
N ALA A 211 -13.33 17.37 0.28
CA ALA A 211 -14.33 17.64 1.30
C ALA A 211 -15.07 16.37 1.74
N PHE A 212 -14.94 16.04 3.01
CA PHE A 212 -15.49 14.84 3.60
C PHE A 212 -16.54 15.41 4.57
N PHE A 213 -17.82 15.27 4.20
CA PHE A 213 -18.93 15.72 5.02
C PHE A 213 -19.47 14.64 5.97
N ASP A 214 -19.69 15.03 7.22
CA ASP A 214 -20.32 14.13 8.20
C ASP A 214 -21.73 14.68 8.38
N MET A 215 -22.75 13.94 7.99
CA MET A 215 -24.12 14.44 8.16
C MET A 215 -24.96 13.46 9.01
N ALA A 216 -24.92 13.69 10.33
CA ALA A 216 -25.70 12.86 11.28
C ALA A 216 -27.04 13.47 11.63
N TYR A 217 -27.37 14.62 11.05
CA TYR A 217 -28.53 15.32 11.59
C TYR A 217 -29.43 16.00 10.56
N GLN A 218 -29.39 15.54 9.31
CA GLN A 218 -30.31 16.11 8.34
C GLN A 218 -31.77 16.07 8.86
N GLY A 219 -32.48 17.21 8.79
CA GLY A 219 -33.88 17.30 9.23
C GLY A 219 -33.96 17.53 10.74
N PHE A 220 -33.27 16.67 11.47
CA PHE A 220 -33.27 16.71 12.92
C PHE A 220 -32.75 18.06 13.44
N ALA A 221 -31.78 18.67 12.75
CA ALA A 221 -31.17 19.92 13.21
C ALA A 221 -32.11 21.11 13.23
N SER A 222 -32.84 21.34 12.12
CA SER A 222 -33.71 22.52 12.00
C SER A 222 -35.18 22.17 11.72
N GLY A 223 -35.46 20.92 11.41
CA GLY A 223 -36.81 20.51 11.03
C GLY A 223 -37.00 20.49 9.53
N ASP A 224 -36.06 21.13 8.82
CA ASP A 224 -36.04 21.24 7.35
C ASP A 224 -34.82 20.53 6.74
N GLY A 225 -35.00 19.30 6.30
CA GLY A 225 -33.94 18.56 5.67
C GLY A 225 -33.26 19.17 4.44
N ASP A 226 -33.98 19.98 3.66
CA ASP A 226 -33.37 20.67 2.53
C ASP A 226 -32.43 21.75 3.01
N LYS A 227 -32.84 22.52 4.01
CA LYS A 227 -31.94 23.51 4.60
C LYS A 227 -30.71 22.89 5.32
N ASP A 228 -30.87 21.71 5.91
CA ASP A 228 -29.77 21.05 6.62
C ASP A 228 -28.69 20.50 5.70
N ALA A 229 -29.12 20.01 4.53
CA ALA A 229 -28.27 19.50 3.48
C ALA A 229 -27.79 20.57 2.47
N TRP A 230 -28.15 21.83 2.67
CA TRP A 230 -27.86 22.85 1.69
C TRP A 230 -26.36 22.98 1.49
N ALA A 231 -25.57 22.96 2.57
CA ALA A 231 -24.14 23.08 2.38
C ALA A 231 -23.54 21.98 1.49
N VAL A 232 -23.92 20.74 1.72
CA VAL A 232 -23.41 19.59 0.99
C VAL A 232 -23.72 19.79 -0.48
N ARG A 233 -24.98 20.16 -0.76
CA ARG A 233 -25.47 20.35 -2.08
C ARG A 233 -24.73 21.48 -2.79
N HIS A 234 -24.53 22.57 -2.04
CA HIS A 234 -23.87 23.71 -2.55
C HIS A 234 -22.43 23.37 -2.94
N PHE A 235 -21.67 22.67 -2.07
CA PHE A 235 -20.33 22.19 -2.41
C PHE A 235 -20.38 21.36 -3.71
N ILE A 236 -21.38 20.48 -3.83
CA ILE A 236 -21.50 19.68 -5.05
C ILE A 236 -21.80 20.54 -6.30
N GLU A 237 -22.71 21.53 -6.19
CA GLU A 237 -23.04 22.45 -7.30
C GLU A 237 -21.80 23.27 -7.78
N GLN A 238 -20.86 23.51 -6.86
CA GLN A 238 -19.66 24.25 -7.18
C GLN A 238 -18.56 23.38 -7.76
N GLY A 239 -18.83 22.10 -8.06
CA GLY A 239 -17.75 21.33 -8.64
C GLY A 239 -16.94 20.51 -7.66
N ILE A 240 -17.36 20.48 -6.40
CA ILE A 240 -16.68 19.65 -5.38
C ILE A 240 -17.25 18.26 -5.26
N ASN A 241 -16.48 17.25 -5.59
CA ASN A 241 -16.96 15.88 -5.50
C ASN A 241 -16.72 15.38 -4.09
N VAL A 242 -17.72 15.61 -3.22
CA VAL A 242 -17.59 15.29 -1.79
C VAL A 242 -17.72 13.79 -1.60
N CYS A 243 -17.32 13.31 -0.43
CA CYS A 243 -17.88 12.04 0.09
C CYS A 243 -18.79 12.36 1.29
N LEU A 244 -19.71 11.48 1.66
CA LEU A 244 -20.74 11.91 2.64
C LEU A 244 -21.08 10.79 3.64
N CYS A 245 -21.16 11.10 4.93
CA CYS A 245 -21.63 10.11 5.91
C CYS A 245 -23.03 10.47 6.35
N GLN A 246 -23.95 9.51 6.34
CA GLN A 246 -25.29 9.76 6.85
C GLN A 246 -25.62 8.75 7.93
N SER A 247 -26.45 9.21 8.86
CA SER A 247 -26.92 8.43 9.97
C SER A 247 -28.44 8.68 10.11
N TYR A 248 -29.16 7.61 10.40
CA TYR A 248 -30.61 7.66 10.72
C TYR A 248 -30.88 7.48 12.23
N ALA A 249 -29.84 7.64 13.06
CA ALA A 249 -30.00 7.38 14.49
C ALA A 249 -30.91 8.43 15.08
N LYS A 250 -30.65 9.69 14.78
CA LYS A 250 -31.46 10.77 15.36
C LYS A 250 -32.68 11.10 14.50
N ASN A 251 -32.48 11.33 13.21
CA ASN A 251 -33.61 11.75 12.42
C ASN A 251 -34.73 10.71 12.38
N MET A 252 -34.39 9.42 12.42
CA MET A 252 -35.47 8.43 12.51
C MET A 252 -35.59 7.80 13.88
N GLY A 253 -34.70 8.19 14.79
CA GLY A 253 -34.68 7.56 16.10
C GLY A 253 -34.35 6.09 16.04
N LEU A 254 -33.51 5.71 15.09
CA LEU A 254 -33.16 4.28 14.92
C LEU A 254 -31.86 3.92 15.59
N TYR A 255 -31.32 4.82 16.42
CA TYR A 255 -30.15 4.55 17.31
C TYR A 255 -29.63 3.08 17.25
N GLY A 256 -30.22 2.20 18.05
CA GLY A 256 -29.75 0.82 18.15
C GLY A 256 -29.94 -0.08 16.93
N GLU A 257 -30.74 0.35 15.95
CA GLU A 257 -30.85 -0.45 14.69
C GLU A 257 -29.63 -0.31 13.76
N ARG A 258 -28.84 0.76 13.98
CA ARG A 258 -27.60 1.07 13.28
C ARG A 258 -27.82 1.23 11.80
N VAL A 259 -28.45 2.33 11.37
CA VAL A 259 -28.73 2.56 9.97
C VAL A 259 -27.99 3.82 9.50
N GLY A 260 -27.11 3.68 8.53
CA GLY A 260 -26.46 4.84 7.93
C GLY A 260 -25.98 4.53 6.53
N ALA A 261 -25.29 5.47 5.89
CA ALA A 261 -24.76 5.25 4.53
C ALA A 261 -23.51 6.07 4.26
N PHE A 262 -22.65 5.59 3.35
CA PHE A 262 -21.51 6.35 2.87
C PHE A 262 -21.65 6.53 1.33
N THR A 263 -21.50 7.76 0.88
CA THR A 263 -21.63 8.12 -0.52
C THR A 263 -20.35 8.77 -1.02
N VAL A 264 -19.85 8.33 -2.15
CA VAL A 264 -18.81 9.06 -2.86
C VAL A 264 -19.42 9.64 -4.13
N VAL A 265 -19.37 10.96 -4.24
CA VAL A 265 -19.72 11.64 -5.46
C VAL A 265 -18.53 11.54 -6.40
N CYS A 266 -18.73 10.99 -7.60
CA CYS A 266 -17.63 10.81 -8.56
C CYS A 266 -17.73 11.60 -9.82
N LYS A 267 -16.66 11.53 -10.61
CA LYS A 267 -16.61 12.16 -11.90
C LYS A 267 -17.74 11.72 -12.85
N ASP A 268 -17.95 10.41 -12.89
CA ASP A 268 -19.02 9.81 -13.70
C ASP A 268 -19.37 8.42 -13.15
N ALA A 269 -20.35 7.81 -13.83
CA ALA A 269 -20.87 6.50 -13.42
C ALA A 269 -19.80 5.46 -13.49
N GLU A 270 -18.92 5.52 -14.48
CA GLU A 270 -17.90 4.47 -14.60
C GLU A 270 -16.95 4.47 -13.41
N GLU A 271 -16.48 5.64 -12.99
CA GLU A 271 -15.66 5.82 -11.82
C GLU A 271 -16.38 5.34 -10.52
N ALA A 272 -17.68 5.66 -10.41
CA ALA A 272 -18.49 5.20 -9.27
C ALA A 272 -18.55 3.67 -9.22
N LYS A 273 -18.58 3.02 -10.40
CA LYS A 273 -18.51 1.54 -10.52
C LYS A 273 -17.21 0.98 -9.88
N ARG A 274 -16.08 1.64 -10.13
CA ARG A 274 -14.79 1.20 -9.63
C ARG A 274 -14.61 1.48 -8.14
N VAL A 275 -15.02 2.67 -7.71
CA VAL A 275 -15.11 3.03 -6.30
C VAL A 275 -15.99 1.99 -5.54
N GLU A 276 -17.19 1.71 -6.04
CA GLU A 276 -18.04 0.70 -5.43
C GLU A 276 -17.36 -0.67 -5.24
N SER A 277 -16.70 -1.19 -6.29
CA SER A 277 -16.05 -2.52 -6.12
C SER A 277 -15.01 -2.47 -5.01
N GLN A 278 -14.32 -1.33 -4.90
CA GLN A 278 -13.28 -1.20 -3.92
C GLN A 278 -13.84 -0.98 -2.53
N LEU A 279 -15.01 -0.36 -2.42
CA LEU A 279 -15.69 -0.19 -1.12
C LEU A 279 -16.15 -1.56 -0.65
N LYS A 280 -16.75 -2.32 -1.54
CA LYS A 280 -17.09 -3.72 -1.23
C LYS A 280 -15.91 -4.59 -0.73
N ILE A 281 -14.78 -4.46 -1.39
CA ILE A 281 -13.60 -5.22 -1.00
C ILE A 281 -13.11 -4.85 0.39
N LEU A 282 -13.44 -3.62 0.84
CA LEU A 282 -13.08 -3.13 2.16
C LEU A 282 -14.14 -3.45 3.18
N ILE A 283 -15.42 -3.39 2.78
CA ILE A 283 -16.50 -3.68 3.67
C ILE A 283 -16.46 -5.14 4.07
N ARG A 284 -16.28 -6.04 3.10
CA ARG A 284 -16.34 -7.48 3.39
C ARG A 284 -15.45 -8.01 4.59
N PRO A 285 -14.18 -7.56 4.68
CA PRO A 285 -13.43 -8.03 5.85
C PRO A 285 -13.61 -7.23 7.18
N LEU A 286 -14.53 -6.27 7.17
CA LEU A 286 -14.98 -5.58 8.38
C LEU A 286 -16.15 -6.35 9.01
N TYR A 287 -17.18 -6.66 8.23
CA TYR A 287 -18.38 -7.23 8.82
C TYR A 287 -19.26 -8.05 7.84
N SER A 288 -18.72 -8.37 6.66
CA SER A 288 -19.40 -8.97 5.45
C SER A 288 -20.60 -8.24 4.83
N ASN A 289 -21.60 -7.93 5.63
CA ASN A 289 -22.74 -7.28 5.08
C ASN A 289 -23.53 -6.66 6.18
N PRO A 290 -24.33 -5.64 5.85
CA PRO A 290 -24.88 -4.83 6.91
C PRO A 290 -26.19 -5.38 7.46
N PRO A 291 -26.62 -4.92 8.65
CA PRO A 291 -27.88 -5.36 9.21
C PRO A 291 -29.07 -4.87 8.39
N LEU A 292 -30.06 -5.75 8.33
CA LEU A 292 -31.24 -5.69 7.55
C LEU A 292 -32.38 -4.84 8.17
N ASN A 293 -32.64 -5.03 9.46
CA ASN A 293 -33.89 -4.56 10.01
C ASN A 293 -34.07 -3.06 9.85
N GLY A 294 -33.10 -2.31 10.34
CA GLY A 294 -33.17 -0.87 10.32
C GLY A 294 -33.29 -0.27 8.94
N ALA A 295 -32.49 -0.81 8.00
CA ALA A 295 -32.58 -0.45 6.57
C ALA A 295 -33.92 -0.76 5.93
N ARG A 296 -34.63 -1.77 6.46
CA ARG A 296 -35.94 -2.08 5.88
C ARG A 296 -36.88 -0.97 6.32
N ILE A 297 -36.75 -0.59 7.59
CA ILE A 297 -37.58 0.47 8.11
C ILE A 297 -37.33 1.77 7.32
N ALA A 298 -36.08 2.17 7.19
CA ALA A 298 -35.77 3.44 6.55
C ALA A 298 -36.31 3.48 5.13
N ALA A 299 -36.03 2.44 4.33
CA ALA A 299 -36.52 2.35 2.92
C ALA A 299 -38.04 2.44 2.77
N THR A 300 -38.74 1.75 3.68
CA THR A 300 -40.19 1.74 3.76
C THR A 300 -40.65 3.17 4.02
N ILE A 301 -40.00 3.87 4.96
CA ILE A 301 -40.42 5.24 5.21
C ILE A 301 -40.08 6.13 4.02
N LEU A 302 -38.85 6.04 3.55
CA LEU A 302 -38.44 6.96 2.47
C LEU A 302 -39.17 6.73 1.13
N THR A 303 -39.54 5.49 0.80
CA THR A 303 -40.20 5.23 -0.52
C THR A 303 -41.74 5.14 -0.48
N SER A 304 -42.34 5.39 0.69
CA SER A 304 -43.79 5.43 0.79
C SER A 304 -44.25 6.85 1.04
N PRO A 305 -45.09 7.37 0.15
CA PRO A 305 -45.26 8.83 0.30
C PRO A 305 -46.02 9.30 1.54
N ASP A 306 -46.94 8.49 2.05
CA ASP A 306 -47.66 8.81 3.26
C ASP A 306 -46.75 8.68 4.43
N LEU A 307 -45.96 7.61 4.47
CA LEU A 307 -45.05 7.41 5.62
C LEU A 307 -43.98 8.48 5.63
N ARG A 308 -43.54 8.91 4.44
CA ARG A 308 -42.52 9.93 4.40
C ARG A 308 -43.05 11.28 4.96
N LYS A 309 -44.19 11.70 4.45
CA LYS A 309 -44.81 12.90 4.95
C LYS A 309 -44.96 12.83 6.49
N GLN A 310 -45.58 11.78 7.02
CA GLN A 310 -45.71 11.61 8.45
C GLN A 310 -44.32 11.72 9.12
N TRP A 311 -43.30 11.04 8.57
CA TRP A 311 -41.92 11.12 9.11
C TRP A 311 -41.34 12.53 9.10
N LEU A 312 -41.44 13.23 7.96
CA LEU A 312 -40.99 14.61 7.95
C LEU A 312 -41.62 15.50 9.05
N GLN A 313 -42.93 15.33 9.33
CA GLN A 313 -43.63 16.05 10.36
C GLN A 313 -43.08 15.73 11.76
N GLU A 314 -42.87 14.44 12.09
CA GLU A 314 -42.29 14.00 13.37
C GLU A 314 -40.85 14.52 13.61
N VAL A 315 -40.04 14.60 12.54
CA VAL A 315 -38.72 15.18 12.61
C VAL A 315 -38.86 16.68 12.94
N LYS A 316 -39.74 17.36 12.20
CA LYS A 316 -40.00 18.75 12.41
C LYS A 316 -40.38 18.97 13.90
N GLY A 317 -41.21 18.11 14.46
CA GLY A 317 -41.58 18.15 15.89
C GLY A 317 -40.48 17.96 16.94
N MET A 318 -39.50 17.09 16.67
CA MET A 318 -38.29 16.97 17.50
C MET A 318 -37.43 18.27 17.41
N ALA A 319 -37.14 18.65 16.18
CA ALA A 319 -36.38 19.84 15.93
C ALA A 319 -37.04 21.03 16.60
N ASP A 320 -38.35 21.10 16.53
CA ASP A 320 -39.12 22.17 17.14
C ASP A 320 -39.02 22.14 18.66
N ARG A 321 -39.02 20.94 19.24
CA ARG A 321 -38.94 20.88 20.73
C ARG A 321 -37.60 21.42 21.27
N ILE A 322 -36.52 21.09 20.54
CA ILE A 322 -35.16 21.49 20.89
C ILE A 322 -34.98 22.99 20.76
N ILE A 323 -35.52 23.53 19.67
CA ILE A 323 -35.46 24.98 19.42
C ILE A 323 -36.25 25.68 20.53
N SER A 324 -37.35 25.06 20.92
CA SER A 324 -38.20 25.62 21.97
C SER A 324 -37.44 25.72 23.27
N MET A 325 -36.70 24.67 23.58
CA MET A 325 -36.04 24.61 24.86
C MET A 325 -34.92 25.63 24.94
N ARG A 326 -34.20 25.83 23.84
CA ARG A 326 -33.11 26.82 23.82
C ARG A 326 -33.65 28.22 24.04
N THR A 327 -34.71 28.54 23.31
CA THR A 327 -35.40 29.81 23.43
C THR A 327 -35.91 30.04 24.83
N GLN A 328 -36.58 29.05 25.37
CA GLN A 328 -37.19 29.23 26.66
C GLN A 328 -36.08 29.30 27.70
N LEU A 329 -34.95 28.63 27.46
CA LEU A 329 -33.77 28.76 28.34
C LEU A 329 -33.21 30.19 28.35
N VAL A 330 -33.01 30.76 27.19
CA VAL A 330 -32.50 32.09 27.16
C VAL A 330 -33.48 33.05 27.85
N SER A 331 -34.77 32.82 27.65
CA SER A 331 -35.82 33.69 28.17
C SER A 331 -35.77 33.68 29.68
N ASN A 332 -35.67 32.45 30.21
CA ASN A 332 -35.68 32.27 31.63
C ASN A 332 -34.44 32.84 32.28
N LEU A 333 -33.31 32.78 31.60
CA LEU A 333 -32.08 33.39 32.12
C LEU A 333 -32.25 34.91 32.33
N LYS A 334 -32.80 35.63 31.35
CA LYS A 334 -33.24 37.04 31.48
C LYS A 334 -34.19 37.34 32.67
N LYS A 335 -35.24 36.52 32.85
CA LYS A 335 -36.20 36.68 33.98
C LYS A 335 -35.45 36.55 35.27
N GLU A 336 -34.50 35.63 35.31
CA GLU A 336 -33.70 35.44 36.48
C GLU A 336 -32.85 36.67 36.83
N GLY A 337 -32.60 37.56 35.86
CA GLY A 337 -31.70 38.71 36.08
C GLY A 337 -30.28 38.44 35.62
N SER A 338 -30.06 37.36 34.90
CA SER A 338 -28.75 37.21 34.29
C SER A 338 -28.41 38.45 33.46
N SER A 339 -27.16 38.87 33.50
CA SER A 339 -26.75 40.01 32.69
C SER A 339 -25.73 39.56 31.65
N HIS A 340 -25.41 38.26 31.62
CA HIS A 340 -24.61 37.70 30.54
C HIS A 340 -25.40 37.58 29.23
N ASN A 341 -24.67 37.61 28.12
CA ASN A 341 -25.22 37.39 26.80
C ASN A 341 -25.42 35.89 26.62
N TRP A 342 -26.67 35.49 26.44
CA TRP A 342 -26.91 34.06 26.23
C TRP A 342 -27.37 33.72 24.85
N GLN A 343 -27.15 34.59 23.88
CA GLN A 343 -27.73 34.33 22.55
C GLN A 343 -27.07 33.19 21.79
N HIS A 344 -25.86 32.80 22.17
CA HIS A 344 -25.26 31.65 21.61
C HIS A 344 -26.18 30.46 21.70
N ILE A 345 -27.00 30.40 22.73
CA ILE A 345 -27.94 29.29 22.94
C ILE A 345 -29.02 29.20 21.85
N THR A 346 -29.52 30.34 21.37
CA THR A 346 -30.50 30.28 20.30
C THR A 346 -29.82 30.33 18.90
N ASP A 347 -28.60 30.83 18.91
CA ASP A 347 -27.74 30.82 17.72
C ASP A 347 -27.26 29.38 17.33
N GLN A 348 -26.98 28.53 18.31
CA GLN A 348 -26.52 27.18 18.03
C GLN A 348 -27.68 26.32 17.55
N ILE A 349 -27.36 25.12 17.05
CA ILE A 349 -28.33 24.32 16.28
C ILE A 349 -28.13 22.81 16.59
N GLY A 350 -29.25 22.08 16.75
CA GLY A 350 -29.16 20.66 17.06
C GLY A 350 -29.26 20.46 18.55
N MET A 351 -29.07 19.22 18.95
CA MET A 351 -29.26 18.82 20.34
C MET A 351 -28.11 19.08 21.26
N PHE A 352 -26.98 19.50 20.73
CA PHE A 352 -25.79 19.79 21.57
C PHE A 352 -25.50 21.26 21.67
N CYS A 353 -25.23 21.74 22.87
CA CYS A 353 -25.02 23.16 23.10
C CYS A 353 -23.79 23.42 23.96
N PHE A 354 -22.80 24.10 23.41
CA PHE A 354 -21.71 24.67 24.22
C PHE A 354 -22.16 25.95 24.93
N THR A 355 -22.37 25.81 26.25
CA THR A 355 -22.97 26.85 27.10
C THR A 355 -22.02 28.05 27.36
N GLY A 356 -20.73 27.72 27.42
CA GLY A 356 -19.72 28.67 27.77
C GLY A 356 -19.39 28.61 29.25
N LEU A 357 -20.02 27.66 29.97
CA LEU A 357 -19.72 27.44 31.40
C LEU A 357 -18.35 26.82 31.61
N LYS A 358 -17.72 27.23 32.70
CA LYS A 358 -16.36 26.85 33.03
C LYS A 358 -16.42 25.57 33.84
N PRO A 359 -15.31 24.81 33.88
CA PRO A 359 -15.38 23.54 34.61
C PRO A 359 -15.83 23.65 36.09
N GLU A 360 -15.40 24.68 36.82
CA GLU A 360 -15.82 24.83 38.24
C GLU A 360 -17.34 25.01 38.36
N GLN A 361 -17.91 25.83 37.46
CA GLN A 361 -19.34 26.09 37.35
C GLN A 361 -20.09 24.78 37.04
N VAL A 362 -19.57 24.00 36.09
CA VAL A 362 -20.15 22.67 35.86
C VAL A 362 -20.21 21.83 37.14
N GLU A 363 -19.12 21.84 37.92
CA GLU A 363 -19.06 21.10 39.19
C GLU A 363 -20.06 21.62 40.23
N ARG A 364 -20.18 22.95 40.35
CA ARG A 364 -21.29 23.46 41.14
C ARG A 364 -22.64 22.94 40.64
N LEU A 365 -22.80 22.88 39.32
CA LEU A 365 -24.10 22.50 38.77
C LEU A 365 -24.47 21.06 39.12
N THR A 366 -23.50 20.18 39.05
CA THR A 366 -23.69 18.80 39.49
C THR A 366 -23.93 18.75 41.00
N LYS A 367 -22.99 19.29 41.78
CA LYS A 367 -23.06 19.18 43.26
C LYS A 367 -24.24 19.90 43.89
N GLU A 368 -24.52 21.14 43.48
CA GLU A 368 -25.57 21.91 44.18
C GLU A 368 -26.92 21.82 43.51
N PHE A 369 -26.93 21.52 42.23
CA PHE A 369 -28.17 21.57 41.56
C PHE A 369 -28.61 20.26 40.98
N SER A 370 -27.71 19.28 40.92
CA SER A 370 -28.02 17.94 40.34
C SER A 370 -28.33 18.07 38.85
N VAL A 371 -27.63 18.99 38.21
CA VAL A 371 -27.67 19.15 36.79
C VAL A 371 -26.42 18.49 36.21
N TYR A 372 -26.60 17.37 35.51
CA TYR A 372 -25.47 16.55 35.02
C TYR A 372 -25.07 16.87 33.58
N MET A 373 -23.78 17.16 33.37
CA MET A 373 -23.29 17.51 32.05
C MET A 373 -21.79 17.27 32.01
N THR A 374 -21.17 17.35 30.84
CA THR A 374 -19.71 17.19 30.74
C THR A 374 -18.95 18.49 31.08
N LYS A 375 -17.69 18.33 31.48
CA LYS A 375 -16.84 19.43 31.98
C LYS A 375 -16.52 20.57 30.96
N ASP A 376 -16.67 20.26 29.68
CA ASP A 376 -16.49 21.19 28.58
C ASP A 376 -17.68 22.18 28.44
N GLY A 377 -18.71 22.06 29.27
CA GLY A 377 -19.85 22.99 29.27
C GLY A 377 -20.95 22.56 28.29
N ARG A 378 -20.77 21.38 27.66
CA ARG A 378 -21.76 20.83 26.73
C ARG A 378 -22.96 20.29 27.46
N ILE A 379 -24.13 20.86 27.14
CA ILE A 379 -25.40 20.28 27.52
C ILE A 379 -26.06 19.65 26.28
N SER A 380 -26.60 18.47 26.49
CA SER A 380 -27.58 17.91 25.58
C SER A 380 -28.94 18.57 25.81
N VAL A 381 -29.35 19.46 24.92
CA VAL A 381 -30.69 20.09 24.97
C VAL A 381 -31.90 19.13 25.11
N ALA A 382 -31.74 17.87 24.64
CA ALA A 382 -32.77 16.86 24.73
C ALA A 382 -33.14 16.54 26.19
N GLY A 383 -32.30 16.92 27.16
CA GLY A 383 -32.63 16.73 28.57
C GLY A 383 -33.42 17.85 29.23
N VAL A 384 -33.54 18.98 28.54
CA VAL A 384 -34.40 20.09 28.91
C VAL A 384 -35.85 19.84 28.49
N THR A 385 -36.81 20.16 29.36
CA THR A 385 -38.24 19.96 29.16
C THR A 385 -38.89 21.27 29.62
N SER A 386 -40.15 21.54 29.25
CA SER A 386 -40.83 22.71 29.83
C SER A 386 -40.99 22.64 31.33
N GLY A 387 -41.09 21.42 31.86
CA GLY A 387 -41.17 21.21 33.30
C GLY A 387 -39.90 21.62 34.01
N ASN A 388 -38.73 21.31 33.45
CA ASN A 388 -37.47 21.61 34.13
C ASN A 388 -36.69 22.83 33.59
N VAL A 389 -37.13 23.44 32.49
CA VAL A 389 -36.38 24.58 32.00
C VAL A 389 -36.30 25.79 32.97
N GLY A 390 -37.34 26.01 33.78
CA GLY A 390 -37.32 27.13 34.72
C GLY A 390 -36.20 26.89 35.71
N TYR A 391 -36.11 25.65 36.21
CA TYR A 391 -35.06 25.21 37.14
C TYR A 391 -33.63 25.32 36.58
N LEU A 392 -33.46 25.01 35.29
CA LEU A 392 -32.15 25.07 34.65
C LEU A 392 -31.67 26.51 34.62
N ALA A 393 -32.58 27.42 34.30
CA ALA A 393 -32.25 28.85 34.18
C ALA A 393 -31.79 29.42 35.54
N HIS A 394 -32.57 29.08 36.57
CA HIS A 394 -32.23 29.40 37.91
C HIS A 394 -30.86 28.88 38.28
N ALA A 395 -30.63 27.59 38.09
CA ALA A 395 -29.35 27.00 38.50
C ALA A 395 -28.16 27.66 37.81
N ILE A 396 -28.24 27.81 36.48
CA ILE A 396 -27.18 28.42 35.69
C ILE A 396 -26.94 29.87 36.12
N HIS A 397 -28.02 30.59 36.39
CA HIS A 397 -27.87 31.94 36.83
C HIS A 397 -27.10 32.00 38.14
N GLN A 398 -27.48 31.12 39.07
CA GLN A 398 -26.80 31.05 40.37
C GLN A 398 -25.30 30.84 40.23
N VAL A 399 -24.89 29.93 39.35
CA VAL A 399 -23.45 29.66 39.23
C VAL A 399 -22.69 30.67 38.38
N THR A 400 -23.38 31.57 37.70
CA THR A 400 -22.68 32.50 36.80
C THR A 400 -22.76 33.93 37.27
N LYS A 401 -23.70 34.25 38.18
CA LYS A 401 -24.04 35.66 38.40
C LYS A 401 -22.96 36.46 39.15
N SER B 1 -7.45 15.89 -12.47
CA SER B 1 -8.83 15.92 -13.10
C SER B 1 -9.89 15.04 -12.36
N SER B 2 -9.42 14.09 -11.54
CA SER B 2 -10.35 13.39 -10.63
C SER B 2 -9.64 12.75 -9.46
N TRP B 3 -10.31 12.59 -8.32
CA TRP B 3 -9.64 11.98 -7.19
C TRP B 3 -9.41 10.51 -7.37
N TRP B 4 -10.24 9.85 -8.20
CA TRP B 4 -10.32 8.39 -8.19
C TRP B 4 -9.86 7.69 -9.47
N THR B 5 -9.24 8.45 -10.37
CA THR B 5 -8.83 7.92 -11.65
C THR B 5 -7.98 6.65 -11.49
N HIS B 6 -7.07 6.60 -10.54
CA HIS B 6 -6.28 5.38 -10.27
C HIS B 6 -6.96 4.24 -9.41
N VAL B 7 -8.25 4.36 -9.11
CA VAL B 7 -8.92 3.30 -8.36
C VAL B 7 -9.34 2.20 -9.36
N GLU B 8 -8.68 1.06 -9.30
CA GLU B 8 -8.96 -0.03 -10.26
C GLU B 8 -10.24 -0.76 -9.94
N MET B 9 -10.90 -1.34 -10.96
CA MET B 9 -12.01 -2.30 -10.76
C MET B 9 -11.45 -3.49 -10.03
N GLY B 10 -12.19 -3.94 -9.03
CA GLY B 10 -11.82 -5.11 -8.27
C GLY B 10 -12.14 -6.33 -9.11
N PRO B 11 -11.53 -7.48 -8.79
CA PRO B 11 -11.96 -8.73 -9.47
C PRO B 11 -13.42 -9.05 -9.24
N PRO B 12 -14.07 -9.65 -10.26
CA PRO B 12 -15.46 -10.15 -10.15
C PRO B 12 -15.57 -11.37 -9.22
N ASP B 13 -16.53 -11.32 -8.29
CA ASP B 13 -16.84 -12.48 -7.42
C ASP B 13 -17.14 -13.70 -8.29
N PRO B 14 -16.56 -14.86 -7.93
CA PRO B 14 -16.95 -16.09 -8.60
C PRO B 14 -18.38 -16.48 -8.15
N ILE B 15 -18.56 -16.59 -6.82
CA ILE B 15 -19.83 -16.95 -6.11
C ILE B 15 -21.07 -16.07 -6.51
N LEU B 16 -20.86 -15.11 -7.40
CA LEU B 16 -21.90 -14.16 -7.82
C LEU B 16 -21.89 -14.01 -9.34
N GLY B 17 -20.88 -14.60 -9.98
CA GLY B 17 -20.73 -14.49 -11.43
C GLY B 17 -21.33 -15.70 -12.09
N VAL B 18 -21.38 -16.79 -11.32
CA VAL B 18 -21.92 -18.06 -11.81
C VAL B 18 -23.39 -18.14 -11.39
N THR B 19 -23.66 -17.75 -10.14
CA THR B 19 -25.01 -17.63 -9.59
C THR B 19 -25.94 -16.80 -10.52
N GLU B 20 -25.36 -16.25 -11.57
CA GLU B 20 -26.08 -15.36 -12.48
C GLU B 20 -25.92 -15.72 -13.95
N ALA B 21 -25.26 -16.85 -14.20
CA ALA B 21 -25.39 -17.56 -15.46
C ALA B 21 -26.43 -18.66 -15.25
N PHE B 22 -26.79 -18.84 -13.97
CA PHE B 22 -27.70 -19.91 -13.47
C PHE B 22 -29.16 -19.69 -13.83
N LYS B 23 -29.64 -18.46 -13.68
CA LYS B 23 -30.98 -18.09 -14.12
C LYS B 23 -31.06 -18.23 -15.64
N ARG B 24 -30.05 -17.72 -16.32
CA ARG B 24 -29.98 -17.77 -17.78
C ARG B 24 -29.96 -19.22 -18.29
N ASP B 25 -29.40 -20.14 -17.50
CA ASP B 25 -29.53 -21.58 -17.79
C ASP B 25 -31.00 -21.96 -17.77
N THR B 26 -31.46 -22.49 -18.90
CA THR B 26 -32.88 -22.69 -19.14
C THR B 26 -33.36 -24.12 -18.82
N ASN B 27 -32.47 -25.11 -18.94
CA ASN B 27 -32.70 -26.52 -18.56
C ASN B 27 -33.44 -26.74 -17.20
N SER B 28 -34.47 -27.59 -17.22
CA SER B 28 -35.50 -27.68 -16.16
C SER B 28 -35.16 -28.38 -14.84
N LYS B 29 -34.02 -29.07 -14.81
CA LYS B 29 -33.59 -29.80 -13.62
C LYS B 29 -32.31 -29.20 -13.02
N LYS B 30 -31.96 -28.01 -13.50
CA LYS B 30 -30.83 -27.19 -13.01
C LYS B 30 -30.80 -26.89 -11.49
N MET B 31 -29.63 -27.05 -10.88
CA MET B 31 -29.46 -26.74 -9.45
C MET B 31 -28.34 -25.74 -9.24
N ASN B 32 -28.56 -24.85 -8.27
CA ASN B 32 -27.49 -23.98 -7.78
C ASN B 32 -26.93 -24.57 -6.50
N LEU B 33 -25.73 -25.13 -6.59
CA LEU B 33 -25.10 -25.70 -5.41
C LEU B 33 -24.02 -24.78 -4.88
N GLY B 34 -24.15 -23.49 -5.17
CA GLY B 34 -23.23 -22.46 -4.65
C GLY B 34 -23.84 -21.50 -3.64
N VAL B 35 -25.03 -21.80 -3.11
CA VAL B 35 -25.70 -20.93 -2.14
C VAL B 35 -25.11 -21.12 -0.75
N GLY B 36 -24.88 -20.00 -0.04
CA GLY B 36 -24.18 -20.04 1.24
C GLY B 36 -25.09 -19.84 2.45
N ALA B 37 -26.33 -20.30 2.32
CA ALA B 37 -27.28 -20.28 3.42
C ALA B 37 -28.17 -21.51 3.31
N TYR B 38 -28.67 -21.96 4.45
CA TYR B 38 -29.63 -23.03 4.51
C TYR B 38 -30.89 -22.78 3.66
N ARG B 39 -31.28 -23.82 2.93
CA ARG B 39 -32.52 -23.85 2.20
C ARG B 39 -33.27 -25.11 2.62
N ASP B 40 -34.60 -25.05 2.61
CA ASP B 40 -35.42 -26.24 2.89
C ASP B 40 -35.53 -27.17 1.67
N ASP B 41 -36.23 -28.27 1.87
CA ASP B 41 -36.45 -29.29 0.85
C ASP B 41 -37.11 -28.75 -0.44
N ASN B 42 -37.76 -27.60 -0.39
CA ASN B 42 -38.20 -26.92 -1.60
C ASN B 42 -37.30 -25.77 -2.05
N GLY B 43 -36.05 -25.76 -1.60
CA GLY B 43 -35.07 -24.71 -1.97
C GLY B 43 -35.39 -23.28 -1.49
N LYS B 44 -36.17 -23.16 -0.43
CA LYS B 44 -36.59 -21.82 0.03
C LYS B 44 -35.84 -21.36 1.28
N PRO B 45 -35.75 -20.05 1.49
CA PRO B 45 -35.28 -19.56 2.79
C PRO B 45 -36.18 -20.02 3.95
N TYR B 46 -35.55 -20.28 5.08
CA TYR B 46 -36.21 -20.83 6.22
C TYR B 46 -36.06 -19.94 7.47
N VAL B 47 -37.17 -19.39 7.93
CA VAL B 47 -37.16 -18.60 9.13
C VAL B 47 -37.61 -19.54 10.23
N LEU B 48 -36.77 -19.77 11.23
CA LEU B 48 -37.14 -20.67 12.34
C LEU B 48 -38.40 -20.19 13.07
N PRO B 49 -39.31 -21.13 13.36
CA PRO B 49 -40.56 -20.79 14.08
C PRO B 49 -40.29 -20.21 15.45
N SER B 50 -39.16 -20.61 16.05
CA SER B 50 -38.82 -20.07 17.37
C SER B 50 -38.39 -18.62 17.26
N VAL B 51 -37.78 -18.29 16.12
CA VAL B 51 -37.39 -16.93 15.82
C VAL B 51 -38.66 -16.10 15.65
N ARG B 52 -39.60 -16.64 14.88
CA ARG B 52 -40.95 -16.03 14.71
C ARG B 52 -41.70 -15.75 16.00
N LYS B 53 -41.65 -16.68 16.93
CA LYS B 53 -42.26 -16.55 18.26
C LYS B 53 -41.46 -15.56 19.11
N ALA B 54 -40.14 -15.60 19.02
CA ALA B 54 -39.35 -14.64 19.79
C ALA B 54 -39.70 -13.23 19.30
N GLU B 55 -39.75 -13.06 17.98
CA GLU B 55 -40.13 -11.76 17.37
C GLU B 55 -41.46 -11.28 17.89
N ALA B 56 -42.40 -12.20 18.07
CA ALA B 56 -43.75 -11.77 18.45
C ALA B 56 -43.80 -11.43 19.94
N GLN B 57 -43.12 -12.20 20.78
CA GLN B 57 -42.99 -11.85 22.21
C GLN B 57 -42.33 -10.45 22.40
N ILE B 58 -41.34 -10.14 21.56
CA ILE B 58 -40.64 -8.85 21.56
C ILE B 58 -41.59 -7.74 21.12
N ALA B 59 -42.30 -7.95 20.02
CA ALA B 59 -43.28 -6.96 19.55
C ALA B 59 -44.18 -6.53 20.70
N ALA B 60 -44.71 -7.51 21.41
CA ALA B 60 -45.67 -7.26 22.50
C ALA B 60 -45.08 -6.45 23.61
N LYS B 61 -43.76 -6.54 23.80
CA LYS B 61 -43.11 -5.79 24.88
C LYS B 61 -42.94 -4.28 24.57
N ASN B 62 -43.26 -3.88 23.34
CA ASN B 62 -43.17 -2.48 22.95
C ASN B 62 -41.82 -1.73 23.25
N LEU B 63 -40.71 -2.32 22.85
CA LEU B 63 -39.42 -1.98 23.37
C LEU B 63 -38.90 -0.76 22.62
N ASP B 64 -37.95 -0.03 23.21
CA ASP B 64 -37.39 1.18 22.57
C ASP B 64 -36.27 0.76 21.61
N LYS B 65 -35.68 1.75 20.93
CA LYS B 65 -34.64 1.49 19.94
C LYS B 65 -33.37 2.24 20.31
N GLU B 66 -33.19 2.50 21.61
CA GLU B 66 -31.99 3.17 22.15
C GLU B 66 -30.67 2.37 21.87
N TYR B 67 -29.56 3.10 21.86
CA TYR B 67 -28.26 2.48 21.74
C TYR B 67 -28.02 1.44 22.81
N LEU B 68 -27.42 0.32 22.39
CA LEU B 68 -26.75 -0.63 23.29
C LEU B 68 -25.40 -0.10 23.74
N PRO B 69 -24.90 -0.65 24.87
CA PRO B 69 -23.51 -0.46 25.31
C PRO B 69 -22.60 -0.89 24.19
N ILE B 70 -21.38 -0.39 24.19
CA ILE B 70 -20.42 -0.73 23.15
C ILE B 70 -20.36 -2.24 22.98
N GLY B 71 -20.42 -2.98 24.09
CA GLY B 71 -20.28 -4.43 23.98
C GLY B 71 -21.56 -5.18 23.69
N GLY B 72 -22.67 -4.43 23.54
CA GLY B 72 -23.96 -5.00 23.16
C GLY B 72 -24.84 -5.37 24.32
N LEU B 73 -25.81 -6.27 24.06
CA LEU B 73 -26.86 -6.63 25.06
C LEU B 73 -26.27 -7.56 26.08
N ALA B 74 -26.15 -7.09 27.32
CA ALA B 74 -25.57 -7.86 28.44
C ALA B 74 -26.18 -9.26 28.50
N GLU B 75 -27.50 -9.36 28.43
CA GLU B 75 -28.15 -10.68 28.53
C GLU B 75 -27.89 -11.61 27.33
N PHE B 76 -27.76 -11.03 26.14
CA PHE B 76 -27.31 -11.80 24.99
C PHE B 76 -25.87 -12.27 25.23
N CYS B 77 -25.03 -11.44 25.83
CA CYS B 77 -23.59 -11.78 25.87
C CYS B 77 -23.35 -12.97 26.79
N LYS B 78 -24.06 -12.96 27.91
CA LYS B 78 -23.98 -13.94 28.93
C LYS B 78 -24.66 -15.24 28.42
N ALA B 79 -25.85 -15.18 27.84
CA ALA B 79 -26.47 -16.41 27.30
C ALA B 79 -25.63 -17.08 26.22
N SER B 80 -24.87 -16.26 25.49
CA SER B 80 -24.07 -16.68 24.36
C SER B 80 -22.78 -17.38 24.78
N ALA B 81 -22.10 -16.87 25.80
CA ALA B 81 -20.93 -17.59 26.38
C ALA B 81 -21.42 -18.93 26.96
N GLU B 82 -22.62 -18.90 27.56
CA GLU B 82 -23.24 -20.11 28.13
C GLU B 82 -23.55 -21.11 27.05
N LEU B 83 -24.08 -20.66 25.91
CA LEU B 83 -24.30 -21.60 24.83
C LEU B 83 -22.96 -22.23 24.47
N ALA B 84 -21.90 -21.42 24.39
CA ALA B 84 -20.61 -21.93 23.90
C ALA B 84 -19.85 -22.91 24.82
N LEU B 85 -20.08 -22.80 26.13
CA LEU B 85 -19.16 -23.39 27.07
C LEU B 85 -19.87 -24.30 28.03
N GLY B 86 -21.20 -24.16 28.08
CA GLY B 86 -22.00 -24.91 29.01
C GLY B 86 -22.20 -24.10 30.25
N GLU B 87 -23.44 -24.09 30.76
CA GLU B 87 -23.75 -23.10 31.79
C GLU B 87 -23.00 -23.36 33.13
N ASN B 88 -22.47 -24.57 33.31
CA ASN B 88 -21.66 -24.89 34.50
C ASN B 88 -20.17 -24.97 34.21
N ASN B 89 -19.79 -24.49 33.03
CA ASN B 89 -18.39 -24.30 32.81
C ASN B 89 -17.73 -23.46 33.90
N GLU B 90 -16.73 -24.10 34.47
CA GLU B 90 -15.64 -23.51 35.23
C GLU B 90 -15.39 -22.01 34.93
N VAL B 91 -15.20 -21.72 33.66
CA VAL B 91 -14.91 -20.37 33.19
C VAL B 91 -16.01 -19.37 33.52
N LEU B 92 -17.26 -19.83 33.47
CA LEU B 92 -18.38 -18.98 33.74
C LEU B 92 -18.65 -18.90 35.23
N LYS B 93 -18.26 -19.92 35.99
CA LYS B 93 -18.65 -19.85 37.39
C LYS B 93 -17.73 -18.85 38.07
N SER B 94 -16.49 -18.81 37.61
CA SER B 94 -15.53 -17.91 38.21
C SER B 94 -15.51 -16.49 37.57
N GLY B 95 -16.22 -16.29 36.45
CA GLY B 95 -16.25 -15.02 35.71
C GLY B 95 -14.97 -14.66 34.97
N ARG B 96 -14.13 -15.67 34.69
CA ARG B 96 -12.83 -15.38 34.02
C ARG B 96 -12.90 -15.25 32.49
N PHE B 97 -13.82 -14.42 32.01
CA PHE B 97 -14.01 -14.24 30.59
C PHE B 97 -14.71 -12.93 30.31
N VAL B 98 -14.60 -12.49 29.06
CA VAL B 98 -15.43 -11.40 28.61
C VAL B 98 -15.95 -11.81 27.26
N THR B 99 -17.24 -11.56 27.03
CA THR B 99 -17.92 -11.82 25.78
C THR B 99 -18.51 -10.49 25.32
N VAL B 100 -18.16 -10.07 24.08
CA VAL B 100 -18.84 -8.89 23.51
C VAL B 100 -19.63 -9.25 22.26
N GLN B 101 -20.81 -8.64 22.17
CA GLN B 101 -21.65 -8.72 20.98
C GLN B 101 -20.93 -8.13 19.75
N THR B 102 -20.96 -8.81 18.61
CA THR B 102 -20.27 -8.28 17.43
C THR B 102 -21.19 -8.31 16.18
N ILE B 103 -20.68 -7.85 15.01
CA ILE B 103 -21.48 -7.84 13.78
C ILE B 103 -21.42 -9.23 13.16
N SER B 104 -22.15 -10.17 13.74
CA SER B 104 -22.07 -11.58 13.35
C SER B 104 -20.64 -12.19 13.54
N GLY B 105 -20.36 -13.32 12.86
CA GLY B 105 -19.11 -14.07 12.99
C GLY B 105 -17.99 -13.26 12.38
N THR B 106 -18.26 -12.69 11.19
CA THR B 106 -17.30 -11.76 10.54
C THR B 106 -16.87 -10.61 11.49
N GLY B 107 -17.82 -9.90 12.09
CA GLY B 107 -17.41 -8.86 13.04
C GLY B 107 -16.66 -9.38 14.25
N ALA B 108 -17.02 -10.56 14.75
CA ALA B 108 -16.20 -11.15 15.83
C ALA B 108 -14.81 -11.48 15.33
N LEU B 109 -14.68 -12.07 14.15
CA LEU B 109 -13.33 -12.23 13.56
C LEU B 109 -12.51 -10.92 13.41
N ARG B 110 -13.15 -9.82 13.05
CA ARG B 110 -12.38 -8.59 12.83
C ARG B 110 -12.01 -7.95 14.15
N VAL B 111 -12.95 -7.92 15.07
CA VAL B 111 -12.72 -7.41 16.40
C VAL B 111 -11.55 -8.18 17.09
N GLY B 112 -11.62 -9.52 17.07
CA GLY B 112 -10.54 -10.35 17.59
C GLY B 112 -9.23 -10.08 16.87
N ALA B 113 -9.24 -10.07 15.53
CA ALA B 113 -8.04 -9.71 14.76
C ALA B 113 -7.35 -8.44 15.25
N SER B 114 -8.17 -7.43 15.47
CA SER B 114 -7.71 -6.10 15.81
C SER B 114 -7.18 -6.07 17.24
N PHE B 115 -7.76 -6.93 18.08
CA PHE B 115 -7.23 -7.17 19.40
C PHE B 115 -5.85 -7.83 19.36
N LEU B 116 -5.72 -8.95 18.67
CA LEU B 116 -4.39 -9.52 18.42
C LEU B 116 -3.43 -8.43 17.97
N GLN B 117 -3.80 -7.69 16.93
CA GLN B 117 -2.87 -6.72 16.35
C GLN B 117 -2.33 -5.77 17.39
N ARG B 118 -3.16 -5.35 18.34
CA ARG B 118 -2.74 -4.31 19.26
C ARG B 118 -2.10 -4.88 20.52
N PHE B 119 -2.58 -6.04 20.96
CA PHE B 119 -2.16 -6.59 22.23
C PHE B 119 -1.33 -7.88 22.19
N PHE B 120 -1.37 -8.62 21.07
CA PHE B 120 -0.61 -9.87 21.00
C PHE B 120 0.81 -9.55 20.54
N LYS B 121 1.62 -9.12 21.49
CA LYS B 121 2.99 -8.65 21.21
C LYS B 121 3.90 -9.81 20.74
N PHE B 122 3.61 -11.01 21.20
CA PHE B 122 4.42 -12.19 20.92
C PHE B 122 4.70 -12.48 19.43
N SER B 123 3.78 -12.09 18.53
CA SER B 123 3.92 -12.46 17.12
C SER B 123 2.91 -11.73 16.20
N ARG B 124 3.20 -11.63 14.90
CA ARG B 124 2.25 -11.14 13.88
C ARG B 124 1.62 -12.25 13.02
N ASP B 125 2.02 -13.50 13.28
CA ASP B 125 1.64 -14.64 12.45
C ASP B 125 0.35 -15.32 12.92
N VAL B 126 -0.56 -15.51 11.96
CA VAL B 126 -1.81 -16.26 12.15
C VAL B 126 -1.85 -17.47 11.21
N PHE B 127 -1.90 -18.66 11.80
CA PHE B 127 -1.93 -19.86 11.03
C PHE B 127 -3.36 -20.30 10.73
N LEU B 128 -3.69 -20.31 9.45
CA LEU B 128 -4.99 -20.76 9.00
C LEU B 128 -4.85 -22.18 8.46
N PRO B 129 -5.94 -22.97 8.47
CA PRO B 129 -5.76 -24.28 7.91
C PRO B 129 -5.77 -24.14 6.43
N LYS B 130 -5.15 -25.07 5.71
CA LYS B 130 -5.17 -25.10 4.22
C LYS B 130 -6.22 -26.08 3.69
N PRO B 131 -7.34 -25.57 3.16
CA PRO B 131 -7.65 -24.15 3.02
C PRO B 131 -8.55 -23.68 4.19
N SER B 132 -8.89 -22.39 4.16
CA SER B 132 -9.81 -21.85 5.15
C SER B 132 -10.89 -21.06 4.47
N TRP B 133 -11.82 -20.52 5.27
CA TRP B 133 -12.81 -19.57 4.74
C TRP B 133 -12.02 -18.45 4.09
N GLY B 134 -12.41 -18.12 2.86
CA GLY B 134 -11.76 -17.08 2.04
C GLY B 134 -11.57 -15.75 2.74
N ASN B 135 -12.59 -15.31 3.44
CA ASN B 135 -12.61 -14.02 4.10
C ASN B 135 -11.64 -13.95 5.30
N HIS B 136 -11.14 -15.11 5.74
CA HIS B 136 -10.21 -15.10 6.88
C HIS B 136 -8.97 -14.33 6.49
N THR B 137 -8.52 -14.47 5.24
CA THR B 137 -7.24 -13.83 4.84
C THR B 137 -7.35 -12.27 4.86
N PRO B 138 -8.27 -11.69 4.07
CA PRO B 138 -8.35 -10.19 4.15
C PRO B 138 -8.74 -9.66 5.55
N ILE B 139 -9.65 -10.31 6.25
CA ILE B 139 -9.90 -9.94 7.65
C ILE B 139 -8.60 -9.72 8.49
N PHE B 140 -7.72 -10.72 8.50
CA PHE B 140 -6.47 -10.61 9.24
C PHE B 140 -5.44 -9.71 8.52
N ARG B 141 -5.35 -9.75 7.20
CA ARG B 141 -4.42 -8.84 6.53
C ARG B 141 -4.75 -7.34 6.79
N ASP B 142 -6.02 -6.98 6.54
CA ASP B 142 -6.55 -5.63 6.74
C ASP B 142 -6.39 -5.17 8.17
N ALA B 143 -6.52 -6.09 9.11
CA ALA B 143 -6.38 -5.77 10.54
C ALA B 143 -4.94 -5.54 10.89
N GLY B 144 -4.03 -6.02 10.06
CA GLY B 144 -2.62 -5.68 10.17
C GLY B 144 -1.79 -6.82 10.75
N MET B 145 -2.30 -8.07 10.63
CA MET B 145 -1.54 -9.30 10.94
C MET B 145 -0.93 -9.91 9.65
N GLN B 146 -0.09 -10.95 9.79
CA GLN B 146 0.51 -11.69 8.66
C GLN B 146 -0.16 -13.06 8.58
N LEU B 147 -0.43 -13.57 7.38
CA LEU B 147 -1.03 -14.93 7.30
C LEU B 147 -0.03 -16.07 7.04
N GLN B 148 -0.17 -17.15 7.81
CA GLN B 148 0.50 -18.39 7.51
C GLN B 148 -0.52 -19.49 7.39
N GLY B 149 -0.04 -20.69 7.05
CA GLY B 149 -0.91 -21.84 6.79
C GLY B 149 -0.36 -23.15 7.39
N TYR B 150 -1.28 -24.08 7.63
CA TYR B 150 -0.93 -25.42 8.05
C TYR B 150 -1.81 -26.41 7.32
N ARG B 151 -1.21 -27.55 6.97
CA ARG B 151 -1.86 -28.62 6.20
C ARG B 151 -3.11 -29.09 6.93
N TYR B 152 -4.16 -29.31 6.16
CA TYR B 152 -5.41 -29.61 6.78
C TYR B 152 -6.19 -30.59 5.90
N TYR B 153 -6.54 -30.14 4.70
CA TYR B 153 -7.37 -30.95 3.84
C TYR B 153 -6.46 -31.91 3.11
N ASP B 154 -6.87 -33.18 3.03
CA ASP B 154 -6.07 -34.18 2.29
C ASP B 154 -6.79 -34.47 0.99
N PRO B 155 -6.26 -33.92 -0.11
CA PRO B 155 -6.95 -34.08 -1.39
C PRO B 155 -6.98 -35.54 -1.89
N LYS B 156 -6.07 -36.38 -1.40
CA LYS B 156 -6.11 -37.80 -1.74
C LYS B 156 -7.36 -38.48 -1.14
N THR B 157 -7.69 -38.16 0.10
CA THR B 157 -8.75 -38.84 0.83
C THR B 157 -10.05 -38.05 0.92
N CYS B 158 -9.98 -36.76 0.56
CA CYS B 158 -11.08 -35.80 0.80
C CYS B 158 -11.46 -35.76 2.30
N GLY B 159 -10.50 -36.11 3.15
CA GLY B 159 -10.69 -36.17 4.58
C GLY B 159 -9.60 -35.35 5.25
N PHE B 160 -9.28 -35.69 6.50
CA PHE B 160 -8.33 -34.92 7.30
C PHE B 160 -6.88 -35.43 7.24
N ASP B 161 -5.93 -34.54 6.94
CA ASP B 161 -4.50 -34.91 6.80
C ASP B 161 -3.93 -34.71 8.18
N PHE B 162 -4.31 -35.61 9.07
CA PHE B 162 -3.91 -35.56 10.49
C PHE B 162 -2.39 -35.41 10.68
N SER B 163 -1.62 -36.42 10.29
CA SER B 163 -0.17 -36.38 10.34
C SER B 163 0.43 -35.07 9.79
N GLY B 164 -0.02 -34.62 8.60
CA GLY B 164 0.43 -33.34 8.01
C GLY B 164 0.07 -32.13 8.89
N ALA B 165 -1.20 -32.02 9.26
CA ALA B 165 -1.65 -31.02 10.22
C ALA B 165 -0.75 -30.96 11.45
N LEU B 166 -0.51 -32.12 12.05
CA LEU B 166 0.29 -32.22 13.29
C LEU B 166 1.76 -31.90 13.15
N GLU B 167 2.37 -32.30 12.07
CA GLU B 167 3.75 -31.95 11.83
C GLU B 167 3.85 -30.42 11.70
N ASP B 168 3.00 -29.85 10.83
CA ASP B 168 2.91 -28.41 10.66
C ASP B 168 2.69 -27.67 11.99
N ILE B 169 1.64 -28.00 12.72
CA ILE B 169 1.40 -27.36 14.04
C ILE B 169 2.59 -27.49 15.02
N SER B 170 3.29 -28.62 14.96
CA SER B 170 4.49 -28.86 15.78
C SER B 170 5.64 -27.95 15.45
N LYS B 171 5.67 -27.43 14.22
CA LYS B 171 6.75 -26.56 13.79
C LYS B 171 6.38 -25.08 13.81
N ILE B 172 5.29 -24.75 14.49
CA ILE B 172 4.83 -23.36 14.56
C ILE B 172 5.64 -22.69 15.66
N PRO B 173 6.31 -21.54 15.35
CA PRO B 173 7.07 -20.86 16.39
C PRO B 173 6.23 -20.59 17.64
N GLU B 174 6.74 -21.00 18.79
CA GLU B 174 6.08 -20.76 20.06
C GLU B 174 5.42 -19.36 20.13
N GLN B 175 4.21 -19.30 20.69
CA GLN B 175 3.51 -18.01 20.88
C GLN B 175 3.06 -17.41 19.56
N SER B 176 2.71 -18.28 18.61
CA SER B 176 2.03 -17.83 17.42
C SER B 176 0.57 -18.12 17.62
N VAL B 177 -0.29 -17.43 16.88
CA VAL B 177 -1.72 -17.69 16.90
C VAL B 177 -2.15 -18.76 15.88
N LEU B 178 -2.94 -19.71 16.38
CA LEU B 178 -3.42 -20.78 15.55
C LEU B 178 -4.95 -20.70 15.47
N LEU B 179 -5.46 -20.44 14.26
CA LEU B 179 -6.91 -20.38 14.06
C LEU B 179 -7.46 -21.80 13.81
N LEU B 180 -8.59 -22.11 14.46
CA LEU B 180 -9.29 -23.41 14.29
C LEU B 180 -10.80 -23.27 14.08
N HIS B 181 -11.31 -23.95 13.07
CA HIS B 181 -12.73 -24.11 12.91
C HIS B 181 -13.22 -25.06 14.01
N ALA B 182 -14.16 -24.60 14.84
CA ALA B 182 -14.59 -25.41 16.00
C ALA B 182 -15.25 -26.72 15.57
N CYS B 183 -16.04 -26.60 14.49
CA CYS B 183 -16.67 -27.74 13.81
C CYS B 183 -17.14 -27.27 12.43
N ALA B 184 -17.59 -28.21 11.61
CA ALA B 184 -18.04 -27.95 10.22
C ALA B 184 -17.06 -27.05 9.48
N HIS B 185 -15.83 -27.49 9.33
CA HIS B 185 -14.86 -26.70 8.58
C HIS B 185 -15.48 -26.13 7.30
N ASN B 186 -15.16 -24.90 7.01
CA ASN B 186 -15.62 -24.27 5.79
C ASN B 186 -14.35 -23.92 5.02
N PRO B 187 -14.20 -24.33 3.75
CA PRO B 187 -15.24 -24.84 2.78
C PRO B 187 -15.38 -26.36 2.59
N THR B 188 -14.58 -27.18 3.30
CA THR B 188 -14.40 -28.61 2.94
C THR B 188 -15.33 -29.61 3.65
N GLY B 189 -15.70 -29.33 4.88
CA GLY B 189 -16.59 -30.20 5.62
C GLY B 189 -15.82 -31.15 6.53
N VAL B 190 -14.49 -31.05 6.52
CA VAL B 190 -13.62 -32.05 7.14
C VAL B 190 -13.17 -31.61 8.53
N ASP B 191 -13.65 -32.33 9.54
CA ASP B 191 -13.33 -32.00 10.91
C ASP B 191 -12.51 -33.10 11.55
N PRO B 192 -11.62 -32.71 12.50
CA PRO B 192 -10.91 -33.68 13.32
C PRO B 192 -11.88 -34.45 14.21
N ARG B 193 -11.55 -35.69 14.57
CA ARG B 193 -12.36 -36.49 15.52
C ARG B 193 -11.90 -36.20 16.96
N PRO B 194 -12.77 -36.48 17.96
CA PRO B 194 -12.36 -36.16 19.35
C PRO B 194 -10.92 -36.58 19.75
N GLU B 195 -10.49 -37.78 19.38
CA GLU B 195 -9.10 -38.21 19.68
C GLU B 195 -8.04 -37.44 18.90
N GLN B 196 -8.42 -36.88 17.75
CA GLN B 196 -7.49 -36.08 16.96
C GLN B 196 -7.28 -34.69 17.59
N TRP B 197 -8.36 -34.10 18.06
CA TRP B 197 -8.38 -32.87 18.82
C TRP B 197 -7.56 -32.89 20.08
N LYS B 198 -7.65 -34.01 20.81
CA LYS B 198 -6.90 -34.20 22.06
C LYS B 198 -5.41 -34.01 21.84
N GLU B 199 -4.96 -34.39 20.65
CA GLU B 199 -3.56 -34.34 20.30
C GLU B 199 -3.19 -32.98 19.76
N ILE B 200 -4.13 -32.31 19.09
CA ILE B 200 -3.88 -30.93 18.71
C ILE B 200 -3.79 -30.11 19.99
N ALA B 201 -4.72 -30.36 20.92
CA ALA B 201 -4.69 -29.65 22.21
C ALA B 201 -3.39 -29.87 22.98
N SER B 202 -2.74 -31.01 22.77
CA SER B 202 -1.46 -31.29 23.43
C SER B 202 -0.31 -30.51 22.86
N VAL B 203 -0.22 -30.46 21.55
CA VAL B 203 0.79 -29.66 20.91
C VAL B 203 0.62 -28.16 21.26
N VAL B 204 -0.61 -27.67 21.16
CA VAL B 204 -0.90 -26.28 21.45
C VAL B 204 -0.45 -25.87 22.87
N LYS B 205 -0.74 -26.71 23.86
CA LYS B 205 -0.36 -26.42 25.23
C LYS B 205 1.17 -26.52 25.38
N LYS B 206 1.76 -27.59 24.86
CA LYS B 206 3.19 -27.76 25.01
C LYS B 206 3.99 -26.65 24.30
N LYS B 207 3.66 -26.39 23.04
CA LYS B 207 4.40 -25.40 22.23
C LYS B 207 3.96 -23.95 22.50
N ASN B 208 3.10 -23.75 23.51
CA ASN B 208 2.59 -22.42 23.89
C ASN B 208 2.04 -21.59 22.70
N LEU B 209 1.14 -22.19 21.94
CA LEU B 209 0.47 -21.49 20.87
C LEU B 209 -0.81 -20.88 21.44
N PHE B 210 -1.23 -19.79 20.82
CA PHE B 210 -2.51 -19.19 21.14
C PHE B 210 -3.61 -19.76 20.22
N ALA B 211 -4.68 -20.25 20.85
CA ALA B 211 -5.76 -20.82 20.07
C ALA B 211 -7.01 -19.94 19.90
N PHE B 212 -7.25 -19.61 18.63
CA PHE B 212 -8.32 -18.76 18.18
C PHE B 212 -9.39 -19.63 17.50
N PHE B 213 -10.51 -19.89 18.18
CA PHE B 213 -11.57 -20.67 17.54
C PHE B 213 -12.56 -19.80 16.78
N ASP B 214 -12.86 -20.25 15.58
CA ASP B 214 -13.95 -19.70 14.83
C ASP B 214 -15.06 -20.75 14.91
N MET B 215 -16.20 -20.39 15.53
CA MET B 215 -17.33 -21.32 15.72
C MET B 215 -18.62 -20.80 15.09
N ALA B 216 -18.80 -21.05 13.80
CA ALA B 216 -19.95 -20.52 13.07
C ALA B 216 -21.15 -21.51 13.05
N TYR B 217 -20.90 -22.76 13.44
CA TYR B 217 -21.90 -23.81 13.18
C TYR B 217 -22.40 -24.65 14.38
N GLN B 218 -22.27 -24.15 15.62
CA GLN B 218 -22.67 -24.93 16.78
C GLN B 218 -24.13 -25.40 16.77
N GLY B 219 -24.31 -26.71 16.74
CA GLY B 219 -25.64 -27.35 16.73
C GLY B 219 -26.20 -27.65 15.34
N PHE B 220 -25.88 -26.77 14.41
CA PHE B 220 -26.28 -26.84 13.01
C PHE B 220 -25.39 -27.84 12.30
N ALA B 221 -24.19 -28.05 12.85
CA ALA B 221 -23.20 -28.97 12.29
C ALA B 221 -23.69 -30.41 12.38
N SER B 222 -23.93 -30.87 13.61
CA SER B 222 -24.19 -32.27 13.90
C SER B 222 -25.66 -32.50 14.35
N GLY B 223 -26.31 -31.43 14.78
CA GLY B 223 -27.65 -31.51 15.37
C GLY B 223 -27.49 -31.41 16.86
N ASP B 224 -26.24 -31.55 17.31
CA ASP B 224 -25.94 -31.58 18.73
C ASP B 224 -24.91 -30.53 19.18
N GLY B 225 -25.42 -29.47 19.78
CA GLY B 225 -24.63 -28.36 20.29
C GLY B 225 -23.44 -28.71 21.16
N ASP B 226 -23.63 -29.64 22.09
CA ASP B 226 -22.53 -30.04 23.02
C ASP B 226 -21.39 -30.73 22.32
N LYS B 227 -21.75 -31.49 21.31
CA LYS B 227 -20.81 -32.28 20.51
C LYS B 227 -20.11 -31.32 19.59
N ASP B 228 -20.87 -30.39 19.02
CA ASP B 228 -20.24 -29.39 18.13
C ASP B 228 -19.27 -28.43 18.91
N ALA B 229 -19.63 -28.06 20.16
CA ALA B 229 -18.75 -27.23 21.03
C ALA B 229 -17.62 -27.99 21.74
N TRP B 230 -17.61 -29.32 21.61
CA TRP B 230 -16.72 -30.17 22.41
C TRP B 230 -15.24 -29.81 22.38
N ALA B 231 -14.67 -29.65 21.18
CA ALA B 231 -13.25 -29.36 21.02
C ALA B 231 -12.90 -28.00 21.67
N VAL B 232 -13.77 -27.00 21.49
CA VAL B 232 -13.54 -25.72 22.19
C VAL B 232 -13.44 -25.97 23.69
N ARG B 233 -14.46 -26.64 24.25
CA ARG B 233 -14.50 -26.92 25.69
C ARG B 233 -13.29 -27.74 26.15
N HIS B 234 -12.81 -28.63 25.28
CA HIS B 234 -11.69 -29.51 25.63
C HIS B 234 -10.43 -28.70 25.86
N PHE B 235 -10.16 -27.82 24.90
CA PHE B 235 -8.95 -27.01 24.94
C PHE B 235 -8.89 -26.19 26.23
N ILE B 236 -10.02 -25.60 26.58
CA ILE B 236 -10.12 -24.80 27.81
C ILE B 236 -9.89 -25.72 29.02
N GLU B 237 -10.52 -26.88 28.99
CA GLU B 237 -10.38 -27.79 30.09
C GLU B 237 -8.89 -28.22 30.21
N GLN B 238 -8.18 -28.18 29.09
CA GLN B 238 -6.75 -28.51 29.07
C GLN B 238 -5.83 -27.37 29.50
N GLY B 239 -6.40 -26.29 30.01
CA GLY B 239 -5.62 -25.12 30.43
C GLY B 239 -5.25 -24.19 29.30
N ILE B 240 -5.96 -24.29 28.20
CA ILE B 240 -5.76 -23.36 27.07
C ILE B 240 -6.77 -22.22 27.20
N ASN B 241 -6.26 -20.98 27.24
CA ASN B 241 -7.12 -19.80 27.30
C ASN B 241 -7.41 -19.28 25.90
N VAL B 242 -8.44 -19.87 25.31
CA VAL B 242 -8.78 -19.59 23.93
C VAL B 242 -9.42 -18.19 23.76
N CYS B 243 -9.46 -17.70 22.53
CA CYS B 243 -10.51 -16.78 22.21
C CYS B 243 -11.45 -17.49 21.19
N LEU B 244 -12.67 -16.94 21.03
CA LEU B 244 -13.77 -17.63 20.35
C LEU B 244 -14.69 -16.64 19.61
N CYS B 245 -14.97 -16.96 18.33
CA CYS B 245 -15.93 -16.23 17.55
C CYS B 245 -17.19 -17.07 17.35
N GLN B 246 -18.36 -16.54 17.70
CA GLN B 246 -19.63 -17.18 17.41
C GLN B 246 -20.44 -16.42 16.40
N SER B 247 -21.28 -17.16 15.65
CA SER B 247 -22.25 -16.62 14.71
C SER B 247 -23.56 -17.32 14.95
N TYR B 248 -24.67 -16.57 14.93
CA TYR B 248 -26.01 -17.12 14.96
C TYR B 248 -26.66 -17.03 13.58
N ALA B 249 -25.89 -16.73 12.54
CA ALA B 249 -26.44 -16.58 11.19
C ALA B 249 -27.11 -17.88 10.69
N1 LLP B 250 -16.81 -17.96 9.80
C2 LLP B 250 -17.24 -18.98 9.04
C2' LLP B 250 -16.42 -20.19 9.04
C3 LLP B 250 -18.39 -18.90 8.28
O3 LLP B 250 -18.70 -19.85 7.64
C4 LLP B 250 -19.19 -17.79 8.26
C4' LLP B 250 -20.64 -17.86 7.73
C5 LLP B 250 -18.70 -16.73 9.04
C6 LLP B 250 -17.56 -16.83 9.81
C5' LLP B 250 -19.38 -15.44 9.15
OP4 LLP B 250 -20.76 -15.46 9.28
P LLP B 250 -21.52 -14.20 9.40
OP1 LLP B 250 -22.48 -14.22 8.40
OP2 LLP B 250 -21.98 -14.38 10.67
OP3 LLP B 250 -20.56 -13.28 9.14
N LLP B 250 -26.41 -18.97 10.88
CA LLP B 250 -26.84 -20.25 10.38
CB LLP B 250 -25.67 -21.01 9.72
CG LLP B 250 -24.50 -20.08 9.27
CD LLP B 250 -24.08 -20.01 7.75
CE LLP B 250 -22.87 -18.97 7.41
NZ LLP B 250 -21.63 -18.56 8.36
C LLP B 250 -27.64 -20.99 11.45
O LLP B 250 -28.77 -21.29 11.18
N ASN B 251 -27.16 -21.18 12.65
CA ASN B 251 -27.98 -21.84 13.65
C ASN B 251 -29.32 -21.25 14.09
N MET B 252 -29.46 -19.94 14.01
CA MET B 252 -30.73 -19.31 14.28
C MET B 252 -31.36 -18.80 13.02
N GLY B 253 -30.68 -18.91 11.91
CA GLY B 253 -31.15 -18.37 10.68
C GLY B 253 -31.21 -16.86 10.66
N LEU B 254 -30.32 -16.24 11.45
CA LEU B 254 -30.35 -14.78 11.64
C LEU B 254 -29.36 -14.04 10.75
N TYR B 255 -29.00 -14.66 9.62
CA TYR B 255 -28.13 -14.07 8.64
C TYR B 255 -27.95 -12.56 8.54
N GLY B 256 -28.96 -11.89 8.04
CA GLY B 256 -28.90 -10.49 7.78
C GLY B 256 -29.18 -9.62 8.97
N GLU B 257 -29.62 -10.21 10.08
CA GLU B 257 -29.74 -9.46 11.35
C GLU B 257 -28.35 -9.21 11.98
N ARG B 258 -27.34 -9.97 11.55
CA ARG B 258 -25.92 -9.85 11.99
C ARG B 258 -25.77 -10.02 13.52
N VAL B 259 -25.95 -11.26 13.97
CA VAL B 259 -25.83 -11.59 15.38
C VAL B 259 -24.61 -12.48 15.66
N GLY B 260 -23.65 -11.98 16.44
CA GLY B 260 -22.51 -12.80 16.80
C GLY B 260 -21.89 -12.29 18.07
N ALA B 261 -20.83 -12.97 18.52
CA ALA B 261 -20.25 -12.65 19.78
C ALA B 261 -18.77 -13.08 19.83
N PHE B 262 -17.95 -12.32 20.54
CA PHE B 262 -16.50 -12.57 20.59
C PHE B 262 -16.15 -12.75 22.04
N THR B 263 -15.49 -13.87 22.34
CA THR B 263 -15.11 -14.23 23.69
C THR B 263 -13.60 -14.40 23.86
N VAL B 264 -13.12 -13.85 24.96
CA VAL B 264 -11.77 -14.08 25.44
C VAL B 264 -11.88 -14.63 26.84
N VAL B 265 -11.39 -15.86 26.94
CA VAL B 265 -11.15 -16.57 28.18
C VAL B 265 -9.82 -16.12 28.78
N CYS B 266 -9.85 -15.76 30.07
CA CYS B 266 -8.66 -15.17 30.75
C CYS B 266 -8.34 -15.90 32.07
N LYS B 267 -7.20 -15.56 32.65
CA LYS B 267 -6.72 -16.26 33.80
C LYS B 267 -7.63 -15.99 34.99
N ASP B 268 -8.17 -14.77 35.04
CA ASP B 268 -9.12 -14.38 36.08
C ASP B 268 -10.02 -13.27 35.64
N ALA B 269 -10.99 -12.95 36.49
CA ALA B 269 -12.00 -11.93 36.25
C ALA B 269 -11.44 -10.51 36.17
N GLU B 270 -10.32 -10.24 36.85
CA GLU B 270 -9.71 -8.89 36.74
C GLU B 270 -8.99 -8.74 35.40
N GLU B 271 -8.48 -9.84 34.89
CA GLU B 271 -7.90 -9.74 33.56
C GLU B 271 -8.99 -9.49 32.51
N ALA B 272 -10.16 -10.10 32.74
CA ALA B 272 -11.25 -9.99 31.81
C ALA B 272 -11.75 -8.52 31.76
N LYS B 273 -11.64 -7.82 32.89
CA LYS B 273 -12.10 -6.46 32.97
C LYS B 273 -11.20 -5.50 32.19
N ARG B 274 -9.91 -5.79 32.23
CA ARG B 274 -8.89 -5.02 31.55
C ARG B 274 -9.08 -5.21 30.07
N VAL B 275 -9.14 -6.48 29.67
CA VAL B 275 -9.33 -6.90 28.29
C VAL B 275 -10.65 -6.34 27.73
N GLU B 276 -11.72 -6.41 28.50
CA GLU B 276 -12.96 -5.87 28.07
C GLU B 276 -12.84 -4.35 27.81
N SER B 277 -12.05 -3.64 28.63
CA SER B 277 -11.99 -2.17 28.51
C SER B 277 -11.40 -1.87 27.14
N GLN B 278 -10.45 -2.71 26.76
CA GLN B 278 -9.70 -2.60 25.53
C GLN B 278 -10.42 -3.06 24.26
N LEU B 279 -11.35 -4.01 24.41
CA LEU B 279 -12.17 -4.39 23.28
C LEU B 279 -13.13 -3.23 22.99
N LYS B 280 -13.58 -2.57 24.04
CA LYS B 280 -14.47 -1.44 23.90
C LYS B 280 -13.83 -0.25 23.18
N ILE B 281 -12.55 0.01 23.49
CA ILE B 281 -11.79 1.02 22.83
C ILE B 281 -11.60 0.64 21.35
N LEU B 282 -11.59 -0.65 20.99
CA LEU B 282 -11.42 -1.04 19.58
C LEU B 282 -12.76 -0.96 18.83
N ILE B 283 -13.83 -1.38 19.51
CA ILE B 283 -15.17 -1.43 18.90
C ILE B 283 -15.76 -0.02 18.59
N ARG B 284 -15.65 0.89 19.54
CA ARG B 284 -16.17 2.22 19.35
C ARG B 284 -15.80 2.88 18.00
N PRO B 285 -14.53 2.86 17.60
CA PRO B 285 -14.22 3.44 16.27
C PRO B 285 -14.40 2.53 15.08
N LEU B 286 -14.90 1.30 15.28
CA LEU B 286 -15.40 0.52 14.14
C LEU B 286 -16.82 0.86 13.77
N TYR B 287 -17.73 0.89 14.77
CA TYR B 287 -19.19 1.14 14.54
C TYR B 287 -19.95 1.62 15.81
N SER B 288 -19.20 2.02 16.85
CA SER B 288 -19.73 2.49 18.17
C SER B 288 -20.46 1.46 18.99
N ASN B 289 -21.48 0.87 18.42
CA ASN B 289 -22.29 -0.04 19.18
C ASN B 289 -23.06 -0.96 18.25
N PRO B 290 -23.40 -2.17 18.72
CA PRO B 290 -23.98 -3.16 17.85
C PRO B 290 -25.51 -3.08 17.66
N PRO B 291 -26.00 -3.65 16.54
CA PRO B 291 -27.42 -3.73 16.20
C PRO B 291 -28.26 -4.46 17.22
N LEU B 292 -29.41 -3.88 17.46
CA LEU B 292 -30.39 -4.33 18.40
C LEU B 292 -31.28 -5.57 18.07
N ASN B 293 -31.77 -5.68 16.86
CA ASN B 293 -32.88 -6.58 16.51
C ASN B 293 -32.47 -8.03 16.76
N GLY B 294 -31.37 -8.44 16.15
CA GLY B 294 -30.95 -9.82 16.21
C GLY B 294 -30.65 -10.31 17.61
N ALA B 295 -29.89 -9.51 18.35
CA ALA B 295 -29.46 -9.87 19.68
C ALA B 295 -30.65 -9.99 20.62
N ARG B 296 -31.67 -9.17 20.41
CA ARG B 296 -32.89 -9.26 21.21
C ARG B 296 -33.56 -10.58 20.95
N ILE B 297 -33.64 -10.95 19.67
CA ILE B 297 -34.20 -12.20 19.30
C ILE B 297 -33.42 -13.35 19.90
N ALA B 298 -32.11 -13.42 19.65
CA ALA B 298 -31.24 -14.49 20.19
C ALA B 298 -31.36 -14.62 21.71
N ALA B 299 -31.15 -13.50 22.41
CA ALA B 299 -31.30 -13.47 23.86
C ALA B 299 -32.65 -14.05 24.37
N THR B 300 -33.73 -13.82 23.63
CA THR B 300 -35.09 -14.22 24.06
C THR B 300 -35.20 -15.72 23.92
N ILE B 301 -34.73 -16.24 22.81
CA ILE B 301 -34.65 -17.65 22.62
C ILE B 301 -33.83 -18.29 23.74
N LEU B 302 -32.61 -17.77 23.98
CA LEU B 302 -31.70 -18.52 24.85
C LEU B 302 -32.08 -18.48 26.32
N THR B 303 -32.79 -17.44 26.76
CA THR B 303 -33.08 -17.26 28.19
C THR B 303 -34.47 -17.76 28.60
N SER B 304 -35.17 -18.33 27.64
CA SER B 304 -36.45 -18.97 27.92
C SER B 304 -36.29 -20.48 27.70
N PRO B 305 -36.43 -21.27 28.77
CA PRO B 305 -36.29 -22.74 28.75
C PRO B 305 -37.19 -23.38 27.67
N ASP B 306 -38.46 -23.00 27.60
CA ASP B 306 -39.32 -23.52 26.57
C ASP B 306 -38.78 -23.21 25.17
N LEU B 307 -38.59 -21.93 24.85
CA LEU B 307 -38.12 -21.52 23.52
C LEU B 307 -36.76 -22.10 23.20
N ARG B 308 -35.85 -22.03 24.15
CA ARG B 308 -34.53 -22.57 23.88
C ARG B 308 -34.65 -24.03 23.44
N LYS B 309 -35.47 -24.79 24.16
CA LYS B 309 -35.70 -26.22 23.86
C LYS B 309 -36.30 -26.42 22.46
N GLN B 310 -37.24 -25.57 22.08
CA GLN B 310 -37.81 -25.62 20.74
C GLN B 310 -36.80 -25.29 19.64
N TRP B 311 -36.02 -24.24 19.89
CA TRP B 311 -35.01 -23.79 18.93
C TRP B 311 -33.98 -24.90 18.66
N LEU B 312 -33.48 -25.54 19.71
CA LEU B 312 -32.57 -26.67 19.56
C LEU B 312 -33.21 -27.80 18.75
N GLN B 313 -34.51 -27.97 18.86
CA GLN B 313 -35.00 -29.05 18.03
C GLN B 313 -35.19 -28.61 16.56
N GLU B 314 -35.36 -27.30 16.33
CA GLU B 314 -35.31 -26.79 14.94
C GLU B 314 -33.90 -26.87 14.33
N VAL B 315 -32.87 -26.55 15.13
CA VAL B 315 -31.48 -26.65 14.70
C VAL B 315 -31.18 -28.09 14.31
N LYS B 316 -31.76 -29.02 15.05
CA LYS B 316 -31.55 -30.43 14.80
C LYS B 316 -32.22 -30.86 13.50
N GLY B 317 -33.41 -30.34 13.21
CA GLY B 317 -34.07 -30.59 11.91
C GLY B 317 -33.21 -30.14 10.72
N MET B 318 -32.60 -28.96 10.83
CA MET B 318 -31.71 -28.50 9.74
C MET B 318 -30.47 -29.37 9.58
N ALA B 319 -29.82 -29.68 10.71
CA ALA B 319 -28.64 -30.55 10.66
C ALA B 319 -29.02 -31.89 10.04
N ASP B 320 -30.24 -32.33 10.34
CA ASP B 320 -30.62 -33.68 9.99
C ASP B 320 -30.93 -33.75 8.50
N ARG B 321 -31.79 -32.84 8.01
CA ARG B 321 -32.00 -32.70 6.56
C ARG B 321 -30.68 -32.66 5.77
N ILE B 322 -29.68 -31.95 6.30
CA ILE B 322 -28.34 -31.95 5.68
C ILE B 322 -27.64 -33.33 5.71
N ILE B 323 -27.71 -34.01 6.85
CA ILE B 323 -27.15 -35.36 6.99
C ILE B 323 -27.84 -36.31 5.98
N SER B 324 -29.17 -36.28 5.95
CA SER B 324 -30.01 -36.99 5.01
C SER B 324 -29.66 -36.76 3.52
N MET B 325 -29.46 -35.51 3.09
CA MET B 325 -28.98 -35.29 1.72
C MET B 325 -27.58 -35.90 1.49
N ARG B 326 -26.76 -35.87 2.53
CA ARG B 326 -25.43 -36.44 2.46
C ARG B 326 -25.51 -37.94 2.25
N THR B 327 -26.34 -38.64 3.06
CA THR B 327 -26.40 -40.10 2.97
C THR B 327 -27.14 -40.55 1.68
N GLN B 328 -28.33 -39.99 1.40
CA GLN B 328 -28.99 -40.12 0.08
C GLN B 328 -28.11 -39.87 -1.19
N LEU B 329 -27.31 -38.81 -1.24
CA LEU B 329 -26.36 -38.69 -2.36
C LEU B 329 -25.41 -39.93 -2.48
N VAL B 330 -24.84 -40.40 -1.38
CA VAL B 330 -23.94 -41.55 -1.44
C VAL B 330 -24.65 -42.83 -1.93
N SER B 331 -25.83 -43.13 -1.39
CA SER B 331 -26.56 -44.32 -1.79
C SER B 331 -26.96 -44.25 -3.26
N ASN B 332 -27.40 -43.07 -3.69
CA ASN B 332 -27.86 -42.88 -5.05
C ASN B 332 -26.71 -43.04 -6.04
N LEU B 333 -25.51 -42.67 -5.62
CA LEU B 333 -24.32 -42.87 -6.44
C LEU B 333 -23.97 -44.35 -6.58
N LYS B 334 -24.16 -45.11 -5.50
CA LYS B 334 -24.12 -46.57 -5.60
C LYS B 334 -25.20 -47.04 -6.60
N LYS B 335 -26.47 -46.86 -6.24
CA LYS B 335 -27.61 -47.17 -7.12
C LYS B 335 -27.33 -46.94 -8.62
N GLU B 336 -26.66 -45.84 -8.97
CA GLU B 336 -26.30 -45.48 -10.36
C GLU B 336 -25.19 -46.33 -10.95
N GLY B 337 -24.35 -46.87 -10.09
CA GLY B 337 -23.34 -47.77 -10.54
C GLY B 337 -21.93 -47.26 -10.38
N SER B 338 -21.75 -46.19 -9.59
CA SER B 338 -20.41 -45.67 -9.33
C SER B 338 -19.56 -46.66 -8.52
N SER B 339 -18.29 -46.65 -8.85
CA SER B 339 -17.27 -47.53 -8.30
C SER B 339 -16.47 -46.83 -7.17
N HIS B 340 -16.36 -45.50 -7.25
CA HIS B 340 -15.54 -44.74 -6.31
C HIS B 340 -16.05 -44.79 -4.88
N ASN B 341 -15.09 -44.79 -3.95
CA ASN B 341 -15.37 -44.52 -2.55
C ASN B 341 -15.85 -43.06 -2.33
N TRP B 342 -17.09 -42.92 -1.90
CA TRP B 342 -17.71 -41.62 -1.67
C TRP B 342 -18.05 -41.43 -0.19
N GLN B 343 -17.42 -42.18 0.71
CA GLN B 343 -17.75 -42.11 2.16
C GLN B 343 -17.40 -40.71 2.73
N HIS B 344 -16.73 -39.89 1.90
CA HIS B 344 -16.29 -38.60 2.36
C HIS B 344 -17.45 -37.61 2.34
N ILE B 345 -18.32 -37.71 1.36
CA ILE B 345 -19.57 -36.96 1.37
C ILE B 345 -20.32 -37.17 2.69
N THR B 346 -19.96 -38.23 3.40
CA THR B 346 -20.75 -38.69 4.55
C THR B 346 -19.96 -38.55 5.88
N ASP B 347 -18.62 -38.58 5.79
CA ASP B 347 -17.73 -38.29 6.93
C ASP B 347 -17.63 -36.79 7.16
N GLN B 348 -17.77 -36.02 6.08
CA GLN B 348 -17.80 -34.57 6.15
C GLN B 348 -19.04 -34.02 6.89
N ILE B 349 -18.86 -32.86 7.52
CA ILE B 349 -19.84 -32.30 8.47
C ILE B 349 -20.25 -30.89 8.12
N GLY B 350 -21.55 -30.67 8.09
CA GLY B 350 -22.11 -29.34 7.97
C GLY B 350 -22.55 -29.14 6.55
N MET B 351 -22.97 -27.93 6.24
CA MET B 351 -23.52 -27.62 4.95
C MET B 351 -22.55 -27.53 3.76
N PHE B 352 -21.25 -27.57 4.03
CA PHE B 352 -20.32 -27.58 2.90
C PHE B 352 -19.65 -28.90 2.70
N CYS B 353 -19.54 -29.28 1.43
CA CYS B 353 -18.92 -30.55 1.06
C CYS B 353 -17.86 -30.37 -0.04
N PHE B 354 -16.63 -30.78 0.23
CA PHE B 354 -15.62 -30.86 -0.82
C PHE B 354 -15.81 -32.25 -1.44
N THR B 355 -16.19 -32.29 -2.72
CA THR B 355 -16.75 -33.50 -3.32
C THR B 355 -15.64 -34.37 -3.88
N GLY B 356 -14.54 -33.73 -4.25
CA GLY B 356 -13.36 -34.40 -4.82
C GLY B 356 -13.36 -34.23 -6.33
N LEU B 357 -14.44 -33.71 -6.89
CA LEU B 357 -14.51 -33.42 -8.32
C LEU B 357 -13.42 -32.47 -8.82
N LYS B 358 -12.65 -32.91 -9.83
CA LYS B 358 -11.65 -32.08 -10.52
C LYS B 358 -12.33 -30.95 -11.30
N PRO B 359 -11.54 -29.89 -11.67
CA PRO B 359 -12.11 -28.71 -12.39
C PRO B 359 -12.82 -29.01 -13.71
N GLU B 360 -12.29 -29.93 -14.51
CA GLU B 360 -12.89 -30.35 -15.82
C GLU B 360 -14.32 -30.84 -15.59
N GLN B 361 -14.42 -31.77 -14.64
CA GLN B 361 -15.66 -32.42 -14.26
C GLN B 361 -16.70 -31.41 -13.74
N VAL B 362 -16.21 -30.39 -13.02
CA VAL B 362 -17.07 -29.27 -12.57
C VAL B 362 -17.70 -28.60 -13.80
N GLU B 363 -16.90 -28.38 -14.84
CA GLU B 363 -17.36 -27.75 -16.10
C GLU B 363 -18.41 -28.60 -16.79
N ARG B 364 -18.14 -29.90 -16.87
CA ARG B 364 -19.05 -30.84 -17.47
C ARG B 364 -20.42 -30.82 -16.79
N LEU B 365 -20.46 -30.81 -15.46
CA LEU B 365 -21.74 -30.78 -14.72
C LEU B 365 -22.56 -29.52 -15.02
N THR B 366 -21.85 -28.40 -15.24
CA THR B 366 -22.48 -27.11 -15.58
C THR B 366 -22.99 -27.08 -17.02
N LYS B 367 -22.15 -27.48 -17.97
CA LYS B 367 -22.54 -27.46 -19.40
C LYS B 367 -23.53 -28.56 -19.76
N GLU B 368 -23.03 -29.80 -19.81
CA GLU B 368 -23.85 -30.98 -20.05
C GLU B 368 -25.11 -31.09 -19.16
N PHE B 369 -24.96 -30.92 -17.83
CA PHE B 369 -26.07 -31.24 -16.88
C PHE B 369 -26.79 -30.13 -16.16
N SER B 370 -26.27 -28.90 -16.26
CA SER B 370 -26.77 -27.76 -15.47
C SER B 370 -26.67 -27.92 -13.92
N VAL B 371 -25.51 -28.36 -13.44
CA VAL B 371 -25.26 -28.38 -12.00
C VAL B 371 -24.18 -27.39 -11.66
N TYR B 372 -24.59 -26.34 -10.97
CA TYR B 372 -23.72 -25.20 -10.67
C TYR B 372 -23.05 -25.31 -9.31
N MET B 373 -21.72 -25.40 -9.34
CA MET B 373 -20.92 -25.35 -8.13
C MET B 373 -19.59 -24.65 -8.44
N THR B 374 -18.94 -24.12 -7.41
CA THR B 374 -17.61 -23.53 -7.59
C THR B 374 -16.57 -24.58 -8.01
N LYS B 375 -15.49 -24.08 -8.63
CA LYS B 375 -14.46 -24.87 -9.33
C LYS B 375 -13.64 -25.78 -8.43
N ASP B 376 -13.62 -25.48 -7.14
CA ASP B 376 -12.85 -26.25 -6.17
C ASP B 376 -13.53 -27.61 -5.85
N GLY B 377 -14.74 -27.79 -6.38
CA GLY B 377 -15.50 -28.99 -6.21
C GLY B 377 -16.33 -28.99 -4.94
N ARG B 378 -16.54 -27.80 -4.38
CA ARG B 378 -17.37 -27.63 -3.19
C ARG B 378 -18.82 -27.47 -3.61
N ILE B 379 -19.72 -28.17 -2.94
CA ILE B 379 -21.16 -27.95 -3.12
C ILE B 379 -21.74 -27.44 -1.79
N SER B 380 -22.84 -26.70 -1.88
CA SER B 380 -23.64 -26.46 -0.73
C SER B 380 -24.66 -27.62 -0.60
N VAL B 381 -24.52 -28.42 0.45
CA VAL B 381 -25.47 -29.52 0.71
C VAL B 381 -26.89 -28.97 0.89
N ALA B 382 -27.03 -27.74 1.40
CA ALA B 382 -28.35 -27.12 1.55
C ALA B 382 -29.12 -26.97 0.24
N GLY B 383 -28.42 -26.96 -0.90
CA GLY B 383 -29.06 -26.83 -2.20
C GLY B 383 -29.50 -28.13 -2.83
N VAL B 384 -29.13 -29.24 -2.18
CA VAL B 384 -29.59 -30.59 -2.50
C VAL B 384 -30.98 -30.81 -1.86
N THR B 385 -31.97 -31.24 -2.64
CA THR B 385 -33.30 -31.56 -2.09
C THR B 385 -33.59 -33.03 -2.32
N SER B 386 -34.64 -33.57 -1.69
CA SER B 386 -35.03 -34.95 -1.99
C SER B 386 -35.54 -35.03 -3.45
N GLY B 387 -36.31 -34.01 -3.83
CA GLY B 387 -36.57 -33.69 -5.23
C GLY B 387 -35.42 -33.85 -6.21
N ASN B 388 -34.25 -33.23 -5.99
CA ASN B 388 -33.15 -33.20 -7.00
C ASN B 388 -31.95 -34.12 -6.73
N VAL B 389 -31.95 -34.83 -5.62
CA VAL B 389 -30.76 -35.58 -5.27
C VAL B 389 -30.51 -36.76 -6.22
N GLY B 390 -31.60 -37.31 -6.77
CA GLY B 390 -31.51 -38.41 -7.71
C GLY B 390 -30.70 -37.97 -8.90
N TYR B 391 -31.17 -36.90 -9.54
CA TYR B 391 -30.53 -36.29 -10.72
C TYR B 391 -29.06 -35.87 -10.49
N LEU B 392 -28.75 -35.46 -9.26
CA LEU B 392 -27.39 -35.06 -8.95
C LEU B 392 -26.50 -36.29 -8.97
N ALA B 393 -26.98 -37.38 -8.39
CA ALA B 393 -26.21 -38.64 -8.38
C ALA B 393 -25.93 -39.14 -9.79
N HIS B 394 -26.89 -38.92 -10.68
CA HIS B 394 -26.80 -39.37 -12.03
C HIS B 394 -25.71 -38.56 -12.71
N ALA B 395 -25.85 -37.23 -12.60
CA ALA B 395 -24.94 -36.31 -13.23
C ALA B 395 -23.51 -36.52 -12.75
N ILE B 396 -23.30 -36.67 -11.44
CA ILE B 396 -21.94 -36.82 -10.88
C ILE B 396 -21.30 -38.14 -11.31
N HIS B 397 -22.14 -39.16 -11.43
CA HIS B 397 -21.69 -40.50 -11.79
C HIS B 397 -21.16 -40.49 -13.22
N GLN B 398 -21.92 -39.85 -14.10
CA GLN B 398 -21.57 -39.74 -15.50
C GLN B 398 -20.18 -39.15 -15.68
N VAL B 399 -19.95 -37.97 -15.11
CA VAL B 399 -18.68 -37.29 -15.28
C VAL B 399 -17.53 -37.98 -14.55
N THR B 400 -17.84 -38.97 -13.70
CA THR B 400 -16.75 -39.64 -12.94
C THR B 400 -16.51 -41.12 -13.28
N LYS B 401 -17.39 -41.69 -14.09
CA LYS B 401 -17.28 -43.10 -14.52
C LYS B 401 -16.04 -43.35 -15.40
N SER C 1 -2.02 4.17 -37.50
CA SER C 1 -1.76 4.16 -36.02
C SER C 1 -0.69 3.12 -35.61
N SER C 2 0.18 3.51 -34.69
CA SER C 2 1.08 2.58 -34.04
C SER C 2 0.74 2.66 -32.57
N TRP C 3 1.52 2.01 -31.72
CA TRP C 3 1.31 2.08 -30.27
C TRP C 3 1.49 3.48 -29.67
N TRP C 4 2.21 4.35 -30.37
CA TRP C 4 2.77 5.55 -29.75
C TRP C 4 2.34 6.82 -30.43
N THR C 5 1.31 6.70 -31.28
CA THR C 5 0.81 7.82 -32.07
C THR C 5 0.40 9.01 -31.19
N HIS C 6 -0.06 8.70 -29.99
CA HIS C 6 -0.54 9.70 -29.07
C HIS C 6 0.63 10.26 -28.23
N VAL C 7 1.84 9.70 -28.31
CA VAL C 7 2.91 10.16 -27.42
C VAL C 7 3.43 11.52 -27.88
N GLU C 8 3.23 12.52 -27.02
CA GLU C 8 3.51 13.89 -27.40
C GLU C 8 4.98 14.15 -27.26
N MET C 9 5.49 15.06 -28.08
CA MET C 9 6.85 15.53 -27.93
C MET C 9 6.92 16.23 -26.58
N GLY C 10 7.75 15.75 -25.66
CA GLY C 10 7.87 16.39 -24.34
C GLY C 10 8.53 17.77 -24.44
N PRO C 11 8.41 18.63 -23.41
CA PRO C 11 9.10 19.92 -23.49
C PRO C 11 10.62 19.79 -23.66
N PRO C 12 11.23 20.71 -24.34
CA PRO C 12 12.67 20.79 -24.35
C PRO C 12 13.17 21.32 -22.99
N ASP C 13 14.19 20.67 -22.46
CA ASP C 13 14.77 21.09 -21.21
C ASP C 13 15.62 22.30 -21.45
N PRO C 14 15.34 23.35 -20.68
CA PRO C 14 15.84 24.70 -20.89
C PRO C 14 17.33 24.88 -20.71
N ILE C 15 17.95 24.09 -19.88
CA ILE C 15 19.33 24.28 -19.58
C ILE C 15 20.16 23.81 -20.73
N LEU C 16 19.71 22.77 -21.39
CA LEU C 16 20.39 22.23 -22.56
C LEU C 16 20.24 23.18 -23.74
N GLY C 17 19.05 23.75 -23.89
CA GLY C 17 18.82 24.84 -24.84
C GLY C 17 19.86 25.92 -24.70
N VAL C 18 20.07 26.37 -23.46
CA VAL C 18 20.99 27.45 -23.22
C VAL C 18 22.37 27.03 -23.72
N THR C 19 22.76 25.80 -23.37
CA THR C 19 24.10 25.29 -23.73
C THR C 19 24.28 25.08 -25.22
N GLU C 20 23.22 24.63 -25.88
CA GLU C 20 23.21 24.38 -27.30
C GLU C 20 23.29 25.67 -28.11
N ALA C 21 22.59 26.72 -27.66
CA ALA C 21 22.64 28.05 -28.27
C ALA C 21 23.99 28.74 -28.06
N PHE C 22 24.56 28.60 -26.86
CA PHE C 22 25.90 29.09 -26.61
C PHE C 22 26.82 28.51 -27.65
N LYS C 23 26.65 27.20 -27.91
CA LYS C 23 27.61 26.43 -28.70
C LYS C 23 27.66 26.97 -30.12
N ARG C 24 26.49 27.27 -30.66
CA ARG C 24 26.43 27.79 -32.01
C ARG C 24 26.25 29.30 -31.97
N ASP C 25 27.02 29.97 -31.13
CA ASP C 25 27.01 31.44 -31.10
C ASP C 25 28.40 31.90 -31.51
N THR C 26 28.51 32.48 -32.69
CA THR C 26 29.85 32.71 -33.24
C THR C 26 30.67 33.80 -32.51
N ASN C 27 30.00 34.60 -31.65
CA ASN C 27 30.66 35.66 -30.86
C ASN C 27 31.87 35.14 -30.10
N SER C 28 33.02 35.75 -30.36
CA SER C 28 34.26 35.39 -29.68
C SER C 28 34.25 35.76 -28.18
N LYS C 29 33.36 36.68 -27.78
CA LYS C 29 33.26 37.09 -26.38
C LYS C 29 32.35 36.15 -25.54
N LYS C 30 31.60 35.27 -26.19
CA LYS C 30 30.56 34.47 -25.55
C LYS C 30 31.04 33.73 -24.30
N MET C 31 30.14 33.61 -23.32
CA MET C 31 30.39 32.91 -22.06
C MET C 31 29.22 31.99 -21.76
N ASN C 32 29.53 30.77 -21.33
CA ASN C 32 28.50 29.85 -20.90
C ASN C 32 28.38 29.81 -19.38
N LEU C 33 27.34 30.43 -18.84
CA LEU C 33 27.15 30.42 -17.38
C LEU C 33 26.01 29.52 -17.01
N GLY C 34 25.70 28.58 -17.91
CA GLY C 34 24.65 27.57 -17.72
C GLY C 34 25.23 26.21 -17.43
N VAL C 35 26.56 26.06 -17.49
CA VAL C 35 27.25 24.76 -17.31
C VAL C 35 27.07 24.27 -15.88
N GLY C 36 26.61 23.05 -15.71
CA GLY C 36 26.32 22.55 -14.38
C GLY C 36 27.43 21.69 -13.81
N ALA C 37 28.69 22.02 -14.14
CA ALA C 37 29.83 21.27 -13.61
C ALA C 37 31.02 22.18 -13.37
N TYR C 38 31.93 21.78 -12.49
CA TYR C 38 33.18 22.51 -12.35
C TYR C 38 33.96 22.63 -13.67
N ARG C 39 34.54 23.81 -13.86
CA ARG C 39 35.46 24.07 -14.93
C ARG C 39 36.63 24.85 -14.35
N ASP C 40 37.84 24.57 -14.83
CA ASP C 40 39.02 25.29 -14.33
C ASP C 40 39.12 26.70 -14.87
N ASP C 41 40.14 27.43 -14.53
CA ASP C 41 40.32 28.74 -15.10
C ASP C 41 40.45 28.88 -16.62
N ASN C 42 40.64 27.80 -17.36
CA ASN C 42 40.64 27.91 -18.83
C ASN C 42 39.36 27.41 -19.48
N GLY C 43 38.31 27.25 -18.68
CA GLY C 43 37.05 26.69 -19.21
C GLY C 43 37.03 25.18 -19.43
N LYS C 44 38.05 24.47 -18.94
CA LYS C 44 38.18 23.02 -19.15
C LYS C 44 37.67 22.16 -18.00
N PRO C 45 37.13 20.96 -18.31
CA PRO C 45 36.86 19.93 -17.27
C PRO C 45 38.09 19.71 -16.40
N TYR C 46 37.94 19.09 -15.23
CA TYR C 46 39.05 18.94 -14.34
C TYR C 46 38.93 17.60 -13.58
N VAL C 47 39.89 16.69 -13.81
CA VAL C 47 39.90 15.41 -13.11
C VAL C 47 40.86 15.57 -11.94
N LEU C 48 40.42 15.29 -10.72
CA LEU C 48 41.27 15.48 -9.55
C LEU C 48 42.49 14.58 -9.60
N PRO C 49 43.69 15.15 -9.44
CA PRO C 49 44.89 14.38 -9.34
C PRO C 49 44.73 13.20 -8.39
N SER C 50 44.23 13.43 -7.19
CA SER C 50 43.95 12.32 -6.25
C SER C 50 43.06 11.20 -6.87
N VAL C 51 42.19 11.59 -7.81
CA VAL C 51 41.34 10.64 -8.55
C VAL C 51 42.15 9.83 -9.57
N ARG C 52 43.00 10.47 -10.39
CA ARG C 52 43.91 9.73 -11.25
C ARG C 52 44.84 8.80 -10.41
N LYS C 53 45.30 9.29 -9.26
CA LYS C 53 46.14 8.46 -8.38
C LYS C 53 45.37 7.22 -7.93
N ALA C 54 44.12 7.40 -7.47
CA ALA C 54 43.26 6.29 -7.08
C ALA C 54 43.00 5.26 -8.21
N GLU C 55 42.70 5.72 -9.43
CA GLU C 55 42.53 4.81 -10.58
C GLU C 55 43.76 3.93 -10.94
N ALA C 56 44.93 4.56 -11.05
CA ALA C 56 46.22 3.87 -11.17
C ALA C 56 46.39 2.81 -10.08
N GLN C 57 46.19 3.19 -8.83
CA GLN C 57 46.25 2.19 -7.78
C GLN C 57 45.29 1.06 -8.08
N ILE C 58 44.05 1.39 -8.39
CA ILE C 58 43.02 0.38 -8.62
C ILE C 58 43.39 -0.54 -9.78
N ALA C 59 43.80 0.07 -10.91
CA ALA C 59 44.29 -0.64 -12.10
C ALA C 59 45.41 -1.62 -11.71
N ALA C 60 46.33 -1.17 -10.88
CA ALA C 60 47.40 -2.02 -10.36
C ALA C 60 46.92 -3.27 -9.64
N LYS C 61 45.74 -3.21 -9.01
CA LYS C 61 45.25 -4.41 -8.24
C LYS C 61 44.55 -5.45 -9.17
N ASN C 62 44.40 -5.08 -10.44
CA ASN C 62 43.85 -5.99 -11.43
C ASN C 62 42.50 -6.62 -10.95
N LEU C 63 41.54 -5.76 -10.66
CA LEU C 63 40.32 -6.24 -9.99
C LEU C 63 39.31 -6.81 -10.98
N ASP C 64 38.44 -7.69 -10.46
CA ASP C 64 37.31 -8.18 -11.24
C ASP C 64 36.24 -7.08 -11.51
N LYS C 65 35.14 -7.48 -12.14
CA LYS C 65 34.13 -6.56 -12.53
C LYS C 65 32.77 -7.13 -12.09
N GLU C 66 32.76 -7.83 -10.95
CA GLU C 66 31.58 -8.58 -10.46
C GLU C 66 30.46 -7.69 -9.81
N TYR C 67 29.23 -8.19 -9.76
CA TYR C 67 28.15 -7.48 -9.07
C TYR C 67 28.56 -7.06 -7.64
N LEU C 68 28.34 -5.79 -7.30
CA LEU C 68 28.32 -5.40 -5.90
C LEU C 68 27.08 -5.95 -5.29
N PRO C 69 27.05 -6.01 -3.96
CA PRO C 69 25.77 -6.27 -3.34
C PRO C 69 24.77 -5.14 -3.74
N ILE C 70 23.48 -5.35 -3.47
CA ILE C 70 22.40 -4.38 -3.78
C ILE C 70 22.67 -2.99 -3.19
N GLY C 71 22.99 -2.94 -1.90
CA GLY C 71 23.40 -1.71 -1.23
C GLY C 71 24.82 -1.27 -1.56
N GLY C 72 25.51 -1.94 -2.48
CA GLY C 72 26.82 -1.44 -2.92
C GLY C 72 28.08 -1.87 -2.14
N LEU C 73 29.20 -1.22 -2.53
CA LEU C 73 30.51 -1.47 -1.90
C LEU C 73 30.47 -1.01 -0.46
N ALA C 74 30.33 -1.97 0.47
CA ALA C 74 30.38 -1.72 1.93
C ALA C 74 31.54 -0.83 2.42
N GLU C 75 32.72 -0.97 1.82
CA GLU C 75 33.83 -0.10 2.21
C GLU C 75 33.47 1.37 1.85
N PHE C 76 32.92 1.60 0.65
CA PHE C 76 32.36 2.88 0.26
C PHE C 76 31.30 3.42 1.23
N CYS C 77 30.29 2.62 1.55
CA CYS C 77 29.21 3.07 2.45
C CYS C 77 29.69 3.53 3.83
N LYS C 78 30.48 2.69 4.50
CA LYS C 78 31.03 3.03 5.79
C LYS C 78 31.82 4.35 5.71
N ALA C 79 32.69 4.49 4.71
CA ALA C 79 33.49 5.73 4.57
C ALA C 79 32.62 6.94 4.19
N SER C 80 31.52 6.68 3.45
CA SER C 80 30.63 7.76 3.05
C SER C 80 29.93 8.40 4.29
N ALA C 81 29.40 7.53 5.16
CA ALA C 81 28.79 7.93 6.44
C ALA C 81 29.78 8.68 7.30
N GLU C 82 31.04 8.23 7.35
CA GLU C 82 32.07 8.88 8.18
C GLU C 82 32.37 10.28 7.71
N LEU C 83 32.35 10.44 6.39
CA LEU C 83 32.63 11.71 5.77
C LEU C 83 31.48 12.69 6.13
N ALA C 84 30.25 12.21 5.97
CA ALA C 84 29.09 13.04 6.19
C ALA C 84 29.02 13.43 7.66
N LEU C 85 29.30 12.49 8.56
CA LEU C 85 29.01 12.69 10.01
C LEU C 85 30.20 12.98 10.93
N GLY C 86 31.41 12.71 10.48
CA GLY C 86 32.59 12.83 11.34
C GLY C 86 32.85 11.47 11.92
N GLU C 87 34.13 11.07 11.97
CA GLU C 87 34.46 9.66 12.27
C GLU C 87 34.07 9.32 13.68
N ASN C 88 33.99 10.32 14.56
CA ASN C 88 33.58 10.03 15.95
C ASN C 88 32.11 10.25 16.34
N ASN C 89 31.26 10.52 15.36
CA ASN C 89 29.85 10.68 15.62
C ASN C 89 29.32 9.47 16.40
N GLU C 90 28.52 9.80 17.38
CA GLU C 90 27.83 8.88 18.22
C GLU C 90 26.94 7.93 17.38
N VAL C 91 26.45 8.43 16.25
CA VAL C 91 25.64 7.63 15.31
C VAL C 91 26.49 6.49 14.78
N LEU C 92 27.75 6.76 14.38
CA LEU C 92 28.65 5.69 13.90
C LEU C 92 29.07 4.78 15.01
N LYS C 93 29.43 5.33 16.17
CA LYS C 93 29.75 4.53 17.36
C LYS C 93 28.69 3.48 17.72
N SER C 94 27.44 3.93 17.88
CA SER C 94 26.31 3.02 18.07
C SER C 94 25.84 2.25 16.82
N GLY C 95 26.24 2.67 15.61
CA GLY C 95 25.76 2.01 14.38
C GLY C 95 24.24 2.14 14.17
N ARG C 96 23.65 3.18 14.74
CA ARG C 96 22.24 3.45 14.55
C ARG C 96 22.02 4.16 13.23
N PHE C 97 22.55 3.60 12.13
CA PHE C 97 22.33 4.17 10.80
C PHE C 97 22.46 3.08 9.80
N VAL C 98 21.96 3.33 8.58
CA VAL C 98 22.33 2.53 7.41
C VAL C 98 22.65 3.47 6.26
N THR C 99 23.72 3.17 5.54
CA THR C 99 24.09 3.92 4.38
C THR C 99 24.11 2.94 3.22
N VAL C 100 23.33 3.17 2.15
CA VAL C 100 23.40 2.34 0.94
C VAL C 100 24.00 3.22 -0.13
N GLN C 101 24.68 2.60 -1.09
CA GLN C 101 25.25 3.32 -2.24
C GLN C 101 24.15 3.51 -3.26
N THR C 102 24.17 4.60 -4.03
CA THR C 102 23.10 4.90 -4.98
C THR C 102 23.65 5.41 -6.28
N ILE C 103 22.77 5.70 -7.23
CA ILE C 103 23.25 6.28 -8.48
C ILE C 103 23.48 7.79 -8.31
N SER C 104 24.55 8.14 -7.59
CA SER C 104 24.88 9.53 -7.30
C SER C 104 23.86 10.22 -6.41
N GLY C 105 23.72 11.53 -6.54
CA GLY C 105 22.78 12.27 -5.71
C GLY C 105 21.33 12.06 -6.14
N THR C 106 21.08 12.06 -7.46
CA THR C 106 19.74 11.77 -7.94
C THR C 106 19.23 10.42 -7.44
N GLY C 107 20.04 9.37 -7.52
CA GLY C 107 19.52 8.05 -7.17
C GLY C 107 19.28 7.88 -5.70
N ALA C 108 20.03 8.62 -4.86
CA ALA C 108 19.78 8.69 -3.41
C ALA C 108 18.43 9.37 -3.15
N LEU C 109 18.17 10.46 -3.89
CA LEU C 109 16.92 11.19 -3.72
C LEU C 109 15.77 10.27 -4.12
N ARG C 110 15.90 9.60 -5.26
CA ARG C 110 14.83 8.69 -5.72
C ARG C 110 14.61 7.48 -4.79
N VAL C 111 15.69 6.83 -4.41
CA VAL C 111 15.60 5.79 -3.39
C VAL C 111 14.97 6.25 -2.08
N GLY C 112 15.42 7.38 -1.54
CA GLY C 112 14.78 7.95 -0.33
C GLY C 112 13.31 8.25 -0.54
N ALA C 113 12.99 8.84 -1.68
CA ALA C 113 11.59 9.12 -2.04
C ALA C 113 10.75 7.83 -2.08
N SER C 114 11.34 6.75 -2.59
CA SER C 114 10.55 5.54 -2.80
C SER C 114 10.29 4.91 -1.43
N PHE C 115 11.22 5.16 -0.50
CA PHE C 115 11.15 4.64 0.85
C PHE C 115 10.14 5.43 1.73
N LEU C 116 10.06 6.77 1.57
CA LEU C 116 8.98 7.53 2.19
C LEU C 116 7.62 7.08 1.61
N GLN C 117 7.56 6.89 0.31
CA GLN C 117 6.30 6.57 -0.24
C GLN C 117 5.77 5.30 0.44
N ARG C 118 6.64 4.31 0.64
CA ARG C 118 6.19 3.00 1.08
C ARG C 118 6.10 2.92 2.60
N PHE C 119 6.93 3.69 3.32
CA PHE C 119 7.12 3.49 4.75
C PHE C 119 6.80 4.67 5.66
N PHE C 120 6.80 5.89 5.12
CA PHE C 120 6.50 7.06 5.93
C PHE C 120 4.98 7.30 5.93
N LYS C 121 4.31 6.72 6.88
CA LYS C 121 2.87 6.64 6.82
C LYS C 121 2.23 7.95 7.25
N PHE C 122 3.00 8.77 7.97
CA PHE C 122 2.56 10.01 8.55
C PHE C 122 2.24 11.11 7.54
N SER C 123 2.58 10.91 6.28
CA SER C 123 2.44 12.01 5.36
C SER C 123 2.66 11.61 3.93
N ARG C 124 2.10 12.37 3.01
CA ARG C 124 2.47 12.28 1.59
C ARG C 124 3.13 13.60 1.16
N ASP C 125 3.31 14.52 2.10
CA ASP C 125 3.79 15.87 1.75
C ASP C 125 5.27 16.11 1.97
N VAL C 126 5.94 16.49 0.88
CA VAL C 126 7.32 16.91 0.91
C VAL C 126 7.48 18.41 0.63
N PHE C 127 7.97 19.13 1.65
CA PHE C 127 8.18 20.56 1.56
C PHE C 127 9.56 20.88 0.98
N LEU C 128 9.52 21.53 -0.17
CA LEU C 128 10.73 21.97 -0.86
C LEU C 128 10.88 23.47 -0.60
N PRO C 129 12.12 23.97 -0.52
CA PRO C 129 12.33 25.41 -0.51
C PRO C 129 11.90 26.02 -1.85
N LYS C 130 11.57 27.31 -1.81
CA LYS C 130 11.28 28.11 -2.98
C LYS C 130 12.39 29.10 -3.21
N PRO C 131 13.16 28.90 -4.28
CA PRO C 131 12.98 27.80 -5.21
C PRO C 131 13.84 26.59 -4.79
N SER C 132 13.71 25.48 -5.53
CA SER C 132 14.57 24.32 -5.30
C SER C 132 15.18 23.77 -6.60
N TRP C 133 15.97 22.71 -6.53
CA TRP C 133 16.57 22.12 -7.73
C TRP C 133 15.37 21.60 -8.54
N GLY C 134 15.30 21.96 -9.84
CA GLY C 134 14.19 21.53 -10.66
C GLY C 134 13.86 20.05 -10.60
N ASN C 135 14.87 19.19 -10.55
CA ASN C 135 14.61 17.71 -10.55
C ASN C 135 13.98 17.18 -9.26
N HIS C 136 14.03 17.95 -8.18
CA HIS C 136 13.40 17.45 -6.93
C HIS C 136 11.93 17.10 -7.11
N THR C 137 11.17 17.96 -7.84
CA THR C 137 9.72 17.82 -7.92
C THR C 137 9.40 16.51 -8.66
N PRO C 138 9.90 16.35 -9.91
CA PRO C 138 9.61 15.10 -10.61
C PRO C 138 10.16 13.85 -9.86
N ILE C 139 11.26 13.98 -9.11
CA ILE C 139 11.75 12.85 -8.31
C ILE C 139 10.71 12.40 -7.29
N PHE C 140 10.24 13.32 -6.47
CA PHE C 140 9.22 12.96 -5.50
C PHE C 140 7.87 12.63 -6.13
N ARG C 141 7.54 13.29 -7.25
CA ARG C 141 6.27 13.01 -7.93
C ARG C 141 6.25 11.59 -8.52
N ASP C 142 7.22 11.28 -9.39
CA ASP C 142 7.28 9.92 -9.98
C ASP C 142 7.34 8.82 -8.92
N ALA C 143 7.81 9.17 -7.74
CA ALA C 143 8.02 8.18 -6.71
C ALA C 143 6.77 7.96 -5.91
N GLY C 144 5.75 8.81 -6.10
CA GLY C 144 4.51 8.63 -5.37
C GLY C 144 4.19 9.68 -4.33
N MET C 145 5.02 10.73 -4.18
CA MET C 145 4.80 11.70 -3.13
C MET C 145 4.18 13.00 -3.67
N GLN C 146 3.84 13.93 -2.75
CA GLN C 146 3.29 15.24 -3.14
C GLN C 146 4.25 16.31 -2.70
N LEU C 147 4.29 17.39 -3.49
CA LEU C 147 5.21 18.47 -3.25
C LEU C 147 4.46 19.65 -2.67
N GLN C 148 5.11 20.32 -1.71
CA GLN C 148 4.67 21.56 -1.11
C GLN C 148 5.90 22.47 -1.11
N GLY C 149 5.73 23.71 -0.62
CA GLY C 149 6.83 24.66 -0.57
C GLY C 149 6.89 25.50 0.68
N TYR C 150 8.07 26.05 0.94
CA TYR C 150 8.25 27.06 1.96
C TYR C 150 9.17 28.15 1.46
N ARG C 151 8.94 29.35 1.99
CA ARG C 151 9.68 30.52 1.53
C ARG C 151 11.13 30.32 1.89
N TYR C 152 12.03 30.72 0.99
CA TYR C 152 13.40 30.43 1.24
C TYR C 152 14.26 31.56 0.71
N TYR C 153 14.20 31.77 -0.61
CA TYR C 153 14.95 32.82 -1.25
C TYR C 153 14.14 34.09 -1.11
N ASP C 154 14.82 35.20 -0.88
CA ASP C 154 14.17 36.48 -0.71
C ASP C 154 14.55 37.36 -1.91
N PRO C 155 13.60 37.59 -2.84
CA PRO C 155 14.03 38.35 -4.01
C PRO C 155 14.38 39.84 -3.69
N LYS C 156 13.93 40.37 -2.55
CA LYS C 156 14.29 41.77 -2.26
C LYS C 156 15.69 41.88 -1.75
N THR C 157 16.29 40.81 -1.25
CA THR C 157 17.70 40.97 -0.85
C THR C 157 18.65 40.06 -1.62
N CYS C 158 18.11 39.09 -2.35
CA CYS C 158 18.94 38.01 -2.92
C CYS C 158 19.59 37.17 -1.83
N GLY C 159 18.94 37.15 -0.66
CA GLY C 159 19.41 36.45 0.53
C GLY C 159 18.32 35.52 1.03
N PHE C 160 18.50 35.10 2.28
CA PHE C 160 17.70 34.07 2.88
C PHE C 160 16.56 34.83 3.56
N ASP C 161 15.30 34.52 3.17
CA ASP C 161 14.11 35.01 3.80
C ASP C 161 13.93 34.27 5.12
N PHE C 162 14.63 34.72 6.16
CA PHE C 162 14.50 34.07 7.46
C PHE C 162 13.07 34.10 8.04
N SER C 163 12.45 35.26 7.95
CA SER C 163 11.24 35.45 8.65
C SER C 163 10.12 34.72 7.88
N GLY C 164 10.14 34.81 6.54
CA GLY C 164 9.29 33.99 5.71
C GLY C 164 9.45 32.49 5.95
N ALA C 165 10.68 32.01 6.11
CA ALA C 165 10.93 30.59 6.24
C ALA C 165 10.48 30.09 7.61
N LEU C 166 10.75 30.89 8.64
CA LEU C 166 10.38 30.50 9.99
C LEU C 166 8.88 30.38 10.11
N GLU C 167 8.16 31.34 9.53
CA GLU C 167 6.68 31.33 9.52
C GLU C 167 6.11 30.13 8.76
N ASP C 168 6.61 29.89 7.55
CA ASP C 168 6.12 28.77 6.75
C ASP C 168 6.41 27.47 7.46
N ILE C 169 7.63 27.25 7.87
CA ILE C 169 8.01 26.01 8.52
C ILE C 169 7.27 25.80 9.88
N SER C 170 7.08 26.85 10.63
CA SER C 170 6.50 26.70 11.94
C SER C 170 5.00 26.36 11.74
N LYS C 171 4.51 26.42 10.51
CA LYS C 171 3.09 26.09 10.22
C LYS C 171 2.95 24.87 9.35
N ILE C 172 4.08 24.18 9.08
CA ILE C 172 3.98 22.91 8.38
C ILE C 172 3.22 21.93 9.29
N PRO C 173 2.25 21.15 8.76
CA PRO C 173 1.56 20.22 9.71
C PRO C 173 2.56 19.25 10.31
N GLU C 174 2.37 18.88 11.58
CA GLU C 174 3.27 17.98 12.26
C GLU C 174 3.48 16.68 11.47
N GLN C 175 4.74 16.23 11.47
CA GLN C 175 5.16 15.01 10.85
C GLN C 175 5.01 15.01 9.34
N SER C 176 5.10 16.18 8.74
CA SER C 176 5.36 16.24 7.32
C SER C 176 6.88 16.10 7.08
N VAL C 177 7.25 16.05 5.81
CA VAL C 177 8.62 15.91 5.42
C VAL C 177 9.08 17.28 5.00
N LEU C 178 10.23 17.67 5.55
CA LEU C 178 10.86 18.91 5.20
C LEU C 178 12.20 18.64 4.51
N LEU C 179 12.30 18.94 3.21
CA LEU C 179 13.59 18.85 2.50
C LEU C 179 14.44 20.10 2.73
N LEU C 180 15.71 19.90 3.07
CA LEU C 180 16.65 20.95 3.31
C LEU C 180 17.94 20.65 2.53
N HIS C 181 18.46 21.65 1.81
CA HIS C 181 19.79 21.58 1.19
C HIS C 181 20.79 21.84 2.29
N ALA C 182 21.78 20.97 2.40
CA ALA C 182 22.73 20.99 3.51
C ALA C 182 23.66 22.23 3.50
N CYS C 183 24.14 22.58 2.32
CA CYS C 183 24.85 23.83 2.06
C CYS C 183 24.84 24.08 0.58
N ALA C 184 25.30 25.26 0.16
CA ALA C 184 25.25 25.66 -1.27
C ALA C 184 23.88 25.30 -1.86
N HIS C 185 22.84 25.94 -1.37
CA HIS C 185 21.54 25.85 -2.02
C HIS C 185 21.63 26.01 -3.55
N ASN C 186 21.02 25.08 -4.25
CA ASN C 186 20.87 25.14 -5.72
C ASN C 186 19.39 25.37 -6.02
N PRO C 187 19.06 26.41 -6.76
CA PRO C 187 19.93 27.19 -7.60
C PRO C 187 20.44 28.54 -7.07
N THR C 188 20.18 28.90 -5.81
CA THR C 188 20.43 30.30 -5.45
C THR C 188 21.79 30.65 -4.83
N GLY C 189 22.53 29.66 -4.34
CA GLY C 189 23.68 29.85 -3.46
C GLY C 189 23.33 30.46 -2.08
N VAL C 190 22.06 30.72 -1.83
CA VAL C 190 21.69 31.23 -0.55
C VAL C 190 21.59 30.13 0.51
N ASP C 191 22.36 30.27 1.59
CA ASP C 191 22.39 29.31 2.70
C ASP C 191 21.97 29.99 3.97
N PRO C 192 21.32 29.25 4.90
CA PRO C 192 21.26 29.82 6.25
C PRO C 192 22.66 29.86 6.97
N ARG C 193 22.88 30.88 7.80
CA ARG C 193 24.01 30.91 8.73
C ARG C 193 23.82 29.84 9.81
N PRO C 194 24.91 29.40 10.42
CA PRO C 194 24.79 28.43 11.53
C PRO C 194 23.74 28.81 12.61
N GLU C 195 23.74 30.06 13.02
CA GLU C 195 22.86 30.55 14.06
C GLU C 195 21.38 30.56 13.55
N GLN C 196 21.18 30.70 12.25
CA GLN C 196 19.82 30.63 11.66
C GLN C 196 19.37 29.15 11.57
N TRP C 197 20.32 28.27 11.26
CA TRP C 197 20.08 26.83 11.28
C TRP C 197 19.60 26.33 12.65
N LYS C 198 20.13 26.93 13.73
CA LYS C 198 19.80 26.53 15.09
C LYS C 198 18.32 26.83 15.31
N GLU C 199 17.87 27.99 14.82
CA GLU C 199 16.48 28.33 15.02
C GLU C 199 15.54 27.36 14.23
N ILE C 200 16.01 26.87 13.09
CA ILE C 200 15.22 26.02 12.22
C ILE C 200 15.07 24.63 12.83
N ALA C 201 16.18 24.09 13.32
CA ALA C 201 16.20 22.77 14.00
C ALA C 201 15.23 22.75 15.22
N SER C 202 15.32 23.77 16.03
CA SER C 202 14.40 24.01 17.06
C SER C 202 12.95 23.85 16.64
N VAL C 203 12.55 24.48 15.54
CA VAL C 203 11.18 24.33 15.11
C VAL C 203 10.97 22.95 14.51
N VAL C 204 11.99 22.36 13.92
CA VAL C 204 11.79 21.04 13.33
C VAL C 204 11.62 20.06 14.47
N LYS C 205 12.33 20.29 15.57
CA LYS C 205 12.25 19.40 16.75
C LYS C 205 10.87 19.52 17.35
N LYS C 206 10.50 20.74 17.75
CA LYS C 206 9.22 21.00 18.41
C LYS C 206 8.04 20.52 17.59
N LYS C 207 7.98 20.88 16.31
CA LYS C 207 6.86 20.48 15.43
C LYS C 207 6.89 19.02 14.90
N ASN C 208 7.96 18.28 15.25
CA ASN C 208 8.14 16.87 14.91
C ASN C 208 8.09 16.70 13.39
N LEU C 209 8.85 17.53 12.69
CA LEU C 209 9.00 17.36 11.23
C LEU C 209 10.06 16.33 10.91
N PHE C 210 9.88 15.57 9.83
CA PHE C 210 10.94 14.69 9.34
C PHE C 210 11.89 15.45 8.41
N ALA C 211 13.17 15.51 8.79
CA ALA C 211 14.15 16.26 8.07
C ALA C 211 14.93 15.44 7.07
N PHE C 212 14.83 15.85 5.82
CA PHE C 212 15.38 15.13 4.69
C PHE C 212 16.40 16.10 4.05
N PHE C 213 17.68 15.85 4.31
CA PHE C 213 18.83 16.63 3.78
C PHE C 213 19.35 16.15 2.42
N ASP C 214 19.45 17.08 1.47
CA ASP C 214 20.19 16.87 0.22
C ASP C 214 21.57 17.54 0.39
N MET C 215 22.63 16.71 0.43
CA MET C 215 24.03 17.16 0.57
C MET C 215 24.85 16.85 -0.68
N ALA C 216 24.73 17.68 -1.71
CA ALA C 216 25.47 17.39 -2.92
C ALA C 216 26.81 18.10 -2.95
N TYR C 217 27.09 19.03 -2.02
CA TYR C 217 28.27 19.87 -2.20
C TYR C 217 29.20 19.92 -1.02
N GLN C 218 29.30 18.86 -0.24
CA GLN C 218 30.13 18.89 0.95
C GLN C 218 31.62 19.05 0.62
N GLY C 219 32.25 20.06 1.24
CA GLY C 219 33.63 20.38 0.91
C GLY C 219 33.72 21.32 -0.30
N PHE C 220 32.99 21.03 -1.35
CA PHE C 220 33.04 21.82 -2.56
C PHE C 220 32.49 23.24 -2.39
N ALA C 221 31.48 23.41 -1.53
CA ALA C 221 30.85 24.70 -1.29
C ALA C 221 31.79 25.78 -0.69
N SER C 222 32.34 25.50 0.49
CA SER C 222 33.15 26.47 1.24
C SER C 222 34.63 26.10 1.22
N GLY C 223 34.94 24.85 0.88
CA GLY C 223 36.33 24.36 0.89
C GLY C 223 36.67 23.69 2.21
N ASP C 224 35.69 23.67 3.12
CA ASP C 224 35.83 23.05 4.44
C ASP C 224 34.60 22.15 4.72
N GLY C 225 34.79 20.86 4.54
CA GLY C 225 33.73 19.85 4.65
C GLY C 225 33.06 19.75 6.01
N ASP C 226 33.81 20.08 7.08
CA ASP C 226 33.25 20.11 8.46
C ASP C 226 32.19 21.17 8.62
N LYS C 227 32.47 22.36 8.14
CA LYS C 227 31.50 23.44 8.16
C LYS C 227 30.31 23.22 7.22
N ASP C 228 30.56 22.68 6.03
CA ASP C 228 29.51 22.38 5.08
C ASP C 228 28.51 21.38 5.65
N ALA C 229 28.99 20.40 6.42
CA ALA C 229 28.14 19.34 6.97
C ALA C 229 27.60 19.67 8.38
N TRP C 230 27.93 20.88 8.85
CA TRP C 230 27.63 21.37 10.19
C TRP C 230 26.18 21.31 10.51
N ALA C 231 25.30 21.73 9.61
CA ALA C 231 23.88 21.74 9.88
C ALA C 231 23.27 20.34 10.03
N VAL C 232 23.67 19.43 9.15
CA VAL C 232 23.21 18.05 9.22
C VAL C 232 23.57 17.53 10.60
N ARG C 233 24.83 17.80 11.01
CA ARG C 233 25.39 17.20 12.22
C ARG C 233 24.74 17.80 13.49
N HIS C 234 24.38 19.07 13.39
CA HIS C 234 23.69 19.77 14.43
C HIS C 234 22.27 19.24 14.59
N PHE C 235 21.61 19.04 13.46
CA PHE C 235 20.26 18.49 13.56
C PHE C 235 20.27 17.14 14.26
N ILE C 236 21.21 16.27 13.91
CA ILE C 236 21.30 14.96 14.52
C ILE C 236 21.62 15.14 16.00
N GLU C 237 22.54 16.04 16.29
CA GLU C 237 22.90 16.22 17.68
C GLU C 237 21.73 16.71 18.56
N GLN C 238 20.67 17.26 17.97
CA GLN C 238 19.53 17.83 18.67
C GLN C 238 18.40 16.82 18.72
N GLY C 239 18.64 15.64 18.17
CA GLY C 239 17.68 14.53 18.33
C GLY C 239 16.81 14.30 17.11
N ILE C 240 17.18 14.88 15.98
CA ILE C 240 16.44 14.70 14.76
C ILE C 240 17.15 13.62 13.98
N ASN C 241 16.48 12.50 13.81
CA ASN C 241 17.00 11.40 12.99
C ASN C 241 16.71 11.67 11.52
N VAL C 242 17.66 12.38 10.91
CA VAL C 242 17.57 12.80 9.52
C VAL C 242 17.71 11.62 8.56
N CYS C 243 17.34 11.83 7.32
CA CYS C 243 17.85 10.97 6.31
C CYS C 243 18.66 11.95 5.44
N LEU C 244 19.58 11.41 4.64
CA LEU C 244 20.59 12.25 3.99
C LEU C 244 20.98 11.66 2.66
N CYS C 245 21.10 12.50 1.64
CA CYS C 245 21.57 12.09 0.31
C CYS C 245 22.96 12.65 0.10
N GLN C 246 23.92 11.83 -0.29
CA GLN C 246 25.23 12.40 -0.71
C GLN C 246 25.49 12.21 -2.17
N SER C 247 26.23 13.14 -2.77
CA SER C 247 26.75 13.04 -4.11
C SER C 247 28.30 13.28 -4.09
N TYR C 248 29.06 12.42 -4.79
CA TYR C 248 30.50 12.68 -5.00
C TYR C 248 30.79 13.22 -6.40
N ALA C 249 29.74 13.75 -7.06
CA ALA C 249 29.85 14.26 -8.42
C ALA C 249 30.71 15.54 -8.52
N LYS C 250 30.40 16.53 -7.68
CA LYS C 250 31.17 17.74 -7.64
C LYS C 250 32.42 17.61 -6.77
N ASN C 251 32.31 17.11 -5.55
CA ASN C 251 33.50 17.14 -4.74
C ASN C 251 34.61 16.19 -5.15
N MET C 252 34.33 15.08 -5.84
CA MET C 252 35.43 14.36 -6.51
C MET C 252 35.50 14.52 -8.01
N GLY C 253 34.63 15.33 -8.60
CA GLY C 253 34.63 15.45 -10.05
C GLY C 253 34.34 14.10 -10.68
N LEU C 254 33.58 13.24 -9.99
CA LEU C 254 33.13 11.95 -10.53
C LEU C 254 31.82 11.97 -11.33
N TYR C 255 31.30 13.14 -11.67
CA TYR C 255 30.05 13.33 -12.46
C TYR C 255 29.43 12.10 -13.16
N GLY C 256 30.00 11.70 -14.30
CA GLY C 256 29.53 10.51 -15.04
C GLY C 256 29.78 9.11 -14.45
N GLU C 257 30.47 8.99 -13.31
CA GLU C 257 30.65 7.65 -12.73
C GLU C 257 29.49 7.27 -11.85
N ARG C 258 28.67 8.27 -11.46
CA ARG C 258 27.47 8.08 -10.67
C ARG C 258 27.72 7.54 -9.27
N VAL C 259 28.41 8.32 -8.43
CA VAL C 259 28.72 7.85 -7.08
C VAL C 259 27.94 8.64 -6.07
N GLY C 260 27.18 7.96 -5.23
CA GLY C 260 26.36 8.69 -4.22
C GLY C 260 26.00 7.74 -3.11
N ALA C 261 25.37 8.24 -2.06
CA ALA C 261 24.86 7.34 -1.00
C ALA C 261 23.64 7.92 -0.30
N PHE C 262 22.84 7.07 0.32
CA PHE C 262 21.64 7.49 1.04
C PHE C 262 21.66 6.89 2.41
N THR C 263 21.46 7.74 3.40
CA THR C 263 21.66 7.39 4.76
C THR C 263 20.40 7.64 5.58
N VAL C 264 20.04 6.68 6.43
CA VAL C 264 18.91 6.88 7.30
C VAL C 264 19.46 6.77 8.75
N VAL C 265 19.35 7.84 9.55
CA VAL C 265 19.79 7.79 10.96
C VAL C 265 18.61 7.22 11.72
N CYS C 266 18.84 6.20 12.52
CA CYS C 266 17.72 5.46 13.13
C CYS C 266 17.89 5.53 14.61
N LYS C 267 16.89 5.05 15.35
CA LYS C 267 16.94 4.92 16.83
C LYS C 267 18.11 4.10 17.39
N ASP C 268 18.38 2.98 16.73
CA ASP C 268 19.43 2.06 17.14
C ASP C 268 19.78 1.12 16.00
N ALA C 269 20.75 0.22 16.22
CA ALA C 269 21.24 -0.60 15.11
C ALA C 269 20.16 -1.55 14.63
N GLU C 270 19.35 -2.04 15.56
CA GLU C 270 18.28 -2.98 15.23
C GLU C 270 17.35 -2.37 14.18
N GLU C 271 16.99 -1.10 14.39
CA GLU C 271 16.09 -0.40 13.46
C GLU C 271 16.77 -0.25 12.11
N ALA C 272 18.08 0.03 12.10
CA ALA C 272 18.77 0.20 10.86
C ALA C 272 18.83 -1.10 10.10
N LYS C 273 18.84 -2.24 10.78
CA LYS C 273 18.86 -3.55 10.05
C LYS C 273 17.56 -3.68 9.26
N ARG C 274 16.47 -3.32 9.92
CA ARG C 274 15.16 -3.43 9.34
C ARG C 274 15.01 -2.48 8.17
N VAL C 275 15.39 -1.22 8.39
CA VAL C 275 15.35 -0.21 7.36
C VAL C 275 16.16 -0.71 6.15
N GLU C 276 17.36 -1.18 6.43
CA GLU C 276 18.23 -1.58 5.39
C GLU C 276 17.59 -2.68 4.55
N SER C 277 16.91 -3.63 5.20
CA SER C 277 16.39 -4.79 4.43
C SER C 277 15.43 -4.31 3.39
N GLN C 278 14.61 -3.34 3.79
CA GLN C 278 13.60 -2.72 2.94
C GLN C 278 14.14 -1.75 1.90
N LEU C 279 15.26 -1.11 2.20
CA LEU C 279 15.88 -0.29 1.17
C LEU C 279 16.36 -1.22 0.08
N LYS C 280 16.93 -2.36 0.48
CA LYS C 280 17.40 -3.33 -0.53
C LYS C 280 16.25 -3.88 -1.38
N ILE C 281 15.08 -4.08 -0.77
CA ILE C 281 13.88 -4.48 -1.53
C ILE C 281 13.39 -3.43 -2.53
N LEU C 282 13.69 -2.15 -2.27
CA LEU C 282 13.29 -1.11 -3.22
C LEU C 282 14.30 -0.94 -4.32
N ILE C 283 15.58 -1.20 -4.02
CA ILE C 283 16.65 -0.98 -4.98
C ILE C 283 16.68 -2.06 -6.01
N ARG C 284 16.52 -3.32 -5.57
CA ARG C 284 16.65 -4.43 -6.55
C ARG C 284 15.76 -4.26 -7.79
N PRO C 285 14.49 -3.85 -7.63
CA PRO C 285 13.60 -3.60 -8.79
C PRO C 285 13.78 -2.22 -9.50
N LEU C 286 14.57 -1.33 -8.90
CA LEU C 286 15.01 -0.14 -9.64
C LEU C 286 16.14 -0.43 -10.62
N TYR C 287 17.22 -1.04 -10.15
CA TYR C 287 18.41 -1.25 -11.01
C TYR C 287 19.33 -2.39 -10.61
N SER C 288 18.88 -3.20 -9.62
CA SER C 288 19.60 -4.41 -9.11
C SER C 288 20.73 -4.16 -8.17
N ASN C 289 21.82 -3.62 -8.67
CA ASN C 289 23.01 -3.29 -7.87
C ASN C 289 23.67 -2.08 -8.51
N PRO C 290 24.46 -1.29 -7.74
CA PRO C 290 25.13 -0.03 -8.22
C PRO C 290 26.46 -0.18 -8.99
N PRO C 291 26.81 0.83 -9.81
CA PRO C 291 28.08 0.80 -10.51
C PRO C 291 29.34 0.75 -9.60
N LEU C 292 30.35 0.09 -10.15
CA LEU C 292 31.49 -0.43 -9.41
C LEU C 292 32.68 0.53 -9.38
N ASN C 293 32.89 1.22 -10.48
CA ASN C 293 34.10 1.97 -10.73
C ASN C 293 34.23 3.24 -9.86
N GLY C 294 33.19 4.07 -9.82
CA GLY C 294 33.25 5.35 -9.12
C GLY C 294 33.40 5.17 -7.63
N ALA C 295 32.74 4.13 -7.12
CA ALA C 295 32.78 3.79 -5.73
C ALA C 295 34.11 3.21 -5.31
N ARG C 296 34.77 2.47 -6.21
CA ARG C 296 36.10 1.94 -5.85
C ARG C 296 37.02 3.15 -5.74
N ILE C 297 36.90 4.10 -6.68
CA ILE C 297 37.67 5.35 -6.62
C ILE C 297 37.43 6.06 -5.28
N ALA C 298 36.16 6.24 -4.93
CA ALA C 298 35.84 7.07 -3.78
C ALA C 298 36.29 6.40 -2.49
N ALA C 299 36.05 5.10 -2.36
CA ALA C 299 36.49 4.34 -1.18
C ALA C 299 38.03 4.33 -1.04
N THR C 300 38.74 4.24 -2.16
CA THR C 300 40.20 4.23 -2.16
C THR C 300 40.72 5.58 -1.61
N ILE C 301 40.03 6.66 -1.98
CA ILE C 301 40.44 7.95 -1.50
C ILE C 301 40.11 8.06 -0.02
N LEU C 302 38.89 7.69 0.34
CA LEU C 302 38.44 8.02 1.67
C LEU C 302 39.14 7.18 2.75
N THR C 303 39.64 6.02 2.38
CA THR C 303 40.20 5.11 3.38
C THR C 303 41.72 5.17 3.42
N SER C 304 42.34 5.93 2.53
CA SER C 304 43.77 6.16 2.59
C SER C 304 44.10 7.55 3.20
N PRO C 305 44.71 7.59 4.40
CA PRO C 305 44.93 8.93 5.02
C PRO C 305 45.64 9.93 4.10
N ASP C 306 46.61 9.46 3.33
CA ASP C 306 47.33 10.36 2.42
C ASP C 306 46.50 10.89 1.29
N LEU C 307 45.80 9.96 0.62
CA LEU C 307 44.98 10.25 -0.53
C LEU C 307 43.84 11.17 -0.16
N ARG C 308 43.26 10.90 1.00
CA ARG C 308 42.13 11.67 1.51
C ARG C 308 42.51 13.14 1.78
N LYS C 309 43.67 13.31 2.42
CA LYS C 309 44.24 14.63 2.71
C LYS C 309 44.53 15.37 1.42
N GLN C 310 45.05 14.67 0.41
CA GLN C 310 45.34 15.35 -0.83
C GLN C 310 44.03 15.76 -1.54
N TRP C 311 43.07 14.84 -1.57
CA TRP C 311 41.77 15.10 -2.18
C TRP C 311 41.12 16.36 -1.56
N LEU C 312 41.15 16.46 -0.26
CA LEU C 312 40.61 17.62 0.43
C LEU C 312 41.29 18.93 0.06
N GLN C 313 42.59 18.91 -0.18
CA GLN C 313 43.29 20.08 -0.70
C GLN C 313 42.76 20.49 -2.08
N GLU C 314 42.57 19.51 -2.95
CA GLU C 314 42.02 19.74 -4.28
C GLU C 314 40.56 20.23 -4.26
N VAL C 315 39.78 19.72 -3.33
CA VAL C 315 38.43 20.20 -3.11
C VAL C 315 38.42 21.69 -2.73
N LYS C 316 39.31 22.06 -1.82
CA LYS C 316 39.53 23.42 -1.40
C LYS C 316 39.95 24.34 -2.55
N GLY C 317 40.85 23.85 -3.43
CA GLY C 317 41.25 24.57 -4.66
C GLY C 317 40.09 24.97 -5.57
N MET C 318 39.19 24.02 -5.82
CA MET C 318 37.92 24.29 -6.50
C MET C 318 37.03 25.30 -5.76
N ALA C 319 36.79 25.04 -4.49
CA ALA C 319 36.03 25.95 -3.64
C ALA C 319 36.56 27.36 -3.77
N ASP C 320 37.88 27.49 -3.65
CA ASP C 320 38.56 28.78 -3.59
C ASP C 320 38.55 29.48 -4.92
N ARG C 321 38.56 28.71 -6.01
CA ARG C 321 38.44 29.36 -7.30
C ARG C 321 37.03 29.95 -7.50
N ILE C 322 36.01 29.24 -7.06
CA ILE C 322 34.64 29.73 -7.16
C ILE C 322 34.47 31.00 -6.31
N ILE C 323 34.96 30.96 -5.09
CA ILE C 323 34.96 32.13 -4.18
C ILE C 323 35.68 33.35 -4.77
N SER C 324 36.88 33.12 -5.28
CA SER C 324 37.68 34.15 -5.91
C SER C 324 36.98 34.85 -7.12
N MET C 325 36.21 34.07 -7.90
CA MET C 325 35.43 34.61 -9.04
C MET C 325 34.26 35.50 -8.60
N ARG C 326 33.49 35.04 -7.62
CA ARG C 326 32.47 35.82 -6.95
C ARG C 326 33.07 37.12 -6.43
N THR C 327 34.23 37.04 -5.78
CA THR C 327 34.93 38.21 -5.23
C THR C 327 35.35 39.18 -6.31
N GLN C 328 35.95 38.65 -7.37
CA GLN C 328 36.36 39.46 -8.52
C GLN C 328 35.17 40.09 -9.24
N LEU C 329 34.09 39.35 -9.38
CA LEU C 329 32.92 39.92 -10.08
C LEU C 329 32.34 41.13 -9.34
N VAL C 330 32.20 41.01 -8.04
CA VAL C 330 31.73 42.07 -7.20
C VAL C 330 32.69 43.25 -7.30
N SER C 331 33.99 42.97 -7.23
CA SER C 331 34.98 44.02 -7.30
C SER C 331 34.96 44.76 -8.66
N ASN C 332 34.75 44.01 -9.74
CA ASN C 332 34.70 44.62 -11.07
C ASN C 332 33.49 45.51 -11.32
N LEU C 333 32.34 45.08 -10.80
CA LEU C 333 31.11 45.87 -10.93
C LEU C 333 31.29 47.19 -10.15
N LYS C 334 32.03 47.14 -9.06
CA LYS C 334 32.35 48.36 -8.35
C LYS C 334 33.22 49.27 -9.22
N LYS C 335 34.27 48.72 -9.86
CA LYS C 335 35.13 49.48 -10.79
C LYS C 335 34.37 50.06 -11.95
N GLU C 336 33.38 49.33 -12.45
CA GLU C 336 32.43 49.81 -13.48
C GLU C 336 31.50 50.93 -13.01
N GLY C 337 31.54 51.29 -11.72
CA GLY C 337 30.70 52.38 -11.23
C GLY C 337 29.25 51.94 -11.04
N SER C 338 29.03 50.62 -10.92
CA SER C 338 27.68 50.16 -10.63
C SER C 338 27.29 50.69 -9.26
N SER C 339 26.07 51.22 -9.15
CA SER C 339 25.61 51.67 -7.82
C SER C 339 24.74 50.61 -7.09
N HIS C 340 24.48 49.47 -7.73
CA HIS C 340 23.80 48.43 -7.00
C HIS C 340 24.69 47.78 -5.96
N ASN C 341 24.07 47.16 -4.98
CA ASN C 341 24.76 46.43 -3.98
C ASN C 341 24.77 45.01 -4.48
N TRP C 342 25.98 44.48 -4.65
CA TRP C 342 26.16 43.14 -5.20
C TRP C 342 26.69 42.18 -4.16
N GLN C 343 26.51 42.47 -2.88
CA GLN C 343 27.17 41.62 -1.85
C GLN C 343 26.57 40.19 -1.78
N HIS C 344 25.33 40.04 -2.22
CA HIS C 344 24.79 38.70 -2.32
C HIS C 344 25.66 37.77 -3.13
N ILE C 345 26.41 38.29 -4.10
CA ILE C 345 27.26 37.43 -4.90
C ILE C 345 28.39 36.87 -4.07
N THR C 346 28.91 37.65 -3.10
CA THR C 346 29.92 37.05 -2.20
C THR C 346 29.33 36.35 -0.98
N ASP C 347 28.11 36.71 -0.57
CA ASP C 347 27.44 36.04 0.57
C ASP C 347 26.95 34.60 0.22
N GLN C 348 26.63 34.39 -1.06
CA GLN C 348 26.12 33.14 -1.54
C GLN C 348 27.30 32.21 -1.62
N ILE C 349 26.99 30.92 -1.76
CA ILE C 349 27.95 29.86 -1.51
C ILE C 349 27.75 28.75 -2.54
N GLY C 350 28.86 28.22 -3.08
CA GLY C 350 28.80 27.07 -4.00
C GLY C 350 28.87 27.52 -5.44
N MET C 351 28.48 26.68 -6.37
CA MET C 351 28.68 27.06 -7.77
C MET C 351 27.59 27.79 -8.48
N PHE C 352 26.46 27.97 -7.82
CA PHE C 352 25.31 28.66 -8.42
C PHE C 352 25.03 29.93 -7.65
N CYS C 353 24.81 30.98 -8.42
CA CYS C 353 24.52 32.28 -7.89
C CYS C 353 23.21 32.75 -8.51
N PHE C 354 22.24 33.08 -7.66
CA PHE C 354 21.13 33.93 -8.13
C PHE C 354 21.62 35.40 -8.13
N THR C 355 21.73 35.98 -9.34
CA THR C 355 22.34 37.30 -9.51
C THR C 355 21.37 38.42 -9.15
N GLY C 356 20.08 38.14 -9.24
CA GLY C 356 19.09 39.21 -9.07
C GLY C 356 18.62 39.79 -10.40
N LEU C 357 19.25 39.41 -11.52
CA LEU C 357 18.79 39.94 -12.79
C LEU C 357 17.36 39.53 -13.15
N LYS C 358 16.63 40.42 -13.79
CA LYS C 358 15.26 40.11 -14.21
C LYS C 358 15.26 39.46 -15.57
N PRO C 359 14.21 38.71 -15.91
CA PRO C 359 14.25 38.02 -17.21
C PRO C 359 14.61 38.93 -18.39
N GLU C 360 13.99 40.10 -18.49
CA GLU C 360 14.37 41.08 -19.55
C GLU C 360 15.86 41.37 -19.57
N GLN C 361 16.48 41.37 -18.39
CA GLN C 361 17.91 41.71 -18.29
C GLN C 361 18.73 40.50 -18.73
N VAL C 362 18.26 39.31 -18.34
CA VAL C 362 18.80 38.07 -18.85
C VAL C 362 18.70 37.93 -20.41
N GLU C 363 17.57 38.27 -21.03
CA GLU C 363 17.49 38.30 -22.53
C GLU C 363 18.57 39.19 -23.17
N ARG C 364 18.70 40.44 -22.70
CA ARG C 364 19.77 41.33 -23.15
C ARG C 364 21.16 40.79 -23.00
N LEU C 365 21.49 40.19 -21.86
CA LEU C 365 22.83 39.56 -21.74
C LEU C 365 23.09 38.45 -22.75
N THR C 366 22.06 37.74 -23.16
CA THR C 366 22.24 36.73 -24.18
C THR C 366 22.36 37.40 -25.54
N LYS C 367 21.35 38.20 -25.93
CA LYS C 367 21.31 38.86 -27.24
C LYS C 367 22.47 39.82 -27.50
N GLU C 368 22.75 40.72 -26.57
CA GLU C 368 23.73 41.76 -26.77
C GLU C 368 25.15 41.47 -26.32
N PHE C 369 25.37 40.48 -25.48
CA PHE C 369 26.75 40.24 -25.04
C PHE C 369 27.14 38.78 -25.16
N SER C 370 26.16 37.95 -25.53
CA SER C 370 26.38 36.52 -25.65
C SER C 370 26.78 35.90 -24.30
N VAL C 371 26.19 36.38 -23.21
CA VAL C 371 26.35 35.71 -21.92
C VAL C 371 25.13 34.83 -21.74
N TYR C 372 25.37 33.52 -21.60
CA TYR C 372 24.32 32.50 -21.56
C TYR C 372 24.05 32.01 -20.17
N MET C 373 22.81 32.17 -19.74
CA MET C 373 22.32 31.74 -18.45
C MET C 373 20.81 31.46 -18.50
N THR C 374 20.31 30.84 -17.44
CA THR C 374 18.88 30.56 -17.30
C THR C 374 18.11 31.84 -16.91
N LYS C 375 16.81 31.85 -17.21
CA LYS C 375 15.98 33.08 -17.11
C LYS C 375 15.67 33.55 -15.69
N ASP C 376 15.83 32.63 -14.73
CA ASP C 376 15.69 32.90 -13.31
C ASP C 376 16.83 33.76 -12.74
N GLY C 377 17.90 33.97 -13.51
CA GLY C 377 18.94 34.93 -13.11
C GLY C 377 20.14 34.19 -12.53
N ARG C 378 20.17 32.88 -12.78
CA ARG C 378 21.14 32.04 -12.13
C ARG C 378 22.30 31.87 -13.04
N ILE C 379 23.50 32.06 -12.51
CA ILE C 379 24.67 31.81 -13.28
C ILE C 379 25.42 30.68 -12.61
N SER C 380 26.14 29.90 -13.41
CA SER C 380 27.09 28.97 -12.85
C SER C 380 28.41 29.74 -12.73
N VAL C 381 28.84 29.91 -11.48
CA VAL C 381 30.06 30.69 -11.23
C VAL C 381 31.30 29.95 -11.87
N ALA C 382 31.11 28.67 -12.20
CA ALA C 382 32.15 27.83 -12.79
C ALA C 382 32.55 28.21 -14.25
N GLY C 383 31.66 28.88 -14.98
CA GLY C 383 31.90 29.41 -16.29
C GLY C 383 32.63 30.73 -16.21
N VAL C 384 32.91 31.21 -15.00
CA VAL C 384 33.58 32.52 -14.80
C VAL C 384 35.06 32.31 -14.64
N THR C 385 35.87 33.10 -15.32
CA THR C 385 37.32 32.91 -15.29
C THR C 385 38.00 34.26 -15.11
N SER C 386 39.28 34.26 -14.75
CA SER C 386 40.07 35.50 -14.67
C SER C 386 40.04 36.25 -16.03
N GLY C 387 40.01 35.47 -17.11
CA GLY C 387 39.91 35.97 -18.47
C GLY C 387 38.58 36.60 -18.85
N ASN C 388 37.44 36.04 -18.42
CA ASN C 388 36.17 36.63 -18.83
C ASN C 388 35.50 37.49 -17.76
N VAL C 389 36.09 37.59 -16.57
CA VAL C 389 35.35 38.20 -15.46
C VAL C 389 35.14 39.70 -15.64
N GLY C 390 36.07 40.35 -16.31
CA GLY C 390 35.94 41.80 -16.57
C GLY C 390 34.87 42.04 -17.61
N TYR C 391 34.87 41.22 -18.65
CA TYR C 391 33.78 41.31 -19.61
C TYR C 391 32.41 41.07 -18.94
N LEU C 392 32.32 40.04 -18.08
CA LEU C 392 31.02 39.77 -17.37
C LEU C 392 30.49 40.96 -16.58
N ALA C 393 31.32 41.52 -15.70
CA ALA C 393 30.95 42.70 -14.91
C ALA C 393 30.60 43.85 -15.81
N HIS C 394 31.32 43.99 -16.91
CA HIS C 394 30.98 45.09 -17.80
C HIS C 394 29.56 44.93 -18.35
N ALA C 395 29.24 43.69 -18.72
CA ALA C 395 27.97 43.37 -19.34
C ALA C 395 26.80 43.44 -18.34
N ILE C 396 27.04 42.99 -17.10
CA ILE C 396 25.99 43.08 -16.07
C ILE C 396 25.78 44.54 -15.72
N HIS C 397 26.87 45.28 -15.53
CA HIS C 397 26.72 46.71 -15.39
C HIS C 397 25.90 47.36 -16.53
N GLN C 398 26.17 46.99 -17.79
CA GLN C 398 25.48 47.68 -18.86
C GLN C 398 23.99 47.42 -18.75
N VAL C 399 23.58 46.22 -18.39
CA VAL C 399 22.16 45.88 -18.48
C VAL C 399 21.37 46.25 -17.23
N THR C 400 22.05 46.74 -16.21
CA THR C 400 21.44 47.08 -14.93
C THR C 400 21.57 48.54 -14.56
N LYS C 401 22.59 49.23 -15.06
CA LYS C 401 22.65 50.66 -14.79
C LYS C 401 21.34 51.29 -15.31
N SER D 1 7.00 5.78 18.52
CA SER D 1 7.81 6.95 19.01
C SER D 1 9.27 6.92 18.45
N SER D 2 9.43 6.23 17.31
CA SER D 2 10.52 6.49 16.37
C SER D 2 9.82 6.47 15.00
N TRP D 3 10.49 6.97 13.96
CA TRP D 3 9.84 7.11 12.67
C TRP D 3 9.53 5.76 12.02
N TRP D 4 10.35 4.74 12.35
CA TRP D 4 10.41 3.53 11.56
C TRP D 4 10.06 2.23 12.31
N THR D 5 9.52 2.37 13.51
CA THR D 5 8.95 1.31 14.28
C THR D 5 8.13 0.27 13.51
N HIS D 6 7.39 0.68 12.50
CA HIS D 6 6.52 -0.28 11.80
C HIS D 6 7.16 -0.93 10.57
N VAL D 7 8.40 -0.57 10.28
CA VAL D 7 9.11 -1.09 9.13
C VAL D 7 9.55 -2.52 9.50
N GLU D 8 9.04 -3.50 8.76
CA GLU D 8 9.25 -4.92 9.07
C GLU D 8 10.44 -5.45 8.30
N MET D 9 11.23 -6.29 8.96
CA MET D 9 12.33 -7.03 8.34
C MET D 9 11.88 -7.79 7.09
N GLY D 10 12.57 -7.58 5.97
CA GLY D 10 12.23 -8.26 4.73
C GLY D 10 12.50 -9.75 4.87
N PRO D 11 11.94 -10.58 3.96
CA PRO D 11 12.35 -11.98 4.00
C PRO D 11 13.83 -12.06 3.67
N PRO D 12 14.55 -12.96 4.36
CA PRO D 12 15.99 -13.09 4.04
C PRO D 12 16.15 -13.89 2.74
N ASP D 13 16.81 -13.28 1.75
CA ASP D 13 16.97 -13.87 0.41
C ASP D 13 17.75 -15.22 0.48
N PRO D 14 17.18 -16.30 -0.13
CA PRO D 14 17.68 -17.66 0.17
C PRO D 14 18.94 -18.08 -0.64
N ILE D 15 19.16 -17.40 -1.76
CA ILE D 15 20.34 -17.54 -2.63
C ILE D 15 21.66 -17.12 -1.93
N LEU D 16 21.54 -16.58 -0.72
CA LEU D 16 22.64 -15.95 -0.02
C LEU D 16 22.52 -16.42 1.42
N GLY D 17 21.58 -17.34 1.61
CA GLY D 17 21.54 -18.18 2.81
C GLY D 17 22.17 -19.50 2.41
N VAL D 18 22.15 -19.77 1.10
CA VAL D 18 22.77 -20.97 0.53
C VAL D 18 24.24 -20.71 0.18
N THR D 19 24.52 -19.75 -0.72
CA THR D 19 25.89 -19.28 -1.00
C THR D 19 26.66 -19.02 0.32
N GLU D 20 25.93 -18.70 1.38
CA GLU D 20 26.51 -18.63 2.70
C GLU D 20 26.88 -20.04 3.22
N ALA D 21 25.88 -20.93 3.31
CA ALA D 21 26.06 -22.25 3.95
C ALA D 21 27.20 -23.08 3.38
N PHE D 22 27.42 -22.90 2.08
CA PHE D 22 28.43 -23.63 1.30
C PHE D 22 29.85 -23.22 1.71
N LYS D 23 30.01 -21.94 2.09
CA LYS D 23 31.31 -21.38 2.46
C LYS D 23 31.85 -22.07 3.69
N ARG D 24 30.96 -22.34 4.65
CA ARG D 24 31.37 -22.86 5.95
C ARG D 24 31.61 -24.38 5.96
N ASP D 25 31.23 -25.04 4.87
CA ASP D 25 31.45 -26.49 4.73
C ASP D 25 32.93 -26.79 4.39
N THR D 26 33.55 -27.70 5.14
CA THR D 26 34.99 -28.05 4.96
C THR D 26 35.29 -29.43 4.33
N ASN D 27 34.24 -30.16 3.91
CA ASN D 27 34.41 -31.21 2.91
C ASN D 27 34.71 -30.51 1.57
N SER D 28 35.67 -31.00 0.78
CA SER D 28 36.11 -30.22 -0.40
C SER D 28 35.93 -30.89 -1.78
N LYS D 29 34.91 -31.70 -1.91
CA LYS D 29 34.38 -31.99 -3.24
C LYS D 29 33.11 -31.14 -3.46
N LYS D 30 32.85 -30.21 -2.54
CA LYS D 30 31.60 -29.41 -2.45
C LYS D 30 31.42 -28.40 -3.59
N MET D 31 30.18 -28.24 -4.05
CA MET D 31 29.91 -27.45 -5.24
C MET D 31 28.82 -26.42 -5.02
N ASN D 32 28.95 -25.26 -5.65
CA ASN D 32 27.90 -24.25 -5.58
C ASN D 32 27.30 -23.95 -6.96
N LEU D 33 26.13 -24.53 -7.23
CA LEU D 33 25.50 -24.27 -8.53
C LEU D 33 24.35 -23.27 -8.39
N GLY D 34 24.59 -22.24 -7.58
CA GLY D 34 23.67 -21.13 -7.33
C GLY D 34 24.25 -19.75 -7.63
N VAL D 35 25.49 -19.71 -8.15
CA VAL D 35 26.20 -18.48 -8.59
C VAL D 35 25.58 -17.77 -9.82
N GLY D 36 25.28 -16.48 -9.67
CA GLY D 36 24.60 -15.76 -10.72
C GLY D 36 25.45 -15.20 -11.87
N ALA D 37 26.72 -15.58 -11.95
CA ALA D 37 27.59 -15.03 -12.98
C ALA D 37 28.46 -16.09 -13.62
N TYR D 38 28.97 -15.80 -14.81
CA TYR D 38 29.87 -16.73 -15.48
C TYR D 38 31.12 -16.97 -14.64
N ARG D 39 31.65 -18.18 -14.82
CA ARG D 39 32.81 -18.69 -14.12
C ARG D 39 33.67 -19.51 -15.09
N ASP D 40 34.99 -19.38 -14.99
CA ASP D 40 35.88 -20.16 -15.87
C ASP D 40 36.09 -21.52 -15.26
N ASP D 41 36.88 -22.36 -15.93
CA ASP D 41 37.06 -23.76 -15.53
C ASP D 41 37.66 -24.01 -14.09
N ASN D 42 38.30 -22.99 -13.52
CA ASN D 42 38.74 -23.03 -12.10
C ASN D 42 37.74 -22.38 -11.16
N GLY D 43 36.61 -21.90 -11.69
CA GLY D 43 35.56 -21.28 -10.85
C GLY D 43 35.85 -19.84 -10.49
N LYS D 44 36.55 -19.16 -11.38
CA LYS D 44 37.04 -17.80 -11.11
C LYS D 44 36.35 -16.83 -12.04
N PRO D 45 36.15 -15.58 -11.57
CA PRO D 45 35.63 -14.52 -12.42
C PRO D 45 36.43 -14.35 -13.71
N TYR D 46 35.76 -13.95 -14.78
CA TYR D 46 36.43 -13.88 -16.03
C TYR D 46 36.37 -12.49 -16.72
N VAL D 47 37.42 -11.69 -16.52
CA VAL D 47 37.48 -10.42 -17.24
C VAL D 47 37.88 -10.76 -18.67
N LEU D 48 36.99 -10.51 -19.65
CA LEU D 48 37.37 -10.74 -21.04
C LEU D 48 38.58 -9.91 -21.47
N PRO D 49 39.58 -10.53 -22.12
CA PRO D 49 40.79 -9.75 -22.51
C PRO D 49 40.47 -8.64 -23.50
N SER D 50 39.41 -8.80 -24.27
CA SER D 50 38.99 -7.70 -25.13
C SER D 50 38.58 -6.51 -24.25
N VAL D 51 38.01 -6.80 -23.07
CA VAL D 51 37.68 -5.76 -22.08
C VAL D 51 38.96 -5.04 -21.52
N ARG D 52 39.91 -5.81 -20.98
CA ARG D 52 41.24 -5.27 -20.65
C ARG D 52 41.86 -4.48 -21.79
N LYS D 53 41.78 -4.98 -23.01
CA LYS D 53 42.36 -4.20 -24.10
C LYS D 53 41.68 -2.81 -24.19
N ALA D 54 40.36 -2.82 -24.43
CA ALA D 54 39.51 -1.62 -24.43
C ALA D 54 39.75 -0.70 -23.24
N GLU D 55 39.83 -1.28 -22.03
CA GLU D 55 40.14 -0.51 -20.82
C GLU D 55 41.48 0.17 -20.88
N ALA D 56 42.47 -0.51 -21.45
CA ALA D 56 43.79 0.08 -21.61
C ALA D 56 43.77 1.16 -22.69
N GLN D 57 43.00 0.95 -23.74
CA GLN D 57 42.90 1.99 -24.78
C GLN D 57 42.20 3.25 -24.25
N ILE D 58 41.24 3.07 -23.34
CA ILE D 58 40.50 4.23 -22.83
C ILE D 58 41.36 5.02 -21.84
N ALA D 59 42.10 4.32 -20.98
CA ALA D 59 43.02 4.98 -20.02
C ALA D 59 44.05 5.87 -20.73
N ALA D 60 44.55 5.39 -21.86
CA ALA D 60 45.57 6.12 -22.62
C ALA D 60 44.98 7.34 -23.36
N LYS D 61 43.66 7.41 -23.44
CA LYS D 61 43.05 8.56 -24.09
C LYS D 61 42.97 9.77 -23.14
N ASN D 62 43.20 9.53 -21.86
CA ASN D 62 43.07 10.56 -20.82
C ASN D 62 41.73 11.33 -20.76
N LEU D 63 40.62 10.58 -20.78
CA LEU D 63 39.28 11.14 -20.95
C LEU D 63 38.64 11.74 -19.69
N ASP D 64 37.75 12.73 -19.89
CA ASP D 64 37.09 13.39 -18.74
C ASP D 64 36.11 12.43 -17.99
N LYS D 65 35.52 12.90 -16.89
CA LYS D 65 34.46 12.13 -16.28
C LYS D 65 33.13 12.89 -16.34
N GLU D 66 32.92 13.71 -17.34
CA GLU D 66 31.78 14.57 -17.37
C GLU D 66 30.51 13.80 -17.57
N TYR D 67 29.37 14.39 -17.26
CA TYR D 67 28.08 13.73 -17.28
C TYR D 67 27.74 13.32 -18.68
N LEU D 68 27.23 12.10 -18.86
CA LEU D 68 26.59 11.72 -20.13
C LEU D 68 25.28 12.50 -20.34
N PRO D 69 24.81 12.63 -21.59
CA PRO D 69 23.37 13.00 -21.77
C PRO D 69 22.44 12.02 -21.01
N ILE D 70 21.17 12.42 -20.80
CA ILE D 70 20.17 11.58 -20.07
C ILE D 70 20.04 10.20 -20.69
N GLY D 71 20.09 10.15 -22.02
CA GLY D 71 20.04 8.90 -22.76
C GLY D 71 21.38 8.18 -22.99
N GLY D 72 22.47 8.75 -22.46
CA GLY D 72 23.75 8.08 -22.40
C GLY D 72 24.62 8.36 -23.62
N LEU D 73 25.71 7.60 -23.71
CA LEU D 73 26.73 7.76 -24.71
C LEU D 73 26.21 7.43 -26.12
N ALA D 74 26.10 8.45 -26.97
CA ALA D 74 25.53 8.35 -28.34
C ALA D 74 26.08 7.15 -29.17
N GLU D 75 27.41 7.02 -29.17
CA GLU D 75 28.06 5.93 -29.93
C GLU D 75 27.82 4.55 -29.32
N PHE D 76 27.59 4.46 -28.01
CA PHE D 76 27.22 3.19 -27.41
C PHE D 76 25.81 2.81 -27.82
N CYS D 77 24.90 3.78 -27.87
CA CYS D 77 23.52 3.49 -28.22
C CYS D 77 23.41 2.95 -29.64
N LYS D 78 24.10 3.62 -30.57
CA LYS D 78 24.13 3.28 -31.98
C LYS D 78 24.76 1.91 -32.17
N ALA D 79 25.93 1.69 -31.55
CA ALA D 79 26.60 0.40 -31.63
C ALA D 79 25.73 -0.70 -31.00
N SER D 80 24.91 -0.34 -30.01
CA SER D 80 24.16 -1.35 -29.32
C SER D 80 22.93 -1.76 -30.14
N ALA D 81 22.30 -0.78 -30.79
CA ALA D 81 21.14 -1.09 -31.63
C ALA D 81 21.61 -1.98 -32.78
N GLU D 82 22.72 -1.60 -33.40
CA GLU D 82 23.38 -2.35 -34.45
C GLU D 82 23.69 -3.77 -34.03
N LEU D 83 24.06 -3.94 -32.76
CA LEU D 83 24.40 -5.26 -32.28
C LEU D 83 23.10 -6.05 -32.34
N ALA D 84 22.05 -5.48 -31.75
CA ALA D 84 20.77 -6.16 -31.54
C ALA D 84 20.10 -6.64 -32.84
N LEU D 85 20.18 -5.79 -33.88
CA LEU D 85 19.35 -5.89 -35.08
C LEU D 85 20.15 -6.06 -36.41
N GLY D 86 21.47 -5.92 -36.34
CA GLY D 86 22.37 -6.01 -37.49
C GLY D 86 22.54 -4.65 -38.14
N GLU D 87 23.77 -4.30 -38.50
CA GLU D 87 24.02 -2.98 -39.11
C GLU D 87 23.09 -2.59 -40.29
N ASN D 88 22.70 -3.58 -41.11
CA ASN D 88 21.87 -3.32 -42.30
C ASN D 88 20.37 -3.54 -42.14
N ASN D 89 19.90 -3.65 -40.90
CA ASN D 89 18.47 -3.66 -40.66
C ASN D 89 17.70 -2.43 -41.24
N GLU D 90 16.53 -2.72 -41.79
CA GLU D 90 15.63 -1.70 -42.31
C GLU D 90 15.32 -0.59 -41.27
N VAL D 91 15.00 -1.00 -40.04
CA VAL D 91 14.84 -0.10 -38.88
C VAL D 91 16.01 0.90 -38.64
N LEU D 92 17.23 0.36 -38.57
CA LEU D 92 18.38 1.18 -38.35
C LEU D 92 18.62 2.08 -39.55
N LYS D 93 18.31 1.60 -40.75
CA LYS D 93 18.62 2.45 -41.89
C LYS D 93 17.62 3.60 -42.07
N SER D 94 16.38 3.42 -41.65
CA SER D 94 15.38 4.48 -41.76
C SER D 94 15.41 5.43 -40.55
N GLY D 95 16.09 5.00 -39.48
CA GLY D 95 16.21 5.74 -38.21
C GLY D 95 14.90 5.67 -37.43
N ARG D 96 14.15 4.57 -37.64
CA ARG D 96 12.84 4.40 -37.01
C ARG D 96 12.92 3.66 -35.68
N PHE D 97 13.80 4.15 -34.83
CA PHE D 97 13.99 3.55 -33.50
C PHE D 97 14.65 4.61 -32.59
N VAL D 98 14.49 4.36 -31.29
CA VAL D 98 15.28 5.07 -30.31
C VAL D 98 15.88 4.08 -29.33
N THR D 99 17.20 4.17 -29.15
CA THR D 99 17.91 3.43 -28.11
C THR D 99 18.44 4.41 -27.08
N VAL D 100 18.22 4.05 -25.80
CA VAL D 100 18.87 4.68 -24.63
C VAL D 100 19.65 3.72 -23.71
N GLN D 101 20.79 4.23 -23.24
CA GLN D 101 21.67 3.57 -22.32
C GLN D 101 21.01 3.58 -20.98
N THR D 102 21.07 2.48 -20.25
CA THR D 102 20.33 2.32 -19.02
C THR D 102 21.20 1.58 -18.06
N ILE D 103 20.73 1.40 -16.82
CA ILE D 103 21.57 0.79 -15.80
C ILE D 103 21.51 -0.71 -15.90
N SER D 104 22.20 -1.20 -16.93
CA SER D 104 22.17 -2.58 -17.34
C SER D 104 20.77 -3.06 -17.78
N GLY D 105 20.59 -4.37 -17.89
CA GLY D 105 19.31 -4.99 -18.27
C GLY D 105 18.21 -4.67 -17.27
N THR D 106 18.51 -4.68 -15.97
CA THR D 106 17.49 -4.28 -14.96
C THR D 106 17.01 -2.84 -15.20
N GLY D 107 17.95 -1.92 -15.29
CA GLY D 107 17.62 -0.55 -15.66
C GLY D 107 16.70 -0.48 -16.87
N ALA D 108 17.17 -1.04 -18.01
CA ALA D 108 16.38 -1.10 -19.26
C ALA D 108 14.93 -1.56 -19.02
N LEU D 109 14.79 -2.62 -18.24
CA LEU D 109 13.50 -3.17 -17.90
C LEU D 109 12.67 -2.14 -17.17
N ARG D 110 13.27 -1.54 -16.13
CA ARG D 110 12.50 -0.63 -15.26
C ARG D 110 12.07 0.58 -16.03
N VAL D 111 12.95 1.08 -16.87
CA VAL D 111 12.68 2.23 -17.69
C VAL D 111 11.55 1.89 -18.68
N GLY D 112 11.71 0.80 -19.44
CA GLY D 112 10.62 0.22 -20.20
C GLY D 112 9.29 0.09 -19.45
N ALA D 113 9.33 -0.54 -18.27
CA ALA D 113 8.13 -0.65 -17.48
C ALA D 113 7.50 0.73 -17.26
N SER D 114 8.35 1.67 -16.82
CA SER D 114 7.89 2.98 -16.44
C SER D 114 7.28 3.67 -17.69
N PHE D 115 7.88 3.40 -18.85
CA PHE D 115 7.38 4.05 -20.05
C PHE D 115 6.03 3.44 -20.42
N LEU D 116 5.81 2.16 -20.06
CA LEU D 116 4.53 1.52 -20.29
C LEU D 116 3.48 2.10 -19.37
N GLN D 117 3.85 2.24 -18.09
CA GLN D 117 2.88 2.68 -17.10
C GLN D 117 2.33 4.03 -17.55
N ARG D 118 3.17 4.81 -18.19
CA ARG D 118 2.80 6.17 -18.49
C ARG D 118 2.08 6.31 -19.84
N PHE D 119 2.59 5.61 -20.86
CA PHE D 119 2.16 5.80 -22.24
C PHE D 119 1.33 4.68 -22.88
N PHE D 120 1.35 3.51 -22.25
CA PHE D 120 0.67 2.36 -22.82
C PHE D 120 -0.73 2.31 -22.25
N LYS D 121 -1.57 3.18 -22.80
CA LYS D 121 -2.95 3.40 -22.30
C LYS D 121 -3.87 2.17 -22.49
N PHE D 122 -3.48 1.28 -23.40
CA PHE D 122 -4.28 0.08 -23.72
C PHE D 122 -4.48 -1.01 -22.63
N SER D 123 -3.67 -1.04 -21.57
CA SER D 123 -3.75 -2.10 -20.55
C SER D 123 -2.72 -1.90 -19.46
N ARG D 124 -3.03 -2.38 -18.25
CA ARG D 124 -2.08 -2.47 -17.14
C ARG D 124 -1.38 -3.85 -17.04
N ASP D 125 -1.66 -4.73 -17.99
CA ASP D 125 -1.29 -6.16 -17.88
C ASP D 125 -0.03 -6.55 -18.64
N VAL D 126 0.87 -7.21 -17.91
CA VAL D 126 2.16 -7.61 -18.44
C VAL D 126 2.18 -9.12 -18.24
N PHE D 127 2.20 -9.84 -19.36
CA PHE D 127 2.27 -11.31 -19.29
C PHE D 127 3.73 -11.82 -19.22
N LEU D 128 4.05 -12.48 -18.11
CA LEU D 128 5.35 -13.13 -17.93
C LEU D 128 5.27 -14.60 -18.30
N PRO D 129 6.37 -15.15 -18.85
CA PRO D 129 6.41 -16.62 -18.97
C PRO D 129 6.45 -17.21 -17.57
N LYS D 130 5.94 -18.44 -17.46
CA LYS D 130 6.03 -19.26 -16.23
C LYS D 130 7.12 -20.35 -16.34
N PRO D 131 8.15 -20.26 -15.49
CA PRO D 131 8.43 -19.03 -14.75
C PRO D 131 9.33 -18.05 -15.56
N SER D 132 9.74 -16.98 -14.88
CA SER D 132 10.51 -15.89 -15.42
C SER D 132 11.53 -15.52 -14.35
N TRP D 133 12.49 -14.71 -14.73
CA TRP D 133 13.38 -14.07 -13.76
C TRP D 133 12.53 -13.48 -12.64
N GLY D 134 12.87 -13.82 -11.39
CA GLY D 134 12.16 -13.34 -10.20
C GLY D 134 11.96 -11.81 -10.16
N ASN D 135 12.99 -11.06 -10.55
CA ASN D 135 12.96 -9.63 -10.39
C ASN D 135 11.95 -8.96 -11.35
N HIS D 136 11.64 -9.60 -12.49
CA HIS D 136 10.61 -9.12 -13.43
C HIS D 136 9.34 -8.65 -12.73
N THR D 137 8.87 -9.44 -11.74
CA THR D 137 7.63 -9.15 -11.04
C THR D 137 7.64 -7.80 -10.28
N PRO D 138 8.50 -7.67 -9.25
CA PRO D 138 8.52 -6.36 -8.60
C PRO D 138 8.96 -5.24 -9.52
N ILE D 139 9.67 -5.52 -10.61
CA ILE D 139 10.00 -4.41 -11.48
C ILE D 139 8.72 -3.75 -12.10
N PHE D 140 7.83 -4.57 -12.67
CA PHE D 140 6.59 -4.06 -13.25
C PHE D 140 5.63 -3.62 -12.15
N ARG D 141 5.66 -4.32 -11.00
CA ARG D 141 4.76 -3.98 -9.94
C ARG D 141 5.07 -2.60 -9.34
N ASP D 142 6.30 -2.41 -8.83
CA ASP D 142 6.77 -1.12 -8.38
C ASP D 142 6.56 -0.06 -9.42
N ALA D 143 6.60 -0.42 -10.70
CA ALA D 143 6.42 0.58 -11.77
C ALA D 143 4.95 0.94 -11.99
N GLY D 144 4.04 0.16 -11.41
CA GLY D 144 2.61 0.41 -11.51
C GLY D 144 1.88 -0.35 -12.62
N MET D 145 2.39 -1.53 -13.01
CA MET D 145 1.68 -2.40 -13.94
C MET D 145 1.16 -3.64 -13.19
N GLN D 146 0.21 -4.37 -13.77
CA GLN D 146 -0.23 -5.66 -13.19
C GLN D 146 0.55 -6.83 -13.82
N LEU D 147 0.92 -7.83 -13.03
CA LEU D 147 1.57 -8.97 -13.61
C LEU D 147 0.61 -10.11 -13.90
N GLN D 148 0.65 -10.62 -15.13
CA GLN D 148 0.04 -11.93 -15.46
C GLN D 148 1.09 -12.95 -16.01
N GLY D 149 0.70 -14.20 -16.11
CA GLY D 149 1.61 -15.22 -16.66
C GLY D 149 0.95 -15.95 -17.81
N TYR D 150 1.78 -16.62 -18.61
CA TYR D 150 1.34 -17.52 -19.69
C TYR D 150 2.24 -18.71 -19.64
N ARG D 151 1.68 -19.90 -19.88
CA ARG D 151 2.45 -21.14 -19.72
C ARG D 151 3.64 -21.30 -20.65
N TYR D 152 4.73 -21.74 -20.07
CA TYR D 152 5.98 -21.75 -20.79
C TYR D 152 6.82 -22.99 -20.58
N TYR D 153 7.19 -23.23 -19.33
CA TYR D 153 7.99 -24.38 -18.93
C TYR D 153 7.05 -25.54 -18.79
N ASP D 154 7.37 -26.62 -19.50
CA ASP D 154 6.67 -27.91 -19.37
C ASP D 154 7.50 -28.77 -18.42
N PRO D 155 7.01 -28.97 -17.20
CA PRO D 155 7.72 -29.81 -16.21
C PRO D 155 7.75 -31.31 -16.58
N LYS D 156 6.72 -31.77 -17.33
CA LYS D 156 6.71 -33.15 -17.83
C LYS D 156 7.95 -33.42 -18.71
N THR D 157 8.48 -32.42 -19.39
CA THR D 157 9.56 -32.69 -20.34
C THR D 157 10.82 -31.91 -20.00
N CYS D 158 10.76 -31.08 -18.96
CA CYS D 158 11.73 -29.98 -18.72
C CYS D 158 12.12 -29.22 -19.99
N GLY D 159 11.10 -28.84 -20.76
CA GLY D 159 11.24 -28.19 -22.08
C GLY D 159 10.05 -27.27 -22.33
N PHE D 160 9.95 -26.74 -23.54
CA PHE D 160 8.94 -25.74 -23.86
C PHE D 160 7.54 -26.35 -23.96
N ASP D 161 6.57 -25.89 -23.16
CA ASP D 161 5.16 -26.30 -23.40
C ASP D 161 4.62 -25.46 -24.55
N PHE D 162 4.92 -25.85 -25.77
CA PHE D 162 4.57 -25.08 -26.95
C PHE D 162 3.05 -24.91 -27.11
N SER D 163 2.31 -26.00 -26.95
CA SER D 163 0.86 -25.94 -27.16
C SER D 163 0.15 -25.19 -26.03
N GLY D 164 0.62 -25.33 -24.79
CA GLY D 164 0.11 -24.51 -23.70
C GLY D 164 0.40 -23.00 -23.89
N ALA D 165 1.62 -22.67 -24.32
CA ALA D 165 2.01 -21.29 -24.53
C ALA D 165 1.23 -20.71 -25.69
N LEU D 166 1.17 -21.45 -26.81
CA LEU D 166 0.41 -21.01 -27.99
C LEU D 166 -1.09 -20.79 -27.67
N GLU D 167 -1.69 -21.69 -26.89
CA GLU D 167 -3.06 -21.47 -26.37
C GLU D 167 -3.17 -20.22 -25.48
N ASP D 168 -2.28 -20.08 -24.50
CA ASP D 168 -2.37 -18.93 -23.57
C ASP D 168 -2.17 -17.59 -24.28
N ILE D 169 -1.09 -17.48 -25.04
CA ILE D 169 -0.84 -16.30 -25.84
C ILE D 169 -2.02 -15.91 -26.79
N SER D 170 -2.71 -16.90 -27.35
CA SER D 170 -3.87 -16.64 -28.21
C SER D 170 -5.14 -16.25 -27.44
N LYS D 171 -5.16 -16.44 -26.11
CA LYS D 171 -6.26 -16.03 -25.21
C LYS D 171 -6.04 -14.66 -24.49
N ILE D 172 -4.81 -14.16 -24.49
CA ILE D 172 -4.50 -12.83 -23.93
C ILE D 172 -5.36 -11.69 -24.59
N PRO D 173 -5.98 -10.80 -23.78
CA PRO D 173 -6.72 -9.70 -24.44
C PRO D 173 -5.91 -8.91 -25.48
N GLU D 174 -6.52 -8.61 -26.62
CA GLU D 174 -5.86 -7.77 -27.63
C GLU D 174 -5.24 -6.48 -27.01
N GLN D 175 -4.05 -6.08 -27.48
CA GLN D 175 -3.37 -4.88 -26.94
C GLN D 175 -2.94 -5.01 -25.45
N SER D 176 -2.67 -6.25 -25.01
CA SER D 176 -1.90 -6.48 -23.78
C SER D 176 -0.39 -6.52 -24.11
N VAL D 177 0.43 -6.27 -23.08
CA VAL D 177 1.88 -6.50 -23.17
C VAL D 177 2.32 -7.96 -22.93
N LEU D 178 3.01 -8.50 -23.95
CA LEU D 178 3.69 -9.82 -23.86
C LEU D 178 5.21 -9.80 -23.56
N LEU D 179 5.65 -10.38 -22.42
CA LEU D 179 7.10 -10.41 -22.18
C LEU D 179 7.75 -11.69 -22.63
N LEU D 180 8.77 -11.53 -23.49
CA LEU D 180 9.50 -12.67 -24.08
C LEU D 180 11.02 -12.62 -23.86
N HIS D 181 11.60 -13.66 -23.24
CA HIS D 181 13.06 -13.86 -23.23
C HIS D 181 13.54 -14.12 -24.68
N ALA D 182 14.46 -13.35 -25.19
CA ALA D 182 14.80 -13.48 -26.58
C ALA D 182 15.62 -14.72 -26.93
N CYS D 183 16.33 -15.24 -25.95
CA CYS D 183 17.16 -16.40 -26.13
C CYS D 183 17.66 -16.66 -24.74
N ALA D 184 18.11 -17.85 -24.47
CA ALA D 184 18.56 -18.29 -23.15
C ALA D 184 17.68 -17.93 -21.97
N HIS D 185 16.49 -18.47 -21.95
CA HIS D 185 15.50 -18.26 -20.85
C HIS D 185 16.13 -18.49 -19.52
N ASN D 186 15.69 -17.69 -18.57
CA ASN D 186 16.16 -17.69 -17.21
C ASN D 186 14.91 -17.74 -16.38
N PRO D 187 14.80 -18.69 -15.45
CA PRO D 187 15.79 -19.65 -14.92
C PRO D 187 15.96 -21.05 -15.57
N THR D 188 15.25 -21.36 -16.66
CA THR D 188 15.14 -22.78 -17.07
C THR D 188 15.98 -23.17 -18.29
N GLY D 189 16.55 -22.22 -19.02
CA GLY D 189 17.31 -22.51 -20.25
C GLY D 189 16.48 -23.05 -21.41
N VAL D 190 15.16 -23.04 -21.23
CA VAL D 190 14.20 -23.60 -22.19
C VAL D 190 13.77 -22.54 -23.22
N ASP D 191 14.08 -22.75 -24.51
CA ASP D 191 13.75 -21.77 -25.60
C ASP D 191 12.90 -22.34 -26.75
N PRO D 192 12.02 -21.48 -27.36
CA PRO D 192 11.39 -21.94 -28.60
C PRO D 192 12.44 -22.23 -29.69
N ARG D 193 12.08 -23.07 -30.66
CA ARG D 193 12.87 -23.20 -31.88
C ARG D 193 12.36 -22.17 -32.90
N PRO D 194 13.20 -21.81 -33.90
CA PRO D 194 12.79 -20.81 -34.90
C PRO D 194 11.35 -20.99 -35.47
N GLU D 195 10.94 -22.23 -35.75
CA GLU D 195 9.61 -22.52 -36.34
C GLU D 195 8.51 -22.17 -35.34
N GLN D 196 8.71 -22.53 -34.08
CA GLN D 196 7.78 -22.18 -33.02
C GLN D 196 7.69 -20.66 -32.78
N TRP D 197 8.83 -19.99 -32.86
CA TRP D 197 8.89 -18.53 -32.75
C TRP D 197 8.02 -17.91 -33.82
N LYS D 198 8.09 -18.46 -35.04
CA LYS D 198 7.33 -17.97 -36.18
C LYS D 198 5.83 -17.97 -35.88
N GLU D 199 5.40 -18.97 -35.12
CA GLU D 199 4.01 -19.05 -34.76
C GLU D 199 3.59 -18.01 -33.72
N ILE D 200 4.39 -17.91 -32.67
CA ILE D 200 4.27 -16.87 -31.68
C ILE D 200 4.19 -15.49 -32.34
N ALA D 201 5.13 -15.20 -33.23
CA ALA D 201 5.05 -14.02 -34.09
C ALA D 201 3.70 -13.82 -34.83
N SER D 202 3.22 -14.81 -35.60
CA SER D 202 1.85 -14.75 -36.16
C SER D 202 0.74 -14.42 -35.15
N VAL D 203 0.61 -15.17 -34.08
CA VAL D 203 -0.43 -14.87 -33.09
C VAL D 203 -0.27 -13.42 -32.55
N VAL D 204 0.92 -13.10 -32.04
CA VAL D 204 1.19 -11.77 -31.51
C VAL D 204 0.69 -10.68 -32.44
N LYS D 205 0.80 -10.93 -33.76
CA LYS D 205 0.45 -9.97 -34.80
C LYS D 205 -1.03 -9.92 -35.18
N LYS D 206 -1.72 -11.06 -35.15
CA LYS D 206 -3.18 -11.13 -35.44
C LYS D 206 -3.97 -10.71 -34.22
N LYS D 207 -3.46 -11.10 -33.06
CA LYS D 207 -4.12 -10.77 -31.81
C LYS D 207 -3.74 -9.37 -31.24
N ASN D 208 -2.99 -8.62 -32.05
CA ASN D 208 -2.54 -7.26 -31.74
C ASN D 208 -1.95 -7.08 -30.32
N LEU D 209 -0.92 -7.88 -30.00
CA LEU D 209 -0.20 -7.76 -28.72
C LEU D 209 1.07 -6.90 -28.89
N PHE D 210 1.47 -6.24 -27.81
CA PHE D 210 2.76 -5.54 -27.80
C PHE D 210 3.85 -6.50 -27.28
N ALA D 211 4.93 -6.62 -28.04
CA ALA D 211 6.05 -7.53 -27.76
C ALA D 211 7.23 -6.85 -27.05
N PHE D 212 7.41 -7.19 -25.77
CA PHE D 212 8.45 -6.65 -24.94
C PHE D 212 9.51 -7.72 -24.82
N PHE D 213 10.58 -7.57 -25.57
CA PHE D 213 11.71 -8.51 -25.46
C PHE D 213 12.74 -8.14 -24.37
N ASP D 214 13.01 -9.11 -23.50
CA ASP D 214 14.13 -9.07 -22.59
C ASP D 214 15.34 -9.90 -23.14
N MET D 215 16.39 -9.24 -23.62
CA MET D 215 17.53 -9.98 -24.19
C MET D 215 18.86 -9.82 -23.44
N ALA D 216 19.00 -10.59 -22.38
CA ALA D 216 20.20 -10.50 -21.54
C ALA D 216 21.47 -11.25 -22.06
N TYR D 217 21.32 -12.15 -23.03
CA TYR D 217 22.37 -13.13 -23.36
C TYR D 217 22.74 -13.26 -24.82
N GLN D 218 22.50 -12.23 -25.61
CA GLN D 218 22.91 -12.28 -27.01
C GLN D 218 24.40 -12.61 -27.16
N GLY D 219 24.68 -13.66 -27.92
CA GLY D 219 26.06 -14.12 -28.08
C GLY D 219 26.45 -15.15 -27.04
N PHE D 220 26.03 -14.92 -25.79
CA PHE D 220 26.43 -15.72 -24.62
C PHE D 220 25.68 -17.05 -24.58
N ALA D 221 24.42 -17.02 -25.02
CA ALA D 221 23.53 -18.18 -25.11
C ALA D 221 24.06 -19.39 -25.90
N SER D 222 24.55 -19.12 -27.12
CA SER D 222 24.83 -20.17 -28.09
C SER D 222 26.17 -20.01 -28.80
N GLY D 223 26.87 -18.90 -28.58
CA GLY D 223 28.11 -18.62 -29.29
C GLY D 223 27.85 -17.80 -30.53
N ASP D 224 26.60 -17.78 -31.00
CA ASP D 224 26.27 -17.05 -32.21
C ASP D 224 25.20 -15.93 -31.99
N GLY D 225 25.67 -14.69 -32.09
CA GLY D 225 24.85 -13.52 -31.85
C GLY D 225 23.65 -13.34 -32.76
N ASP D 226 23.85 -13.48 -34.08
CA ASP D 226 22.76 -13.41 -35.02
C ASP D 226 21.77 -14.49 -34.72
N LYS D 227 22.27 -15.65 -34.29
CA LYS D 227 21.36 -16.75 -33.97
C LYS D 227 20.56 -16.47 -32.71
N ASP D 228 21.15 -15.75 -31.74
CA ASP D 228 20.44 -15.42 -30.47
C ASP D 228 19.49 -14.21 -30.65
N ALA D 229 19.85 -13.31 -31.56
CA ALA D 229 19.04 -12.15 -31.96
C ALA D 229 17.95 -12.47 -33.03
N TRP D 230 17.93 -13.73 -33.52
CA TRP D 230 17.01 -14.15 -34.58
C TRP D 230 15.49 -14.00 -34.20
N ALA D 231 15.07 -14.49 -33.03
CA ALA D 231 13.68 -14.24 -32.59
C ALA D 231 13.25 -12.72 -32.72
N VAL D 232 13.97 -11.83 -32.04
CA VAL D 232 13.69 -10.38 -32.00
C VAL D 232 13.64 -9.77 -33.39
N ARG D 233 14.66 -10.09 -34.19
CA ARG D 233 14.77 -9.62 -35.56
C ARG D 233 13.63 -10.09 -36.47
N HIS D 234 13.12 -11.30 -36.18
CA HIS D 234 12.10 -11.93 -36.99
C HIS D 234 10.82 -11.14 -36.81
N PHE D 235 10.40 -11.00 -35.56
CA PHE D 235 9.26 -10.17 -35.18
C PHE D 235 9.29 -8.79 -35.86
N ILE D 236 10.44 -8.11 -35.85
CA ILE D 236 10.52 -6.84 -36.53
C ILE D 236 10.21 -7.04 -38.02
N GLU D 237 10.84 -8.02 -38.63
CA GLU D 237 10.61 -8.28 -40.03
C GLU D 237 9.13 -8.68 -40.32
N GLN D 238 8.45 -9.32 -39.36
CA GLN D 238 7.02 -9.60 -39.46
C GLN D 238 6.16 -8.33 -39.33
N GLY D 239 6.80 -7.18 -39.11
CA GLY D 239 6.04 -5.96 -38.89
C GLY D 239 5.50 -5.75 -37.49
N ILE D 240 6.00 -6.49 -36.48
CA ILE D 240 5.74 -6.19 -35.04
C ILE D 240 6.79 -5.15 -34.52
N ASN D 241 6.31 -4.05 -33.95
CA ASN D 241 7.20 -3.02 -33.48
C ASN D 241 7.49 -3.21 -31.99
N VAL D 242 8.49 -4.02 -31.68
CA VAL D 242 8.81 -4.45 -30.32
C VAL D 242 9.62 -3.38 -29.53
N CYS D 243 9.70 -3.55 -28.21
CA CYS D 243 10.77 -2.90 -27.52
C CYS D 243 11.72 -3.99 -27.00
N LEU D 244 12.91 -3.56 -26.56
CA LEU D 244 13.98 -4.47 -26.24
C LEU D 244 14.91 -3.87 -25.18
N CYS D 245 15.07 -4.63 -24.10
CA CYS D 245 16.14 -4.44 -23.12
C CYS D 245 17.38 -5.27 -23.53
N GLN D 246 18.56 -4.66 -23.54
CA GLN D 246 19.79 -5.45 -23.74
C GLN D 246 20.58 -5.30 -22.46
N SER D 247 21.33 -6.35 -22.11
CA SER D 247 22.32 -6.31 -21.05
C SER D 247 23.68 -6.78 -21.57
N TYR D 248 24.71 -6.07 -21.12
CA TYR D 248 26.07 -6.54 -21.32
C TYR D 248 26.65 -7.12 -20.06
N ALA D 249 25.81 -7.40 -19.08
CA ALA D 249 26.35 -7.98 -17.86
C ALA D 249 27.10 -9.26 -18.23
N1 LLP D 250 17.16 -10.12 -17.16
C2 LLP D 250 17.44 -11.42 -16.93
C2' LLP D 250 16.39 -12.41 -17.29
C3 LLP D 250 18.66 -11.81 -16.41
O3 LLP D 250 18.87 -12.98 -16.22
C4 LLP D 250 19.63 -10.90 -16.09
C4' LLP D 250 20.99 -11.37 -15.62
C5 LLP D 250 19.29 -9.57 -16.31
C6 LLP D 250 18.09 -9.20 -16.88
C5' LLP D 250 20.19 -8.43 -16.09
OP4 LLP D 250 20.66 -7.89 -14.87
P LLP D 250 21.75 -6.88 -15.12
OP1 LLP D 250 22.59 -7.46 -14.21
OP2 LLP D 250 22.16 -6.95 -16.44
OP3 LLP D 250 21.08 -5.73 -14.75
N LLP D 250 26.47 -10.23 -18.84
CA LLP D 250 27.09 -11.54 -19.06
CB LLP D 250 26.07 -12.68 -18.92
CG LLP D 250 25.36 -12.80 -17.55
CD LLP D 250 24.19 -11.87 -17.46
CE LLP D 250 23.21 -12.04 -16.26
NZ LLP D 250 22.00 -11.12 -16.43
C LLP D 250 27.90 -11.65 -20.33
O LLP D 250 28.92 -12.22 -20.30
N ASN D 251 27.46 -11.08 -21.42
CA ASN D 251 28.17 -11.23 -22.70
C ASN D 251 29.48 -10.40 -22.86
N MET D 252 29.66 -9.34 -22.06
CA MET D 252 30.97 -8.70 -21.95
C MET D 252 31.55 -8.88 -20.53
N GLY D 253 30.83 -9.53 -19.63
CA GLY D 253 31.31 -9.65 -18.26
C GLY D 253 31.45 -8.28 -17.56
N LEU D 254 30.70 -7.31 -18.07
CA LEU D 254 30.68 -5.98 -17.52
C LEU D 254 29.71 -5.88 -16.33
N TYR D 255 29.34 -7.02 -15.73
CA TYR D 255 28.46 -7.07 -14.52
C TYR D 255 28.24 -5.77 -13.71
N GLY D 256 29.21 -5.44 -12.87
CA GLY D 256 29.07 -4.31 -11.91
C GLY D 256 29.38 -2.98 -12.54
N GLU D 257 29.73 -2.97 -13.81
CA GLU D 257 29.90 -1.72 -14.52
C GLU D 257 28.51 -1.17 -14.96
N ARG D 258 27.47 -2.02 -14.89
CA ARG D 258 26.05 -1.70 -15.28
C ARG D 258 25.90 -1.05 -16.66
N VAL D 259 26.07 -1.88 -17.69
CA VAL D 259 25.85 -1.50 -19.10
C VAL D 259 24.62 -2.24 -19.65
N GLY D 260 23.69 -1.44 -20.19
CA GLY D 260 22.49 -1.91 -20.85
C GLY D 260 21.97 -0.87 -21.81
N ALA D 261 20.95 -1.24 -22.56
CA ALA D 261 20.24 -0.29 -23.39
C ALA D 261 18.79 -0.75 -23.52
N PHE D 262 17.89 0.22 -23.71
CA PHE D 262 16.47 -0.04 -23.91
C PHE D 262 16.17 0.56 -25.26
N THR D 263 15.50 -0.23 -26.12
CA THR D 263 15.09 0.22 -27.46
C THR D 263 13.59 0.11 -27.68
N VAL D 264 13.06 1.11 -28.38
CA VAL D 264 11.71 1.08 -28.90
C VAL D 264 11.81 1.18 -30.41
N VAL D 265 11.22 0.18 -31.09
CA VAL D 265 11.12 0.23 -32.53
C VAL D 265 9.78 0.90 -32.82
N CYS D 266 9.82 1.80 -33.79
CA CYS D 266 8.71 2.72 -34.05
C CYS D 266 8.41 2.76 -35.54
N LYS D 267 7.24 3.34 -35.84
CA LYS D 267 6.68 3.44 -37.16
C LYS D 267 7.58 4.27 -38.05
N ASP D 268 8.11 5.36 -37.52
CA ASP D 268 9.05 6.23 -38.29
C ASP D 268 9.99 6.93 -37.33
N ALA D 269 10.93 7.70 -37.87
CA ALA D 269 11.93 8.46 -37.11
C ALA D 269 11.30 9.59 -36.29
N GLU D 270 10.17 10.12 -36.77
CA GLU D 270 9.50 11.23 -36.10
C GLU D 270 8.84 10.70 -34.83
N GLU D 271 8.28 9.49 -34.90
CA GLU D 271 7.70 8.89 -33.71
C GLU D 271 8.81 8.61 -32.73
N ALA D 272 9.97 8.24 -33.24
CA ALA D 272 11.04 7.85 -32.33
C ALA D 272 11.50 9.07 -31.53
N LYS D 273 11.66 10.22 -32.19
CA LYS D 273 11.90 11.52 -31.56
C LYS D 273 10.98 11.88 -30.38
N ARG D 274 9.72 11.46 -30.45
CA ARG D 274 8.70 11.78 -29.44
C ARG D 274 8.89 10.87 -28.24
N VAL D 275 9.01 9.59 -28.55
CA VAL D 275 9.28 8.56 -27.58
C VAL D 275 10.62 8.88 -26.86
N GLU D 276 11.60 9.34 -27.61
CA GLU D 276 12.88 9.66 -26.99
C GLU D 276 12.77 10.78 -25.95
N SER D 277 11.92 11.75 -26.24
CA SER D 277 11.72 12.89 -25.39
C SER D 277 11.12 12.44 -24.10
N GLN D 278 10.19 11.47 -24.15
CA GLN D 278 9.57 10.95 -22.92
C GLN D 278 10.36 9.91 -22.13
N LEU D 279 11.23 9.16 -22.80
CA LEU D 279 12.16 8.29 -22.07
C LEU D 279 13.10 9.16 -21.24
N LYS D 280 13.60 10.25 -21.83
CA LYS D 280 14.43 11.19 -21.07
C LYS D 280 13.75 11.84 -19.85
N ILE D 281 12.50 12.26 -20.03
CA ILE D 281 11.68 12.83 -18.96
C ILE D 281 11.50 11.81 -17.84
N LEU D 282 11.46 10.53 -18.17
CA LEU D 282 11.26 9.49 -17.15
C LEU D 282 12.58 9.07 -16.47
N ILE D 283 13.69 9.25 -17.18
CA ILE D 283 14.96 8.76 -16.69
C ILE D 283 15.53 9.85 -15.78
N ARG D 284 15.37 11.11 -16.17
CA ARG D 284 15.88 12.22 -15.36
C ARG D 284 15.65 11.98 -13.87
N PRO D 285 14.40 11.78 -13.50
CA PRO D 285 14.02 11.54 -12.09
C PRO D 285 14.26 10.15 -11.44
N LEU D 286 14.89 9.23 -12.16
CA LEU D 286 15.28 7.96 -11.58
C LEU D 286 16.74 8.08 -11.17
N TYR D 287 17.57 8.69 -12.03
CA TYR D 287 19.01 8.69 -11.77
C TYR D 287 19.76 9.70 -12.61
N SER D 288 19.03 10.55 -13.32
CA SER D 288 19.61 11.68 -14.15
C SER D 288 20.34 11.32 -15.43
N ASN D 289 21.44 10.58 -15.29
CA ASN D 289 22.30 10.24 -16.38
C ASN D 289 22.98 8.91 -16.02
N PRO D 290 23.30 8.07 -17.03
CA PRO D 290 23.87 6.75 -16.70
C PRO D 290 25.42 6.72 -16.57
N PRO D 291 25.96 5.73 -15.84
CA PRO D 291 27.43 5.51 -15.63
C PRO D 291 28.29 5.50 -16.89
N LEU D 292 29.42 6.17 -16.84
CA LEU D 292 30.19 6.41 -18.03
C LEU D 292 31.14 5.23 -18.38
N ASN D 293 31.61 4.52 -17.38
CA ASN D 293 32.76 3.64 -17.61
C ASN D 293 32.47 2.38 -18.44
N GLY D 294 31.46 1.60 -18.04
CA GLY D 294 31.07 0.46 -18.81
C GLY D 294 30.74 0.81 -20.25
N ALA D 295 29.91 1.84 -20.43
CA ALA D 295 29.50 2.21 -21.76
C ALA D 295 30.63 2.58 -22.70
N ARG D 296 31.67 3.25 -22.21
CA ARG D 296 32.85 3.56 -23.05
C ARG D 296 33.61 2.28 -23.44
N ILE D 297 33.62 1.31 -22.55
CA ILE D 297 34.22 0.03 -22.80
C ILE D 297 33.47 -0.64 -23.94
N ALA D 298 32.14 -0.68 -23.87
CA ALA D 298 31.39 -1.45 -24.84
C ALA D 298 31.44 -0.73 -26.16
N ALA D 299 31.32 0.60 -26.16
CA ALA D 299 31.43 1.33 -27.42
C ALA D 299 32.81 1.14 -28.08
N THR D 300 33.83 0.99 -27.24
CA THR D 300 35.19 0.86 -27.73
C THR D 300 35.29 -0.52 -28.43
N ILE D 301 34.80 -1.57 -27.77
CA ILE D 301 34.85 -2.89 -28.35
C ILE D 301 34.02 -2.86 -29.63
N LEU D 302 32.73 -2.62 -29.46
CA LEU D 302 31.76 -2.56 -30.55
C LEU D 302 32.20 -1.83 -31.81
N THR D 303 32.83 -0.67 -31.70
CA THR D 303 33.15 0.14 -32.91
C THR D 303 34.58 -0.03 -33.49
N SER D 304 35.34 -0.98 -32.95
CA SER D 304 36.60 -1.35 -33.53
C SER D 304 36.43 -2.75 -34.12
N PRO D 305 36.51 -2.86 -35.47
CA PRO D 305 36.22 -4.11 -36.15
C PRO D 305 37.08 -5.22 -35.60
N ASP D 306 38.32 -4.85 -35.23
CA ASP D 306 39.29 -5.75 -34.59
C ASP D 306 38.85 -6.21 -33.21
N LEU D 307 38.79 -5.27 -32.27
CA LEU D 307 38.34 -5.55 -30.91
C LEU D 307 37.02 -6.33 -30.94
N ARG D 308 36.10 -5.85 -31.76
CA ARG D 308 34.83 -6.49 -31.88
C ARG D 308 34.95 -7.95 -32.25
N LYS D 309 35.62 -8.22 -33.38
CA LYS D 309 35.87 -9.58 -33.86
C LYS D 309 36.38 -10.43 -32.72
N GLN D 310 37.43 -9.96 -32.05
CA GLN D 310 38.01 -10.63 -30.89
C GLN D 310 37.04 -10.92 -29.75
N TRP D 311 36.35 -9.87 -29.29
CA TRP D 311 35.37 -10.02 -28.24
C TRP D 311 34.35 -11.10 -28.63
N LEU D 312 33.94 -11.10 -29.90
CA LEU D 312 33.03 -12.17 -30.34
C LEU D 312 33.60 -13.57 -30.21
N GLN D 313 34.92 -13.76 -30.31
CA GLN D 313 35.48 -15.11 -30.07
C GLN D 313 35.41 -15.51 -28.60
N GLU D 314 35.52 -14.51 -27.74
CA GLU D 314 35.63 -14.73 -26.31
C GLU D 314 34.27 -15.07 -25.75
N VAL D 315 33.24 -14.39 -26.27
CA VAL D 315 31.83 -14.71 -26.01
C VAL D 315 31.59 -16.16 -26.41
N LYS D 316 31.91 -16.45 -27.68
CA LYS D 316 31.91 -17.84 -28.20
C LYS D 316 32.62 -18.85 -27.30
N GLY D 317 33.79 -18.48 -26.77
CA GLY D 317 34.52 -19.28 -25.80
C GLY D 317 33.61 -19.63 -24.64
N MET D 318 33.20 -18.61 -23.87
CA MET D 318 32.30 -18.82 -22.73
C MET D 318 31.07 -19.69 -23.05
N ALA D 319 30.36 -19.37 -24.13
CA ALA D 319 29.23 -20.20 -24.59
C ALA D 319 29.63 -21.68 -24.74
N ASP D 320 30.62 -21.95 -25.60
CA ASP D 320 31.15 -23.33 -25.86
C ASP D 320 31.61 -24.02 -24.61
N ARG D 321 32.05 -23.27 -23.60
CA ARG D 321 32.41 -23.91 -22.36
C ARG D 321 31.18 -24.45 -21.69
N ILE D 322 30.14 -23.60 -21.61
CA ILE D 322 28.84 -23.94 -20.98
C ILE D 322 28.12 -25.11 -21.65
N ILE D 323 28.08 -25.04 -23.00
CA ILE D 323 27.52 -26.10 -23.84
C ILE D 323 28.31 -27.40 -23.54
N SER D 324 29.64 -27.36 -23.66
CA SER D 324 30.39 -28.60 -23.42
C SER D 324 30.21 -29.22 -21.99
N MET D 325 29.92 -28.39 -20.97
CA MET D 325 29.67 -28.91 -19.63
C MET D 325 28.35 -29.65 -19.60
N ARG D 326 27.39 -29.20 -20.41
CA ARG D 326 26.04 -29.76 -20.42
C ARG D 326 26.14 -31.15 -21.04
N THR D 327 26.79 -31.21 -22.21
CA THR D 327 27.07 -32.48 -22.91
C THR D 327 27.91 -33.46 -22.09
N GLN D 328 28.92 -32.98 -21.38
CA GLN D 328 29.71 -33.83 -20.48
C GLN D 328 28.95 -34.25 -19.23
N LEU D 329 28.08 -33.40 -18.70
CA LEU D 329 27.23 -33.85 -17.61
C LEU D 329 26.27 -34.93 -18.08
N VAL D 330 25.81 -34.83 -19.33
CA VAL D 330 24.82 -35.76 -19.90
C VAL D 330 25.53 -37.10 -20.18
N SER D 331 26.74 -37.00 -20.75
CA SER D 331 27.59 -38.15 -21.02
C SER D 331 27.97 -38.90 -19.74
N ASN D 332 28.35 -38.18 -18.69
CA ASN D 332 28.68 -38.82 -17.41
C ASN D 332 27.49 -39.44 -16.69
N LEU D 333 26.26 -39.08 -17.08
CA LEU D 333 25.13 -39.70 -16.42
C LEU D 333 24.82 -41.06 -17.04
N LYS D 334 24.94 -41.16 -18.37
CA LYS D 334 24.94 -42.43 -19.05
C LYS D 334 26.04 -43.36 -18.49
N LYS D 335 27.27 -42.84 -18.35
CA LYS D 335 28.40 -43.65 -17.89
C LYS D 335 28.27 -44.15 -16.45
N GLU D 336 27.51 -43.43 -15.62
CA GLU D 336 27.22 -43.90 -14.29
C GLU D 336 26.06 -44.88 -14.37
N GLY D 337 25.57 -45.07 -15.59
CA GLY D 337 24.41 -45.90 -15.86
C GLY D 337 23.16 -45.27 -15.30
N SER D 338 22.62 -44.26 -15.98
CA SER D 338 21.32 -43.69 -15.61
C SER D 338 20.27 -44.10 -16.62
N SER D 339 19.06 -44.31 -16.12
CA SER D 339 17.94 -44.73 -16.96
C SER D 339 17.10 -43.56 -17.42
N HIS D 340 17.26 -42.45 -16.71
CA HIS D 340 16.50 -41.25 -16.95
C HIS D 340 16.97 -40.51 -18.19
N ASN D 341 16.04 -39.86 -18.88
CA ASN D 341 16.37 -39.09 -20.08
C ASN D 341 16.80 -37.69 -19.61
N TRP D 342 18.02 -37.26 -19.97
CA TRP D 342 18.52 -35.93 -19.61
C TRP D 342 18.90 -35.10 -20.83
N GLN D 343 18.35 -35.40 -22.00
CA GLN D 343 18.59 -34.57 -23.18
C GLN D 343 18.18 -33.10 -22.94
N HIS D 344 17.20 -32.87 -22.05
CA HIS D 344 16.82 -31.50 -21.69
C HIS D 344 18.03 -30.66 -21.28
N ILE D 345 18.89 -31.25 -20.44
CA ILE D 345 20.21 -30.67 -20.14
C ILE D 345 20.99 -30.16 -21.37
N THR D 346 20.89 -30.79 -22.52
CA THR D 346 21.67 -30.32 -23.71
C THR D 346 20.82 -29.52 -24.73
N ASP D 347 19.50 -29.76 -24.67
CA ASP D 347 18.49 -29.00 -25.42
C ASP D 347 18.39 -27.57 -24.92
N GLN D 348 18.43 -27.42 -23.59
CA GLN D 348 18.47 -26.13 -22.94
C GLN D 348 19.70 -25.30 -23.35
N ILE D 349 19.56 -23.98 -23.22
CA ILE D 349 20.49 -23.03 -23.75
C ILE D 349 20.77 -22.00 -22.69
N GLY D 350 22.04 -21.67 -22.49
CA GLY D 350 22.41 -20.61 -21.53
C GLY D 350 22.96 -21.14 -20.20
N MET D 351 23.30 -20.25 -19.29
CA MET D 351 23.97 -20.71 -18.07
C MET D 351 23.08 -21.33 -17.03
N PHE D 352 21.79 -21.37 -17.28
CA PHE D 352 20.86 -21.80 -16.27
C PHE D 352 20.10 -23.00 -16.75
N CYS D 353 20.01 -23.98 -15.86
CA CYS D 353 19.46 -25.28 -16.22
C CYS D 353 18.47 -25.71 -15.16
N PHE D 354 17.25 -25.98 -15.61
CA PHE D 354 16.30 -26.71 -14.81
C PHE D 354 16.63 -28.19 -15.06
N THR D 355 17.03 -28.86 -13.98
CA THR D 355 17.53 -30.21 -14.07
C THR D 355 16.39 -31.23 -14.03
N GLY D 356 15.26 -30.80 -13.49
CA GLY D 356 14.14 -31.71 -13.28
C GLY D 356 14.18 -32.27 -11.88
N LEU D 357 15.34 -32.18 -11.24
CA LEU D 357 15.49 -32.57 -9.86
C LEU D 357 14.33 -32.15 -8.97
N LYS D 358 13.84 -33.07 -8.17
CA LYS D 358 12.84 -32.78 -7.19
C LYS D 358 13.46 -32.21 -5.96
N PRO D 359 12.63 -31.62 -5.12
CA PRO D 359 13.05 -30.97 -3.88
C PRO D 359 13.72 -31.84 -2.84
N GLU D 360 13.17 -32.99 -2.56
CA GLU D 360 13.81 -33.91 -1.67
C GLU D 360 15.17 -34.24 -2.23
N GLN D 361 15.18 -34.53 -3.49
CA GLN D 361 16.42 -34.78 -4.22
C GLN D 361 17.42 -33.61 -4.15
N VAL D 362 16.92 -32.38 -4.14
CA VAL D 362 17.80 -31.22 -3.87
C VAL D 362 18.28 -31.20 -2.41
N GLU D 363 17.42 -31.62 -1.48
CA GLU D 363 17.82 -31.72 -0.08
C GLU D 363 18.92 -32.78 0.11
N ARG D 364 18.73 -33.96 -0.50
CA ARG D 364 19.70 -35.04 -0.42
C ARG D 364 21.05 -34.62 -1.01
N LEU D 365 20.97 -33.88 -2.11
CA LEU D 365 22.17 -33.41 -2.79
C LEU D 365 23.00 -32.43 -1.94
N THR D 366 22.37 -31.73 -1.00
CA THR D 366 23.09 -30.92 -0.02
C THR D 366 23.57 -31.75 1.18
N LYS D 367 22.72 -32.69 1.60
CA LYS D 367 22.97 -33.52 2.78
C LYS D 367 24.06 -34.55 2.54
N GLU D 368 23.80 -35.51 1.64
CA GLU D 368 24.69 -36.65 1.37
C GLU D 368 25.88 -36.37 0.43
N PHE D 369 25.91 -35.21 -0.24
CA PHE D 369 26.93 -34.91 -1.29
C PHE D 369 27.51 -33.49 -1.34
N SER D 370 26.89 -32.56 -0.63
CA SER D 370 27.31 -31.14 -0.64
C SER D 370 27.35 -30.49 -2.04
N VAL D 371 26.41 -30.89 -2.90
CA VAL D 371 26.07 -30.11 -4.09
C VAL D 371 25.05 -29.06 -3.65
N TYR D 372 25.38 -27.78 -3.84
CA TYR D 372 24.54 -26.64 -3.42
C TYR D 372 23.81 -25.94 -4.55
N MET D 373 22.49 -25.94 -4.42
CA MET D 373 21.55 -25.35 -5.40
C MET D 373 20.16 -25.05 -4.78
N THR D 374 19.36 -24.30 -5.53
CA THR D 374 17.97 -23.94 -5.15
C THR D 374 16.94 -25.07 -5.36
N LYS D 375 15.95 -25.14 -4.48
CA LYS D 375 14.91 -26.19 -4.45
C LYS D 375 14.10 -26.38 -5.74
N ASP D 376 14.03 -25.34 -6.57
CA ASP D 376 13.43 -25.50 -7.91
C ASP D 376 14.23 -26.48 -8.83
N GLY D 377 15.38 -26.96 -8.32
CA GLY D 377 16.31 -27.78 -9.09
C GLY D 377 17.04 -26.98 -10.15
N ARG D 378 17.14 -25.66 -9.96
CA ARG D 378 17.94 -24.87 -10.88
C ARG D 378 19.42 -24.97 -10.59
N ILE D 379 20.18 -25.21 -11.66
CA ILE D 379 21.61 -25.13 -11.53
C ILE D 379 22.15 -24.00 -12.37
N SER D 380 23.17 -23.36 -11.83
CA SER D 380 24.03 -22.61 -12.68
C SER D 380 25.06 -23.58 -13.32
N VAL D 381 25.02 -23.69 -14.64
CA VAL D 381 26.02 -24.47 -15.39
C VAL D 381 27.39 -23.78 -15.41
N ALA D 382 27.45 -22.50 -15.08
CA ALA D 382 28.74 -21.84 -14.89
C ALA D 382 29.54 -22.43 -13.68
N GLY D 383 28.86 -22.90 -12.64
CA GLY D 383 29.55 -23.63 -11.56
C GLY D 383 29.99 -25.08 -11.93
N VAL D 384 29.86 -25.46 -13.19
CA VAL D 384 30.36 -26.76 -13.61
C VAL D 384 31.68 -26.57 -14.33
N THR D 385 32.62 -27.43 -13.95
CA THR D 385 34.00 -27.36 -14.40
C THR D 385 34.30 -28.72 -14.98
N SER D 386 35.36 -28.78 -15.80
CA SER D 386 35.81 -30.08 -16.28
C SER D 386 36.23 -30.89 -15.07
N GLY D 387 36.73 -30.20 -14.04
CA GLY D 387 37.09 -30.80 -12.76
C GLY D 387 36.04 -31.43 -11.84
N ASN D 388 34.77 -31.01 -11.90
CA ASN D 388 33.79 -31.53 -10.92
C ASN D 388 32.59 -32.20 -11.57
N VAL D 389 32.63 -32.24 -12.89
CA VAL D 389 31.48 -32.64 -13.66
C VAL D 389 31.17 -34.10 -13.46
N GLY D 390 32.21 -34.92 -13.27
CA GLY D 390 32.06 -36.37 -13.14
C GLY D 390 31.40 -36.78 -11.83
N TYR D 391 31.78 -36.09 -10.76
CA TYR D 391 31.20 -36.31 -9.43
C TYR D 391 29.79 -35.71 -9.37
N LEU D 392 29.56 -34.57 -10.04
CA LEU D 392 28.19 -34.04 -10.18
C LEU D 392 27.30 -35.05 -10.91
N ALA D 393 27.80 -35.63 -11.99
CA ALA D 393 27.14 -36.77 -12.61
C ALA D 393 26.88 -37.89 -11.57
N HIS D 394 27.84 -38.11 -10.68
CA HIS D 394 27.75 -39.18 -9.71
C HIS D 394 26.63 -38.85 -8.75
N ALA D 395 26.81 -37.75 -8.03
CA ALA D 395 25.85 -37.32 -7.01
C ALA D 395 24.38 -37.31 -7.47
N ILE D 396 24.15 -36.82 -8.70
CA ILE D 396 22.83 -36.73 -9.31
C ILE D 396 22.23 -38.12 -9.53
N HIS D 397 23.01 -39.04 -10.10
CA HIS D 397 22.58 -40.45 -10.22
C HIS D 397 22.39 -41.15 -8.85
N GLN D 398 23.25 -40.88 -7.86
CA GLN D 398 23.09 -41.48 -6.53
C GLN D 398 21.79 -41.06 -5.87
N VAL D 399 21.29 -39.88 -6.22
CA VAL D 399 19.98 -39.43 -5.73
C VAL D 399 18.81 -39.67 -6.67
N THR D 400 19.08 -40.02 -7.93
CA THR D 400 17.96 -40.29 -8.88
C THR D 400 17.75 -41.75 -9.28
N LYS D 401 18.79 -42.60 -9.12
CA LYS D 401 18.61 -44.06 -9.22
C LYS D 401 17.57 -44.59 -8.18
N1 PMP E . -21.04 12.01 13.42
C2 PMP E . -21.40 13.00 14.30
C2A PMP E . -20.99 14.44 14.03
C3 PMP E . -22.20 12.66 15.38
O3 PMP E . -22.73 13.58 16.25
C4 PMP E . -22.54 11.34 15.60
C4A PMP E . -23.38 11.13 16.84
N4A PMP E . -22.46 10.52 17.78
C5 PMP E . -22.13 10.33 14.72
C6 PMP E . -21.38 10.68 13.64
C5A PMP E . -22.41 8.85 14.90
O4P PMP E . -23.77 8.46 14.91
P PMP E . -24.17 6.90 14.85
O1P PMP E . -25.02 6.60 16.05
O2P PMP E . -25.07 6.78 13.64
O3P PMP E . -23.08 5.86 14.74
C1 GOL F . -41.23 15.01 20.37
O1 GOL F . -41.16 14.46 21.67
C2 GOL F . -42.65 15.38 20.06
O2 GOL F . -43.44 14.28 20.51
C3 GOL F . -42.82 15.76 18.58
O3 GOL F . -42.40 14.72 17.70
C1 GOL G . -21.19 34.58 28.91
O1 GOL G . -22.28 34.31 28.05
C2 GOL G . -20.73 33.28 29.57
O2 GOL G . -20.82 32.19 28.67
C3 GOL G . -21.55 33.00 30.83
O3 GOL G . -20.74 32.96 31.99
C1 GOL H . -9.16 17.44 -7.70
O1 GOL H . -10.28 17.86 -8.42
C2 GOL H . -8.38 16.44 -8.51
O2 GOL H . -7.59 17.16 -9.42
C3 GOL H . -7.38 15.80 -7.60
O3 GOL H . -6.38 15.27 -8.44
C KYN I . -21.83 12.06 21.74
N KYN I . -23.95 11.05 21.05
OXT KYN I . -21.42 11.60 22.75
C1 KYN I . -22.00 8.84 21.01
N1 KYN I . -23.19 6.43 22.10
O2 KYN I . -21.68 8.75 22.18
CA KYN I . -22.57 11.34 20.70
CB KYN I . -21.76 10.10 20.31
CG KYN I . -23.12 6.59 20.77
CZ KYN I . -23.01 6.79 18.02
CD1 KYN I . -23.59 5.59 19.94
CD2 KYN I . -22.58 7.70 20.21
CE1 KYN I . -23.55 5.68 18.57
CE2 KYN I . -22.54 7.78 18.83
O KYN I . -22.13 13.19 22.00
C1 GOL J . -18.24 -17.60 1.10
O1 GOL J . -18.86 -16.38 1.51
C2 GOL J . -18.94 -18.88 1.58
O2 GOL J . -17.96 -19.90 1.59
C3 GOL J . -19.35 -18.83 3.05
O3 GOL J . -20.75 -18.96 3.24
C1 GOL K . -35.66 -27.27 7.36
O1 GOL K . -36.05 -27.72 6.07
C2 GOL K . -36.70 -27.60 8.39
O2 GOL K . -37.96 -27.61 7.80
C3 GOL K . -36.40 -28.98 8.93
O3 GOL K . -35.89 -28.72 10.21
C1 GOL L . 2.31 -15.62 28.06
O1 GOL L . 3.48 -14.97 28.49
C2 GOL L . 2.43 -17.13 28.20
O2 GOL L . 3.43 -17.60 27.32
C3 GOL L . 1.07 -17.76 27.88
O3 GOL L . 0.53 -18.44 28.99
N1 PMP M . 20.95 17.68 -5.37
C2 PMP M . 21.34 18.90 -5.66
C2A PMP M . 20.94 20.00 -4.76
C3 PMP M . 22.07 19.11 -6.78
O3 PMP M . 22.46 20.33 -7.08
C4 PMP M . 22.43 18.08 -7.58
C4A PMP M . 23.33 18.33 -8.76
N4A PMP M . 22.69 17.98 -10.00
C5 PMP M . 22.01 16.84 -7.27
C6 PMP M . 21.32 16.67 -6.13
C5A PMP M . 22.21 15.66 -8.15
O4P PMP M . 23.54 15.27 -8.38
P PMP M . 23.93 13.99 -9.14
O1P PMP M . 24.48 14.26 -10.38
O2P PMP M . 22.90 13.10 -9.35
O3P PMP M . 24.88 13.34 -8.39
C1 GOL N . 41.02 24.30 -11.34
O1 GOL N . 41.23 25.69 -11.60
C2 GOL N . 41.90 23.82 -10.18
O2 GOL N . 43.26 24.21 -10.37
C3 GOL N . 41.40 24.48 -8.89
O3 GOL N . 42.13 23.96 -7.78
C1 GOL O . 11.13 24.68 -8.30
O1 GOL O . 11.68 26.00 -8.32
C2 GOL O . 11.38 23.92 -6.98
O2 GOL O . 10.60 24.51 -5.93
C3 GOL O . 11.00 22.43 -7.13
O3 GOL O . 11.98 21.46 -7.52
C1 GOL P . 20.51 21.44 -13.08
O1 GOL P . 20.53 20.08 -13.38
C2 GOL P . 21.79 21.86 -12.42
O2 GOL P . 21.32 22.88 -11.63
C3 GOL P . 22.48 20.86 -11.52
O3 GOL P . 23.85 20.63 -11.84
C1 GOL Q . 40.22 -11.98 -14.29
O1 GOL Q . 40.13 -12.54 -15.58
C2 GOL Q . 41.60 -11.38 -14.01
O2 GOL Q . 42.09 -10.47 -15.01
C3 GOL Q . 41.68 -10.84 -12.58
O3 GOL Q . 40.42 -10.49 -12.01
C1 GOL R . 0.00 -0.66 -35.18
O1 GOL R . 1.30 -0.81 -34.60
C2 GOL R . -1.14 -1.08 -34.24
O2 GOL R . -0.94 -2.41 -33.81
C3 GOL R . -1.40 -0.13 -33.06
O3 GOL R . -2.34 -0.66 -32.12
C1 GOL S . 9.52 10.29 16.45
O1 GOL S . 10.29 11.47 16.32
C2 GOL S . 8.14 10.47 15.82
O2 GOL S . 7.26 11.15 16.69
C3 GOL S . 7.52 9.15 15.43
O3 GOL S . 6.27 8.98 16.09
C1 GOL T . 36.19 -19.87 -21.43
O1 GOL T . 36.65 -19.22 -22.59
C2 GOL T . 37.23 -19.81 -20.31
O2 GOL T . 37.36 -18.48 -19.86
C3 GOL T . 36.82 -20.73 -19.13
O3 GOL T . 37.83 -21.67 -18.71
#